data_8ZTR
#
_entry.id   8ZTR
#
_cell.length_a   1.00
_cell.length_b   1.00
_cell.length_c   1.00
_cell.angle_alpha   90.00
_cell.angle_beta   90.00
_cell.angle_gamma   90.00
#
_symmetry.space_group_name_H-M   'P 1'
#
loop_
_entity.id
_entity.type
_entity.pdbx_description
1 polymer 'SIR2-like domain-containing protein'
2 polymer 'Bacillus phage SPR Tube protein'
#
loop_
_entity_poly.entity_id
_entity_poly.type
_entity_poly.pdbx_seq_one_letter_code
_entity_poly.pdbx_strand_id
1 'polypeptide(L)'
;MVKVDLESKRYGEKLKEVFLMLDNNVVECIKEITESSRNGKLVFFVGAGVSTLSDYPQWWRLVDKYHEELYGSPKKGNYS
SDEYLRIPQIFYNVKGEMAFDGILKDFFQVDKPTNPIHDKILAMNPAHVITTNYDNLIDTACWKRGKYFSVISAEEDVAN
ATSSRYLLKVHGDFRKGFKGENVVLKEDDYLNYDQNYPLISNLMKTIIATHTIVFIGYGLGDYNINMLLNWVRKLQKDSF
HKPFFIRTDPSPIENETLIYYENKGLRIIDAASLIDSNEYDYLERYSAVMDLLIESQENKFITKDDEVIDYIYGKISPLF
ALQYIRKIDLKHVFEYDYHFEVNGTVVRHKNKGFGYMERFFELKESCDERSKLSKKQYERFNALFNFFEKNGVICMAKDA
GTLNTSIEINSLAYHGKYDVMKKFIEEQSVSIEDDYKKAFFLACLGRWEESYDLYSNIILNSIDESNGCVYYLSQINRYR
IYQSITQAVTQFNGLGLLTFGRHYKPFTDEFLARIEREMTNFNIDDLFNGMPFEFQKKYKILEFLSDNQFLYDDTVKLFE
LTNKVRSEMSEGSYSFGMSSDIVVLLRLYDNLRFLYENCLWSVSFHEFHQYIRNSMSLLIEKAEYERTRDIDELGFSFFG
KKSGFFMEYYDFVNISRHFKIDDIKNLERSCSIDKIRFGEQEKIEEYLVGIAEEITKQFSANGMNVVFYTQFISEAKAAL
YFAKYVKLSEEGLGKIVKALLFYFPERDLDIGKRYVWLERLTKCNELPKSIISIIDDFLVLQAEKHIDQNYSEVSSNGLY
SRDYGALIKHFEKNFISKRLSEITLCLTQDKQKQIDFLFKLLPLLSTNAKSHLLSFKSVENINDLMNGIRIGLIDEFTPE
HEELIIEYLETRKVNYIVEKEKGIQTFSSNDYMSTFGIWYFLEEINNSKMEEFIGMDDQYDFFVDPENFDYKKFIPSWLK
NYNDKLLGKIAGNKHMKHHVIEVLKERVKNSNDKRYLEILMNYFI
;
A,B
2 'polypeptide(L)'
;MKTVIQDTADVYFKRKSDGKLVFTAEAQTASFSQAISEEKLRGGIGNKPLYILKSEKEINLTVKNAFFDLEWLAMTQGET
IQEETKVKVFDREHGLIVDDTNKVTLKGKPVSDVTFYNKKGLTYKIAVSTDGTYTIPTAFAAAKDKLTAVYQIEKVGRRL
AIKASKFSERYEVEYRTIAYNPDTEEVYSDIYIQFPNVSPSGEFEMSLENGNALAPEIKFEALADTDTDEMAVVIEASRD
ENTAAPVEDTTGSTQSSDLGGTTE
;
E,F
#
# COMPACT_ATOMS: atom_id res chain seq x y z
N LYS A 304 -40.68 31.03 8.81
CA LYS A 304 -40.16 32.07 7.93
C LYS A 304 -38.63 32.06 7.94
N ASP A 305 -38.02 33.00 7.20
CA ASP A 305 -36.57 33.05 7.11
C ASP A 305 -35.94 33.42 8.45
N ASP A 306 -36.64 34.20 9.26
CA ASP A 306 -36.13 34.53 10.59
C ASP A 306 -35.93 33.27 11.42
N GLU A 307 -36.84 32.30 11.30
CA GLU A 307 -36.72 31.09 12.09
C GLU A 307 -35.45 30.32 11.74
N VAL A 308 -35.21 30.08 10.46
CA VAL A 308 -34.04 29.31 10.07
C VAL A 308 -32.76 30.09 10.40
N ILE A 309 -32.76 31.41 10.18
CA ILE A 309 -31.58 32.19 10.49
C ILE A 309 -31.27 32.12 11.98
N ASP A 310 -32.29 32.26 12.82
CA ASP A 310 -32.08 32.16 14.25
C ASP A 310 -31.55 30.79 14.65
N TYR A 311 -32.11 29.73 14.07
CA TYR A 311 -31.67 28.38 14.44
C TYR A 311 -30.22 28.13 14.05
N ILE A 312 -29.87 28.46 12.80
CA ILE A 312 -28.50 28.22 12.35
C ILE A 312 -27.52 29.11 13.11
N TYR A 313 -27.90 30.35 13.42
CA TYR A 313 -27.00 31.18 14.21
C TYR A 313 -26.84 30.63 15.62
N GLY A 314 -27.91 30.13 16.24
CA GLY A 314 -27.77 29.50 17.53
C GLY A 314 -26.87 28.27 17.47
N LYS A 315 -26.87 27.58 16.33
CA LYS A 315 -26.07 26.38 16.16
C LYS A 315 -24.61 26.66 15.77
N ILE A 316 -24.32 27.84 15.21
CA ILE A 316 -22.99 28.18 14.75
C ILE A 316 -22.41 29.38 15.49
N SER A 317 -23.06 29.84 16.56
CA SER A 317 -22.54 30.95 17.35
C SER A 317 -21.19 30.65 18.00
N PRO A 318 -20.98 29.52 18.70
CA PRO A 318 -19.69 29.28 19.32
C PRO A 318 -18.62 28.76 18.37
N LEU A 319 -18.96 28.56 17.10
CA LEU A 319 -18.03 28.01 16.13
C LEU A 319 -17.17 29.08 15.47
N PHE A 320 -17.41 30.36 15.76
CA PHE A 320 -16.52 31.42 15.30
C PHE A 320 -15.14 31.34 15.92
N ALA A 321 -15.08 30.96 17.21
CA ALA A 321 -13.83 31.12 17.97
C ALA A 321 -12.69 30.33 17.36
N LEU A 322 -12.96 29.11 16.91
CA LEU A 322 -11.96 28.36 16.16
C LEU A 322 -11.64 29.10 14.86
N GLN A 323 -10.35 29.32 14.60
CA GLN A 323 -9.96 30.04 13.39
C GLN A 323 -10.26 29.23 12.14
N TYR A 324 -10.47 27.93 12.26
CA TYR A 324 -10.93 27.11 11.15
C TYR A 324 -11.44 25.79 11.71
N ILE A 325 -12.47 25.25 11.05
CA ILE A 325 -13.10 24.00 11.45
C ILE A 325 -13.23 23.12 10.21
N ARG A 326 -13.01 21.82 10.40
CA ARG A 326 -13.05 20.90 9.27
C ARG A 326 -14.47 20.79 8.74
N LYS A 327 -14.60 20.77 7.40
CA LYS A 327 -15.91 20.67 6.79
C LYS A 327 -16.60 19.38 7.18
N ILE A 328 -15.86 18.27 7.12
CA ILE A 328 -16.41 16.97 7.52
C ILE A 328 -16.83 17.00 8.99
N ASP A 329 -16.16 17.81 9.80
CA ASP A 329 -16.49 17.86 11.22
C ASP A 329 -17.75 18.67 11.50
N LEU A 330 -18.26 19.40 10.50
CA LEU A 330 -19.50 20.15 10.70
C LEU A 330 -20.71 19.25 10.86
N LYS A 331 -20.61 17.98 10.44
CA LYS A 331 -21.74 17.07 10.51
C LYS A 331 -22.24 16.92 11.94
N HIS A 332 -21.31 16.83 12.90
CA HIS A 332 -21.70 16.60 14.29
C HIS A 332 -22.35 17.83 14.92
N VAL A 333 -22.22 19.01 14.30
CA VAL A 333 -22.91 20.19 14.80
C VAL A 333 -24.41 20.07 14.54
N PHE A 334 -24.78 19.54 13.38
CA PHE A 334 -26.16 19.45 12.94
C PHE A 334 -26.84 18.16 13.36
N GLU A 335 -26.19 17.34 14.20
CA GLU A 335 -26.75 16.06 14.63
C GLU A 335 -26.99 15.13 13.44
N TYR A 336 -26.04 15.13 12.50
CA TYR A 336 -26.10 14.30 11.30
C TYR A 336 -27.30 14.62 10.41
N ASP A 337 -27.87 15.82 10.56
CA ASP A 337 -29.00 16.19 9.70
C ASP A 337 -28.56 16.28 8.24
N TYR A 338 -27.42 16.89 7.98
CA TYR A 338 -26.86 17.03 6.64
C TYR A 338 -25.52 16.32 6.59
N HIS A 339 -25.01 16.17 5.36
CA HIS A 339 -23.74 15.49 5.11
C HIS A 339 -22.84 16.47 4.37
N PHE A 340 -22.07 17.25 5.13
CA PHE A 340 -21.17 18.24 4.55
C PHE A 340 -20.02 17.52 3.88
N GLU A 341 -20.09 17.39 2.55
CA GLU A 341 -19.01 16.78 1.81
C GLU A 341 -17.76 17.64 1.93
N VAL A 342 -16.61 17.00 1.69
CA VAL A 342 -15.33 17.70 1.77
C VAL A 342 -15.28 18.85 0.79
N ASN A 343 -15.96 18.75 -0.36
CA ASN A 343 -15.94 19.81 -1.36
C ASN A 343 -16.81 20.99 -0.95
N GLY A 344 -17.53 20.89 0.15
CA GLY A 344 -18.42 21.94 0.60
C GLY A 344 -19.86 21.73 0.19
N THR A 345 -20.12 20.88 -0.81
CA THR A 345 -21.48 20.55 -1.16
C THR A 345 -22.17 19.87 0.02
N VAL A 346 -23.39 20.31 0.31
CA VAL A 346 -24.14 19.83 1.46
C VAL A 346 -25.21 18.89 0.92
N VAL A 347 -24.91 17.60 0.92
CA VAL A 347 -25.85 16.57 0.49
C VAL A 347 -26.77 16.22 1.65
N ARG A 348 -28.08 16.20 1.39
CA ARG A 348 -29.04 15.88 2.43
C ARG A 348 -28.85 14.44 2.89
N HIS A 349 -28.99 14.22 4.20
CA HIS A 349 -28.87 12.90 4.80
C HIS A 349 -30.05 12.53 5.68
N LYS A 350 -30.59 13.50 6.42
CA LYS A 350 -31.68 13.24 7.35
C LYS A 350 -32.37 14.54 7.75
N ASN A 351 -33.66 14.67 7.45
CA ASN A 351 -34.39 15.86 7.88
C ASN A 351 -35.87 15.60 8.03
N LYS A 352 -36.47 16.14 9.09
CA LYS A 352 -37.91 15.98 9.32
C LYS A 352 -38.61 17.28 9.00
N GLY A 353 -37.93 18.40 9.20
CA GLY A 353 -38.53 19.69 8.94
C GLY A 353 -38.31 20.19 7.52
N PHE A 354 -38.24 21.50 7.37
CA PHE A 354 -38.04 22.09 6.07
C PHE A 354 -37.20 23.34 6.15
N GLY A 355 -36.45 23.62 5.10
CA GLY A 355 -35.63 24.81 5.04
C GLY A 355 -34.45 24.82 5.99
N TYR A 356 -33.92 23.66 6.32
CA TYR A 356 -32.79 23.61 7.26
C TYR A 356 -31.57 24.32 6.68
N MET A 357 -31.22 24.01 5.44
CA MET A 357 -30.13 24.67 4.74
C MET A 357 -30.49 25.11 3.33
N GLU A 358 -31.50 24.52 2.70
CA GLU A 358 -31.94 25.00 1.39
C GLU A 358 -32.50 26.41 1.50
N ARG A 359 -33.18 26.72 2.60
CA ARG A 359 -33.68 28.08 2.79
C ARG A 359 -32.54 29.07 2.91
N PHE A 360 -31.49 28.72 3.66
CA PHE A 360 -30.33 29.61 3.79
C PHE A 360 -29.63 29.80 2.45
N PHE A 361 -29.53 28.72 1.67
CA PHE A 361 -28.94 28.84 0.33
C PHE A 361 -29.80 29.75 -0.55
N GLU A 362 -31.13 29.66 -0.41
CA GLU A 362 -32.01 30.56 -1.15
C GLU A 362 -31.80 32.01 -0.73
N LEU A 363 -31.65 32.25 0.58
CA LEU A 363 -31.36 33.60 1.05
C LEU A 363 -30.06 34.12 0.46
N LYS A 364 -29.05 33.26 0.38
CA LYS A 364 -27.79 33.65 -0.25
C LYS A 364 -28.00 33.98 -1.73
N GLU A 365 -28.82 33.19 -2.43
CA GLU A 365 -29.01 33.42 -3.85
C GLU A 365 -29.85 34.66 -4.12
N SER A 366 -30.95 34.81 -3.39
CA SER A 366 -31.86 35.93 -3.62
C SER A 366 -31.54 37.13 -2.74
N CYS A 367 -31.32 38.28 -3.36
CA CYS A 367 -30.98 39.48 -2.61
C CYS A 367 -32.23 40.06 -1.95
N ASP A 368 -33.37 39.98 -2.62
CA ASP A 368 -34.60 40.55 -2.07
C ASP A 368 -35.04 39.78 -0.83
N GLU A 369 -34.85 38.47 -0.82
CA GLU A 369 -35.17 37.69 0.36
C GLU A 369 -34.32 38.13 1.55
N ARG A 370 -33.04 38.38 1.31
CA ARG A 370 -32.20 38.99 2.35
C ARG A 370 -32.74 40.36 2.75
N SER A 371 -33.29 41.10 1.79
CA SER A 371 -33.85 42.42 2.10
C SER A 371 -35.02 42.31 3.06
N LYS A 372 -35.85 41.28 2.91
CA LYS A 372 -37.02 41.14 3.79
C LYS A 372 -36.62 40.89 5.24
N LEU A 373 -35.39 40.45 5.49
CA LEU A 373 -34.98 40.14 6.85
C LEU A 373 -34.83 41.40 7.69
N SER A 374 -34.91 41.22 9.00
CA SER A 374 -34.79 42.33 9.94
C SER A 374 -33.32 42.75 10.05
N LYS A 375 -33.08 43.81 10.83
CA LYS A 375 -31.72 44.33 10.97
C LYS A 375 -30.83 43.33 11.70
N LYS A 376 -31.30 42.84 12.85
CA LYS A 376 -30.53 41.85 13.59
C LYS A 376 -30.34 40.58 12.77
N GLN A 377 -31.41 40.13 12.10
CA GLN A 377 -31.29 38.98 11.21
C GLN A 377 -30.35 39.28 10.05
N TYR A 378 -30.33 40.53 9.58
CA TYR A 378 -29.42 40.90 8.50
C TYR A 378 -27.97 40.76 8.95
N GLU A 379 -27.65 41.26 10.14
CA GLU A 379 -26.29 41.13 10.65
C GLU A 379 -25.93 39.66 10.88
N ARG A 380 -26.89 38.89 11.40
CA ARG A 380 -26.64 37.46 11.61
C ARG A 380 -26.37 36.74 10.30
N PHE A 381 -27.13 37.07 9.26
CA PHE A 381 -26.89 36.46 7.96
C PHE A 381 -25.54 36.86 7.39
N ASN A 382 -25.15 38.11 7.59
CA ASN A 382 -23.84 38.55 7.13
C ASN A 382 -22.75 37.77 7.84
N ALA A 383 -22.89 37.60 9.16
CA ALA A 383 -21.91 36.83 9.92
C ALA A 383 -21.83 35.40 9.43
N LEU A 384 -22.98 34.78 9.17
CA LEU A 384 -22.99 33.41 8.66
C LEU A 384 -22.36 33.34 7.28
N PHE A 385 -22.58 34.36 6.45
CA PHE A 385 -21.95 34.42 5.14
C PHE A 385 -20.44 34.45 5.28
N ASN A 386 -19.93 35.30 6.18
CA ASN A 386 -18.50 35.37 6.39
C ASN A 386 -17.98 34.01 6.85
N PHE A 387 -18.67 33.41 7.81
CA PHE A 387 -18.25 32.13 8.33
C PHE A 387 -18.17 31.07 7.24
N PHE A 388 -19.17 31.02 6.36
CA PHE A 388 -19.21 29.94 5.37
C PHE A 388 -18.24 30.20 4.22
N GLU A 389 -17.90 31.46 3.94
CA GLU A 389 -16.86 31.69 2.93
C GLU A 389 -15.48 31.41 3.50
N LYS A 390 -15.30 31.63 4.81
CA LYS A 390 -13.99 31.34 5.40
C LYS A 390 -13.77 29.84 5.55
N ASN A 391 -14.81 29.10 5.92
CA ASN A 391 -14.68 27.66 6.13
C ASN A 391 -14.56 26.92 4.80
N GLY A 392 -15.12 27.48 3.73
CA GLY A 392 -15.03 26.86 2.42
C GLY A 392 -16.15 25.86 2.32
N VAL A 393 -17.32 26.25 2.81
CA VAL A 393 -18.47 25.35 2.81
C VAL A 393 -19.56 25.90 1.92
N ILE A 394 -19.95 25.14 0.91
CA ILE A 394 -21.00 25.56 -0.01
C ILE A 394 -22.34 25.47 0.70
N CYS A 395 -23.33 26.23 0.25
CA CYS A 395 -24.63 26.24 0.92
C CYS A 395 -25.54 25.08 0.54
N MET A 396 -25.36 24.46 -0.62
CA MET A 396 -26.18 23.30 -0.94
C MET A 396 -25.64 22.45 -2.09
N ALA A 397 -25.58 21.13 -1.88
CA ALA A 397 -25.07 20.23 -2.90
C ALA A 397 -26.01 20.16 -4.08
N LYS A 398 -27.31 20.23 -3.82
CA LYS A 398 -28.29 20.11 -4.89
C LYS A 398 -27.92 21.00 -6.05
N ASP A 399 -27.57 22.26 -5.76
CA ASP A 399 -27.19 23.20 -6.81
C ASP A 399 -25.69 23.25 -7.01
N ALA A 400 -24.93 22.97 -5.96
CA ALA A 400 -23.47 23.01 -6.05
C ALA A 400 -22.95 21.77 -6.73
N GLY A 401 -22.64 21.88 -8.02
CA GLY A 401 -22.08 20.77 -8.76
C GLY A 401 -20.59 20.92 -8.84
N THR A 402 -20.07 21.19 -10.04
CA THR A 402 -18.64 21.41 -10.20
C THR A 402 -18.21 22.66 -9.45
N LEU A 403 -16.99 22.68 -8.95
CA LEU A 403 -16.48 23.80 -8.17
C LEU A 403 -15.00 23.96 -8.32
N ASN A 404 -14.47 25.13 -8.00
CA ASN A 404 -13.03 25.33 -8.02
C ASN A 404 -12.39 24.75 -6.77
N THR A 405 -11.30 24.01 -6.95
CA THR A 405 -10.53 23.47 -5.83
C THR A 405 -9.23 24.25 -5.73
N SER A 406 -9.10 25.04 -4.66
CA SER A 406 -7.93 25.85 -4.41
C SER A 406 -7.47 25.63 -2.98
N ILE A 407 -6.15 25.63 -2.79
CA ILE A 407 -5.58 25.32 -1.48
C ILE A 407 -5.94 26.43 -0.49
N GLU A 408 -6.14 26.03 0.75
CA GLU A 408 -6.66 26.92 1.78
C GLU A 408 -5.54 27.80 2.33
N ILE A 409 -5.82 28.53 3.41
CA ILE A 409 -4.88 29.44 4.05
C ILE A 409 -4.62 28.94 5.46
N ASN A 410 -3.49 29.37 6.02
CA ASN A 410 -3.12 28.98 7.36
C ASN A 410 -2.46 30.14 8.10
N SER A 411 -2.03 29.90 9.34
CA SER A 411 -1.41 30.91 10.19
C SER A 411 0.07 31.01 9.86
N LEU A 412 0.81 31.81 10.65
CA LEU A 412 2.21 32.07 10.37
C LEU A 412 3.14 31.03 10.98
N ALA A 413 2.74 30.40 12.09
CA ALA A 413 3.57 29.33 12.65
C ALA A 413 3.74 28.19 11.67
N TYR A 414 2.75 27.95 10.80
CA TYR A 414 2.94 27.03 9.70
C TYR A 414 4.09 27.47 8.80
N HIS A 415 4.18 28.77 8.55
CA HIS A 415 5.24 29.31 7.72
C HIS A 415 6.52 29.49 8.54
N GLY A 416 7.64 29.61 7.84
CA GLY A 416 8.93 29.70 8.48
C GLY A 416 9.33 31.11 8.89
N LYS A 417 8.38 31.86 9.46
CA LYS A 417 8.63 33.23 9.88
C LYS A 417 9.00 33.24 11.36
N TYR A 418 10.15 32.62 11.64
CA TYR A 418 10.60 32.48 13.02
C TYR A 418 10.95 33.83 13.63
N ASP A 419 11.60 34.70 12.86
CA ASP A 419 11.88 36.06 13.35
C ASP A 419 10.60 36.78 13.72
N VAL A 420 9.54 36.60 12.92
CA VAL A 420 8.26 37.22 13.23
C VAL A 420 7.68 36.65 14.51
N MET A 421 7.90 35.36 14.77
CA MET A 421 7.41 34.75 16.00
C MET A 421 8.10 35.37 17.21
N LYS A 422 9.42 35.56 17.14
CA LYS A 422 10.14 36.25 18.21
C LYS A 422 9.65 37.68 18.37
N LYS A 423 9.43 38.38 17.25
CA LYS A 423 8.94 39.75 17.31
C LYS A 423 7.59 39.84 18.01
N PHE A 424 6.70 38.88 17.73
CA PHE A 424 5.41 38.87 18.41
C PHE A 424 5.56 38.51 19.87
N ILE A 425 6.48 37.58 20.18
CA ILE A 425 6.69 37.18 21.57
C ILE A 425 7.18 38.36 22.41
N GLU A 426 8.09 39.16 21.86
CA GLU A 426 8.64 40.28 22.60
C GLU A 426 7.58 41.33 22.92
N GLU A 427 6.58 41.49 22.05
CA GLU A 427 5.57 42.50 22.26
C GLU A 427 4.68 42.17 23.46
N GLN A 428 4.05 43.20 24.00
CA GLN A 428 3.10 43.00 25.08
C GLN A 428 1.84 42.33 24.56
N SER A 429 1.36 41.32 25.28
CA SER A 429 0.16 40.62 24.86
C SER A 429 -1.07 41.50 25.07
N VAL A 430 -2.13 41.20 24.31
CA VAL A 430 -3.37 41.96 24.34
C VAL A 430 -4.48 41.18 25.05
N SER A 431 -4.76 39.96 24.60
CA SER A 431 -5.83 39.14 25.15
C SER A 431 -5.34 37.70 25.24
N ILE A 432 -6.22 36.82 25.73
CA ILE A 432 -5.83 35.43 25.96
C ILE A 432 -5.47 34.76 24.64
N GLU A 433 -6.16 35.11 23.55
CA GLU A 433 -5.86 34.51 22.26
C GLU A 433 -4.45 34.86 21.81
N ASP A 434 -4.03 36.11 22.08
CA ASP A 434 -2.70 36.55 21.69
C ASP A 434 -1.64 35.74 22.42
N ASP A 435 -1.84 35.54 23.72
CA ASP A 435 -0.86 34.78 24.50
C ASP A 435 -0.91 33.29 24.17
N TYR A 436 -2.07 32.77 23.78
CA TYR A 436 -2.15 31.38 23.33
C TYR A 436 -1.36 31.17 22.06
N LYS A 437 -1.51 32.09 21.10
CA LYS A 437 -0.69 32.05 19.90
C LYS A 437 0.78 32.21 20.25
N LYS A 438 1.08 33.05 21.24
CA LYS A 438 2.46 33.24 21.67
C LYS A 438 3.05 31.96 22.27
N ALA A 439 2.25 31.25 23.06
CA ALA A 439 2.72 29.98 23.62
C ALA A 439 2.98 28.98 22.52
N PHE A 440 2.08 28.89 21.54
CA PHE A 440 2.34 28.00 20.41
C PHE A 440 3.59 28.42 19.66
N PHE A 441 3.84 29.72 19.57
CA PHE A 441 5.04 30.21 18.89
C PHE A 441 6.30 29.81 19.64
N LEU A 442 6.29 29.97 20.97
CA LEU A 442 7.43 29.57 21.78
C LEU A 442 7.69 28.07 21.66
N ALA A 443 6.63 27.26 21.78
CA ALA A 443 6.79 25.82 21.68
C ALA A 443 7.32 25.42 20.30
N CYS A 444 6.82 26.08 19.25
CA CYS A 444 7.37 25.85 17.91
C CYS A 444 8.81 26.33 17.93
N LEU A 445 9.09 27.37 18.70
CA LEU A 445 10.46 27.89 18.82
C LEU A 445 11.29 27.11 19.82
N GLY A 446 10.74 26.03 20.36
CA GLY A 446 11.50 25.17 21.25
C GLY A 446 11.94 25.85 22.52
N ARG A 447 11.02 26.54 23.19
CA ARG A 447 11.33 27.18 24.47
C ARG A 447 10.29 26.50 25.31
N TRP A 448 10.36 25.18 25.45
CA TRP A 448 9.31 24.38 26.09
C TRP A 448 9.15 24.72 27.57
N GLU A 449 10.20 25.18 28.23
CA GLU A 449 10.04 25.68 29.59
C GLU A 449 9.10 26.89 29.59
N GLU A 450 9.39 27.87 28.74
CA GLU A 450 8.55 29.06 28.66
C GLU A 450 7.18 28.72 28.07
N SER A 451 7.12 27.81 27.11
CA SER A 451 5.82 27.42 26.56
C SER A 451 4.96 26.77 27.62
N TYR A 452 5.53 25.86 28.41
CA TYR A 452 4.79 25.25 29.51
C TYR A 452 4.33 26.30 30.50
N ASP A 453 5.23 27.23 30.88
CA ASP A 453 4.87 28.24 31.85
C ASP A 453 3.74 29.12 31.35
N LEU A 454 3.83 29.58 30.10
CA LEU A 454 2.83 30.50 29.57
C LEU A 454 1.53 29.78 29.27
N TYR A 455 1.58 28.50 28.87
CA TYR A 455 0.36 27.73 28.71
C TYR A 455 -0.35 27.56 30.04
N SER A 456 0.41 27.34 31.11
CA SER A 456 -0.20 27.25 32.43
C SER A 456 -0.79 28.60 32.78
N ASN A 457 -0.10 29.70 32.42
CA ASN A 457 -0.60 31.03 32.69
C ASN A 457 -1.94 31.25 32.00
N ILE A 458 -2.02 30.95 30.72
CA ILE A 458 -3.26 31.20 29.98
C ILE A 458 -4.36 30.25 30.42
N ILE A 459 -4.01 29.06 30.93
CA ILE A 459 -5.02 28.21 31.53
C ILE A 459 -5.59 28.87 32.77
N LEU A 460 -4.71 29.46 33.60
CA LEU A 460 -5.18 30.24 34.75
C LEU A 460 -6.09 31.38 34.31
N ASN A 461 -5.69 32.08 33.25
CA ASN A 461 -6.48 33.19 32.74
C ASN A 461 -7.84 32.73 32.24
N SER A 462 -7.87 31.58 31.58
CA SER A 462 -9.12 31.05 31.04
C SER A 462 -10.07 30.63 32.16
N ILE A 463 -9.55 29.97 33.20
CA ILE A 463 -10.44 29.61 34.30
C ILE A 463 -10.90 30.87 35.03
N ASP A 464 -10.07 31.92 35.06
CA ASP A 464 -10.51 33.18 35.65
C ASP A 464 -11.65 33.80 34.84
N GLU A 465 -11.53 33.78 33.50
CA GLU A 465 -12.51 34.42 32.62
C GLU A 465 -13.60 33.47 32.15
N SER A 466 -13.41 32.16 32.28
CA SER A 466 -14.40 31.17 31.87
C SER A 466 -14.63 31.22 30.36
N ASN A 467 -13.53 31.15 29.61
CA ASN A 467 -13.58 31.06 28.15
C ASN A 467 -13.21 29.61 27.95
N GLY A 468 -14.15 28.78 27.53
CA GLY A 468 -13.91 27.34 27.51
C GLY A 468 -12.97 26.90 26.40
N CYS A 469 -13.11 27.50 25.21
CA CYS A 469 -12.31 27.08 24.07
C CYS A 469 -10.82 27.19 24.33
N VAL A 470 -10.36 28.35 24.76
CA VAL A 470 -8.94 28.54 25.02
C VAL A 470 -8.49 27.65 26.17
N TYR A 471 -9.35 27.44 27.16
CA TYR A 471 -9.03 26.51 28.24
C TYR A 471 -8.73 25.13 27.68
N TYR A 472 -9.62 24.61 26.83
CA TYR A 472 -9.44 23.30 26.21
C TYR A 472 -8.16 23.24 25.39
N LEU A 473 -7.97 24.21 24.50
CA LEU A 473 -6.84 24.16 23.59
C LEU A 473 -5.51 24.30 24.34
N SER A 474 -5.45 25.21 25.32
CA SER A 474 -4.22 25.37 26.10
C SER A 474 -3.97 24.16 26.98
N GLN A 475 -5.01 23.51 27.51
CA GLN A 475 -4.79 22.31 28.32
C GLN A 475 -4.23 21.18 27.48
N ILE A 476 -4.79 20.95 26.29
CA ILE A 476 -4.26 19.89 25.45
C ILE A 476 -2.83 20.23 25.01
N ASN A 477 -2.58 21.50 24.70
CA ASN A 477 -1.25 21.91 24.27
C ASN A 477 -0.24 21.78 25.39
N ARG A 478 -0.65 22.05 26.62
CA ARG A 478 0.24 21.91 27.76
C ARG A 478 0.48 20.45 28.11
N TYR A 479 -0.53 19.61 27.98
CA TYR A 479 -0.30 18.18 28.18
C TYR A 479 0.69 17.65 27.15
N ARG A 480 0.56 18.11 25.91
CA ARG A 480 1.45 17.63 24.87
C ARG A 480 2.86 18.17 25.08
N ILE A 481 3.00 19.42 25.54
CA ILE A 481 4.35 19.93 25.84
C ILE A 481 4.93 19.20 27.05
N TYR A 482 4.08 18.76 27.98
CA TYR A 482 4.56 17.92 29.08
C TYR A 482 5.07 16.58 28.56
N GLN A 483 4.35 15.99 27.61
CA GLN A 483 4.86 14.78 26.95
C GLN A 483 6.17 15.07 26.25
N SER A 484 6.27 16.22 25.60
CA SER A 484 7.52 16.59 24.95
C SER A 484 8.66 16.70 25.95
N ILE A 485 8.41 17.35 27.09
CA ILE A 485 9.45 17.51 28.11
C ILE A 485 9.86 16.15 28.65
N THR A 486 8.89 15.29 28.95
CA THR A 486 9.19 13.99 29.55
C THR A 486 9.99 13.13 28.58
N GLN A 487 9.49 12.96 27.36
CA GLN A 487 10.20 12.13 26.40
C GLN A 487 11.52 12.76 26.00
N ALA A 488 11.62 14.09 26.09
CA ALA A 488 12.88 14.75 25.74
C ALA A 488 13.95 14.50 26.79
N VAL A 489 13.61 14.65 28.07
CA VAL A 489 14.60 14.35 29.10
C VAL A 489 14.96 12.87 29.06
N THR A 490 13.98 12.01 28.79
CA THR A 490 14.26 10.58 28.67
C THR A 490 15.28 10.31 27.56
N GLN A 491 15.01 10.83 26.36
CA GLN A 491 15.90 10.55 25.24
C GLN A 491 17.24 11.25 25.41
N PHE A 492 17.25 12.43 26.04
CA PHE A 492 18.51 13.09 26.37
C PHE A 492 19.38 12.19 27.23
N ASN A 493 18.88 11.87 28.43
CA ASN A 493 19.63 11.04 29.36
C ASN A 493 20.03 9.70 28.73
N GLY A 494 19.20 9.17 27.83
CA GLY A 494 19.51 7.92 27.18
C GLY A 494 20.63 8.01 26.16
N LEU A 495 20.45 8.84 25.13
CA LEU A 495 21.30 8.84 23.95
C LEU A 495 22.06 10.14 23.73
N GLY A 496 21.55 11.28 24.18
CA GLY A 496 22.18 12.54 23.82
C GLY A 496 23.61 12.65 24.30
N LEU A 497 23.88 12.12 25.49
CA LEU A 497 25.26 12.00 25.95
C LEU A 497 26.08 11.15 25.00
N LEU A 498 25.48 10.12 24.42
CA LEU A 498 26.16 9.20 23.53
C LEU A 498 26.31 9.75 22.12
N THR A 499 25.57 10.79 21.76
CA THR A 499 25.59 11.35 20.41
C THR A 499 26.55 12.52 20.26
N PHE A 500 26.77 13.30 21.32
CA PHE A 500 27.66 14.46 21.30
C PHE A 500 28.91 14.25 22.14
N GLY A 501 28.76 13.77 23.37
CA GLY A 501 29.88 13.59 24.29
C GLY A 501 29.53 14.02 25.69
N ARG A 502 28.64 15.00 25.82
CA ARG A 502 28.13 15.45 27.11
C ARG A 502 26.63 15.65 27.00
N HIS A 503 25.93 15.26 28.07
CA HIS A 503 24.48 15.35 28.08
C HIS A 503 23.99 16.74 28.44
N TYR A 504 22.99 17.23 27.73
CA TYR A 504 22.43 18.55 27.98
C TYR A 504 21.38 18.48 29.07
N LYS A 505 21.26 19.57 29.83
CA LYS A 505 20.27 19.70 30.89
C LYS A 505 19.50 21.00 30.71
N PRO A 506 18.73 21.13 29.63
CA PRO A 506 17.95 22.36 29.43
C PRO A 506 16.96 22.60 30.54
N PHE A 507 16.44 21.54 31.14
CA PHE A 507 15.49 21.60 32.23
C PHE A 507 16.18 21.10 33.49
N THR A 508 16.25 21.94 34.51
CA THR A 508 16.79 21.50 35.79
C THR A 508 15.89 20.44 36.40
N ASP A 509 16.49 19.56 37.22
CA ASP A 509 15.71 18.50 37.85
C ASP A 509 14.59 19.07 38.70
N GLU A 510 14.76 20.28 39.24
CA GLU A 510 13.69 20.93 39.98
C GLU A 510 12.48 21.17 39.09
N PHE A 511 12.72 21.62 37.84
CA PHE A 511 11.61 21.87 36.93
C PHE A 511 10.87 20.59 36.58
N LEU A 512 11.60 19.50 36.32
CA LEU A 512 10.95 18.22 36.06
C LEU A 512 10.13 17.78 37.25
N ALA A 513 10.71 17.86 38.46
CA ALA A 513 9.95 17.49 39.65
C ALA A 513 8.70 18.35 39.77
N ARG A 514 8.80 19.64 39.46
CA ARG A 514 7.66 20.52 39.56
C ARG A 514 6.55 20.11 38.59
N ILE A 515 6.90 19.81 37.34
CA ILE A 515 5.86 19.52 36.36
C ILE A 515 5.25 18.14 36.62
N GLU A 516 6.05 17.17 37.09
CA GLU A 516 5.46 15.90 37.53
C GLU A 516 4.52 16.11 38.72
N ARG A 517 4.93 16.96 39.68
CA ARG A 517 4.18 17.06 40.93
C ARG A 517 2.89 17.85 40.75
N GLU A 518 2.93 18.94 39.98
CA GLU A 518 1.79 19.83 39.86
C GLU A 518 0.58 19.09 39.28
N MET A 519 0.81 18.30 38.24
CA MET A 519 -0.23 17.45 37.65
C MET A 519 0.30 16.03 37.56
N THR A 520 -0.47 15.06 38.04
CA THR A 520 -0.08 13.67 38.01
C THR A 520 -1.34 12.82 37.93
N ASN A 521 -1.23 11.63 37.34
CA ASN A 521 -2.40 10.76 37.15
C ASN A 521 -3.41 11.46 36.26
N PHE A 522 -2.93 12.29 35.34
CA PHE A 522 -3.82 13.07 34.47
C PHE A 522 -3.81 12.45 33.09
N ASN A 523 -4.90 11.74 32.77
CA ASN A 523 -5.06 11.16 31.44
C ASN A 523 -6.03 12.07 30.71
N ILE A 524 -5.69 12.46 29.49
CA ILE A 524 -6.51 13.41 28.74
C ILE A 524 -7.82 12.81 28.23
N ASP A 525 -8.00 11.50 28.35
CA ASP A 525 -9.22 10.88 27.84
C ASP A 525 -10.45 11.38 28.58
N ASP A 526 -10.26 11.85 29.82
CA ASP A 526 -11.42 12.33 30.64
C ASP A 526 -11.55 13.85 30.55
N LEU A 527 -10.65 14.51 29.83
CA LEU A 527 -10.67 15.98 29.79
C LEU A 527 -12.00 16.49 29.27
N PHE A 528 -12.50 15.89 28.18
CA PHE A 528 -13.78 16.33 27.63
C PHE A 528 -14.92 15.99 28.58
N ASN A 529 -14.85 14.83 29.21
CA ASN A 529 -15.90 14.41 30.14
C ASN A 529 -15.98 15.34 31.32
N GLY A 530 -14.85 15.91 31.73
CA GLY A 530 -14.81 16.80 32.88
C GLY A 530 -15.06 18.26 32.54
N MET A 531 -16.04 18.52 31.68
CA MET A 531 -16.39 19.86 31.23
C MET A 531 -17.90 20.09 31.36
N PRO A 532 -18.34 21.36 31.35
CA PRO A 532 -19.78 21.62 31.45
C PRO A 532 -20.53 21.08 30.23
N PHE A 533 -21.79 20.74 30.46
CA PHE A 533 -22.62 20.18 29.38
C PHE A 533 -22.78 21.15 28.23
N GLU A 534 -22.67 22.46 28.50
CA GLU A 534 -22.73 23.46 27.43
C GLU A 534 -21.60 23.24 26.42
N PHE A 535 -20.39 23.02 26.92
CA PHE A 535 -19.26 22.75 26.04
C PHE A 535 -19.48 21.48 25.25
N GLN A 536 -20.00 20.43 25.90
CA GLN A 536 -20.21 19.17 25.21
C GLN A 536 -21.24 19.32 24.10
N LYS A 537 -22.32 20.04 24.36
CA LYS A 537 -23.35 20.23 23.35
C LYS A 537 -22.84 21.08 22.19
N LYS A 538 -22.24 22.23 22.49
CA LYS A 538 -21.88 23.16 21.42
C LYS A 538 -20.61 22.73 20.70
N TYR A 539 -19.53 22.53 21.43
CA TYR A 539 -18.24 22.13 20.84
C TYR A 539 -18.10 20.61 20.81
N LYS A 540 -19.08 19.91 20.26
CA LYS A 540 -18.90 18.49 20.01
C LYS A 540 -17.81 18.24 18.98
N ILE A 541 -17.54 19.23 18.12
CA ILE A 541 -16.48 19.14 17.13
C ILE A 541 -15.14 18.86 17.79
N LEU A 542 -14.95 19.31 19.03
CA LEU A 542 -13.68 19.16 19.74
C LEU A 542 -13.59 17.85 20.53
N GLU A 543 -14.57 16.97 20.41
CA GLU A 543 -14.53 15.70 21.15
C GLU A 543 -13.36 14.85 20.69
N PHE A 544 -13.05 14.85 19.38
CA PHE A 544 -12.06 13.92 18.85
C PHE A 544 -10.64 14.31 19.20
N LEU A 545 -10.41 15.50 19.74
CA LEU A 545 -9.07 15.93 20.12
C LEU A 545 -8.63 15.42 21.49
N SER A 546 -9.56 14.98 22.32
CA SER A 546 -9.29 14.68 23.72
C SER A 546 -8.78 13.27 23.96
N ASP A 547 -8.36 12.55 22.92
CA ASP A 547 -7.94 11.16 23.04
C ASP A 547 -6.44 11.04 22.79
N ASN A 548 -5.72 10.32 23.67
CA ASN A 548 -4.29 10.11 23.47
C ASN A 548 -4.06 9.35 22.20
N GLN A 549 -4.91 8.36 21.88
CA GLN A 549 -4.84 7.69 20.59
C GLN A 549 -5.41 8.63 19.54
N PHE A 550 -4.71 9.72 19.30
CA PHE A 550 -5.17 10.76 18.38
C PHE A 550 -5.08 10.26 16.94
N LEU A 551 -5.87 10.90 16.07
CA LEU A 551 -6.02 10.46 14.69
C LEU A 551 -6.58 9.05 14.64
N TYR A 552 -7.46 8.75 15.60
CA TYR A 552 -8.13 7.45 15.64
C TYR A 552 -8.90 7.21 14.37
N ASP A 553 -9.78 8.15 14.00
CA ASP A 553 -10.63 8.01 12.83
C ASP A 553 -9.89 8.30 11.54
N ASP A 554 -9.14 9.39 11.51
CA ASP A 554 -8.48 9.78 10.26
C ASP A 554 -7.51 8.70 9.79
N THR A 555 -6.95 7.93 10.71
CA THR A 555 -5.99 6.90 10.32
C THR A 555 -6.68 5.74 9.59
N VAL A 556 -7.77 5.22 10.16
CA VAL A 556 -8.45 4.10 9.49
C VAL A 556 -9.14 4.58 8.23
N LYS A 557 -9.68 5.80 8.24
CA LYS A 557 -10.25 6.35 7.02
C LYS A 557 -9.19 6.47 5.94
N LEU A 558 -8.00 6.96 6.30
CA LEU A 558 -6.93 7.01 5.32
C LEU A 558 -6.56 5.62 4.84
N PHE A 559 -6.57 4.63 5.75
CA PHE A 559 -6.24 3.27 5.35
C PHE A 559 -7.25 2.72 4.34
N GLU A 560 -8.54 2.90 4.62
CA GLU A 560 -9.56 2.32 3.74
C GLU A 560 -9.63 3.08 2.41
N LEU A 561 -9.44 4.40 2.43
CA LEU A 561 -9.36 5.11 1.16
C LEU A 561 -8.08 4.79 0.39
N THR A 562 -6.99 4.45 1.09
CA THR A 562 -5.81 3.95 0.40
C THR A 562 -6.11 2.60 -0.25
N ASN A 563 -6.91 1.78 0.43
CA ASN A 563 -7.27 0.49 -0.11
C ASN A 563 -8.15 0.69 -1.35
N LYS A 564 -9.10 1.63 -1.30
CA LYS A 564 -9.92 1.93 -2.46
C LYS A 564 -9.09 2.47 -3.61
N VAL A 565 -8.13 3.35 -3.32
CA VAL A 565 -7.27 3.91 -4.35
C VAL A 565 -6.41 2.82 -4.97
N ARG A 566 -5.88 1.91 -4.14
CA ARG A 566 -5.07 0.81 -4.66
C ARG A 566 -5.90 -0.15 -5.48
N SER A 567 -7.15 -0.39 -5.08
CA SER A 567 -8.05 -1.20 -5.88
C SER A 567 -8.31 -0.56 -7.23
N GLU A 568 -8.54 0.76 -7.24
CA GLU A 568 -8.70 1.49 -8.49
C GLU A 568 -7.44 1.39 -9.34
N MET A 569 -6.27 1.44 -8.69
CA MET A 569 -5.01 1.35 -9.42
C MET A 569 -4.84 -0.01 -10.08
N SER A 570 -5.03 -1.08 -9.30
CA SER A 570 -4.85 -2.42 -9.81
C SER A 570 -5.89 -2.75 -10.88
N GLU A 571 -7.15 -2.36 -10.64
CA GLU A 571 -8.20 -2.65 -11.60
C GLU A 571 -8.04 -1.86 -12.89
N GLY A 572 -7.48 -0.65 -12.80
CA GLY A 572 -7.49 0.25 -13.93
C GLY A 572 -8.78 1.02 -14.10
N SER A 573 -9.62 1.07 -13.07
CA SER A 573 -10.94 1.66 -13.18
C SER A 573 -10.83 3.18 -13.32
N TYR A 574 -11.94 3.79 -13.77
CA TYR A 574 -12.08 5.23 -13.86
C TYR A 574 -13.20 5.70 -12.94
N SER A 575 -12.93 6.77 -12.19
CA SER A 575 -13.85 7.30 -11.21
C SER A 575 -14.55 8.55 -11.75
N PHE A 576 -15.74 8.82 -11.23
CA PHE A 576 -16.53 9.97 -11.62
C PHE A 576 -16.98 10.73 -10.39
N GLY A 577 -17.26 12.02 -10.57
CA GLY A 577 -17.46 12.88 -9.43
C GLY A 577 -16.14 13.11 -8.71
N MET A 578 -16.21 13.33 -7.40
CA MET A 578 -15.01 13.47 -6.60
C MET A 578 -14.43 12.08 -6.34
N SER A 579 -13.14 11.92 -6.62
CA SER A 579 -12.49 10.63 -6.53
C SER A 579 -12.18 10.32 -5.06
N SER A 580 -11.44 9.22 -4.82
CA SER A 580 -10.96 8.93 -3.48
C SER A 580 -9.76 9.80 -3.13
N ASP A 581 -8.86 10.02 -4.07
CA ASP A 581 -7.68 10.83 -3.80
C ASP A 581 -8.07 12.28 -3.50
N ILE A 582 -9.09 12.80 -4.18
CA ILE A 582 -9.52 14.18 -3.94
C ILE A 582 -10.02 14.32 -2.50
N VAL A 583 -10.86 13.39 -2.07
CA VAL A 583 -11.39 13.49 -0.71
C VAL A 583 -10.27 13.28 0.31
N VAL A 584 -9.28 12.45 -0.01
CA VAL A 584 -8.14 12.30 0.90
C VAL A 584 -7.39 13.62 1.02
N LEU A 585 -7.18 14.32 -0.11
CA LEU A 585 -6.46 15.58 -0.08
C LEU A 585 -7.23 16.64 0.72
N LEU A 586 -8.55 16.74 0.51
CA LEU A 586 -9.32 17.71 1.27
C LEU A 586 -9.42 17.35 2.75
N ARG A 587 -9.46 16.07 3.09
CA ARG A 587 -9.40 15.69 4.50
C ARG A 587 -8.07 16.07 5.11
N LEU A 588 -6.98 15.83 4.38
CA LEU A 588 -5.65 16.22 4.82
C LEU A 588 -5.60 17.71 5.12
N TYR A 589 -6.04 18.54 4.17
CA TYR A 589 -6.01 19.98 4.36
C TYR A 589 -6.93 20.41 5.49
N ASP A 590 -8.09 19.78 5.60
CA ASP A 590 -9.01 20.13 6.67
C ASP A 590 -8.35 19.94 8.03
N ASN A 591 -7.74 18.77 8.24
CA ASN A 591 -7.14 18.49 9.54
C ASN A 591 -5.90 19.35 9.78
N LEU A 592 -5.09 19.59 8.75
CA LEU A 592 -3.93 20.46 8.92
C LEU A 592 -4.36 21.88 9.29
N ARG A 593 -5.31 22.44 8.57
CA ARG A 593 -5.76 23.79 8.88
C ARG A 593 -6.43 23.84 10.25
N PHE A 594 -7.13 22.78 10.63
CA PHE A 594 -7.76 22.75 11.93
C PHE A 594 -6.71 22.77 13.04
N LEU A 595 -5.60 22.05 12.86
CA LEU A 595 -4.59 21.97 13.91
C LEU A 595 -3.59 23.11 13.86
N TYR A 596 -3.47 23.83 12.75
CA TYR A 596 -2.54 24.95 12.66
C TYR A 596 -3.22 26.28 12.89
N GLU A 597 -4.32 26.55 12.18
CA GLU A 597 -5.05 27.79 12.38
C GLU A 597 -5.53 27.93 13.82
N ASN A 598 -5.78 26.80 14.46
CA ASN A 598 -6.18 26.85 15.85
C ASN A 598 -4.94 26.79 16.72
N CYS A 599 -3.76 26.47 16.19
CA CYS A 599 -2.49 26.49 16.96
C CYS A 599 -2.40 25.40 18.03
N LEU A 600 -2.64 24.16 17.64
CA LEU A 600 -2.62 23.01 18.52
C LEU A 600 -1.24 22.37 18.48
N TRP A 601 -0.73 21.97 19.64
CA TRP A 601 0.63 21.46 19.71
C TRP A 601 0.78 20.06 19.14
N SER A 602 -0.32 19.39 18.79
CA SER A 602 -0.29 18.02 18.30
C SER A 602 0.32 17.87 16.92
N VAL A 603 0.86 18.93 16.31
CA VAL A 603 1.42 18.85 14.96
C VAL A 603 2.90 18.49 14.95
N SER A 604 3.61 18.66 16.06
CA SER A 604 5.03 18.33 16.15
C SER A 604 5.25 16.94 16.71
N PHE A 605 4.33 16.01 16.44
CA PHE A 605 4.30 14.69 17.06
C PHE A 605 4.26 13.62 15.98
N HIS A 606 4.67 12.41 16.38
CA HIS A 606 4.87 11.34 15.42
C HIS A 606 3.56 10.87 14.78
N GLU A 607 2.46 10.84 15.54
CA GLU A 607 1.20 10.39 14.98
C GLU A 607 0.76 11.29 13.83
N PHE A 608 0.77 12.61 14.04
CA PHE A 608 0.37 13.53 12.99
C PHE A 608 1.37 13.55 11.86
N HIS A 609 2.66 13.43 12.18
CA HIS A 609 3.67 13.39 11.14
C HIS A 609 3.47 12.19 10.23
N GLN A 610 3.17 11.02 10.80
CA GLN A 610 2.96 9.84 9.97
C GLN A 610 1.64 9.92 9.21
N TYR A 611 0.64 10.56 9.82
CA TYR A 611 -0.65 10.73 9.16
C TYR A 611 -0.47 11.57 7.90
N ILE A 612 0.20 12.71 8.02
CA ILE A 612 0.45 13.57 6.87
C ILE A 612 1.41 12.90 5.90
N ARG A 613 2.36 12.11 6.42
CA ARG A 613 3.28 11.38 5.57
C ARG A 613 2.52 10.44 4.64
N ASN A 614 1.67 9.59 5.22
CA ASN A 614 0.90 8.64 4.43
C ASN A 614 -0.07 9.32 3.50
N SER A 615 -0.68 10.42 3.95
CA SER A 615 -1.58 11.18 3.09
C SER A 615 -0.86 11.71 1.87
N MET A 616 0.19 12.49 2.07
CA MET A 616 0.91 13.08 0.94
C MET A 616 1.52 12.00 0.06
N SER A 617 2.02 10.92 0.67
CA SER A 617 2.57 9.82 -0.11
C SER A 617 1.51 9.23 -1.01
N LEU A 618 0.32 8.95 -0.47
CA LEU A 618 -0.77 8.40 -1.26
C LEU A 618 -1.14 9.33 -2.40
N LEU A 619 -1.26 10.63 -2.10
CA LEU A 619 -1.59 11.59 -3.15
C LEU A 619 -0.55 11.56 -4.25
N ILE A 620 0.72 11.42 -3.91
CA ILE A 620 1.76 11.44 -4.92
C ILE A 620 1.77 10.13 -5.72
N GLU A 621 1.49 9.00 -5.07
CA GLU A 621 1.39 7.76 -5.86
C GLU A 621 0.21 7.84 -6.81
N LYS A 622 -0.92 8.38 -6.36
CA LYS A 622 -2.06 8.55 -7.24
C LYS A 622 -1.74 9.52 -8.37
N ALA A 623 -0.99 10.58 -8.08
CA ALA A 623 -0.58 11.49 -9.15
C ALA A 623 0.27 10.76 -10.17
N GLU A 624 1.20 9.92 -9.71
CA GLU A 624 2.01 9.11 -10.62
C GLU A 624 1.14 8.18 -11.43
N TYR A 625 0.11 7.59 -10.79
CA TYR A 625 -0.77 6.66 -11.49
C TYR A 625 -1.55 7.36 -12.60
N GLU A 626 -2.23 8.47 -12.26
CA GLU A 626 -2.93 9.24 -13.29
C GLU A 626 -1.99 9.74 -14.37
N ARG A 627 -0.74 10.06 -14.02
CA ARG A 627 0.22 10.46 -15.04
C ARG A 627 0.52 9.30 -15.98
N THR A 628 0.64 8.10 -15.44
CA THR A 628 0.96 6.91 -16.23
C THR A 628 -0.26 6.07 -16.59
N ARG A 629 -1.46 6.48 -16.21
CA ARG A 629 -2.64 5.69 -16.53
C ARG A 629 -2.84 5.61 -18.03
N ASP A 630 -3.15 4.41 -18.52
CA ASP A 630 -3.46 4.22 -19.92
C ASP A 630 -4.88 4.66 -20.22
N ILE A 631 -5.07 5.27 -21.39
CA ILE A 631 -6.35 5.86 -21.79
C ILE A 631 -6.92 5.06 -22.95
N ASP A 632 -8.17 4.65 -22.81
CA ASP A 632 -8.91 3.96 -23.86
C ASP A 632 -9.68 4.97 -24.72
N GLU A 633 -10.04 4.55 -25.94
CA GLU A 633 -10.88 5.40 -26.76
C GLU A 633 -12.21 5.69 -26.10
N LEU A 634 -12.81 4.68 -25.45
CA LEU A 634 -14.04 4.93 -24.70
C LEU A 634 -13.78 5.85 -23.52
N GLY A 635 -12.70 5.61 -22.78
CA GLY A 635 -12.35 6.50 -21.69
C GLY A 635 -12.03 7.90 -22.17
N PHE A 636 -11.30 8.00 -23.28
CA PHE A 636 -10.97 9.32 -23.84
C PHE A 636 -12.23 10.06 -24.24
N SER A 637 -13.19 9.36 -24.85
CA SER A 637 -14.47 9.98 -25.18
C SER A 637 -15.18 10.44 -23.91
N PHE A 638 -15.14 9.62 -22.86
CA PHE A 638 -15.74 10.03 -21.60
C PHE A 638 -14.93 11.16 -20.97
N PHE A 639 -13.59 11.05 -21.02
CA PHE A 639 -12.73 12.04 -20.39
C PHE A 639 -11.29 11.88 -20.86
N GLY A 640 -10.67 12.97 -21.30
CA GLY A 640 -9.28 12.92 -21.76
C GLY A 640 -8.55 14.20 -21.45
N LYS A 641 -7.23 14.09 -21.40
CA LYS A 641 -6.34 15.22 -21.12
C LYS A 641 -6.67 15.85 -19.75
N LYS A 642 -6.58 15.02 -18.73
CA LYS A 642 -6.85 15.48 -17.37
C LYS A 642 -5.70 16.35 -16.87
N SER A 643 -6.05 17.34 -16.04
CA SER A 643 -5.05 18.22 -15.47
C SER A 643 -4.14 17.46 -14.52
N GLY A 644 -2.86 17.84 -14.51
CA GLY A 644 -1.90 17.17 -13.66
C GLY A 644 -2.07 17.54 -12.20
N PHE A 645 -1.39 16.78 -11.34
CA PHE A 645 -1.45 17.01 -9.91
C PHE A 645 -0.77 18.33 -9.55
N PHE A 646 -1.41 19.11 -8.68
CA PHE A 646 -0.87 20.38 -8.24
C PHE A 646 -0.07 20.18 -6.97
N MET A 647 1.17 20.69 -6.97
CA MET A 647 2.12 20.55 -5.87
C MET A 647 2.58 21.97 -5.51
N GLU A 648 1.85 22.59 -4.59
CA GLU A 648 2.03 24.00 -4.28
C GLU A 648 2.84 24.18 -3.01
N TYR A 649 2.90 25.42 -2.53
CA TYR A 649 3.71 25.75 -1.35
C TYR A 649 3.25 25.00 -0.12
N TYR A 650 1.93 24.91 0.09
CA TYR A 650 1.42 24.29 1.30
C TYR A 650 1.81 22.81 1.35
N ASP A 651 1.72 22.11 0.22
CA ASP A 651 2.14 20.72 0.18
C ASP A 651 3.64 20.60 0.41
N PHE A 652 4.42 21.57 -0.07
CA PHE A 652 5.86 21.56 0.16
C PHE A 652 6.17 21.65 1.64
N VAL A 653 5.53 22.59 2.34
CA VAL A 653 5.75 22.70 3.78
C VAL A 653 5.23 21.46 4.50
N ASN A 654 4.14 20.89 4.02
CA ASN A 654 3.63 19.66 4.61
C ASN A 654 4.66 18.56 4.53
N ILE A 655 5.20 18.32 3.35
CA ILE A 655 6.20 17.27 3.18
C ILE A 655 7.41 17.57 4.04
N SER A 656 7.93 18.79 3.96
CA SER A 656 9.15 19.13 4.69
C SER A 656 8.98 18.91 6.18
N ARG A 657 7.92 19.48 6.76
CA ARG A 657 7.73 19.37 8.20
C ARG A 657 7.48 17.92 8.61
N HIS A 658 6.63 17.21 7.87
CA HIS A 658 6.06 15.95 8.36
C HIS A 658 6.72 14.70 7.79
N PHE A 659 7.79 14.85 7.00
CA PHE A 659 8.52 13.69 6.49
C PHE A 659 9.82 13.49 7.27
N LYS A 660 10.28 12.24 7.27
CA LYS A 660 11.64 11.89 7.61
C LYS A 660 12.44 11.71 6.33
N ILE A 661 13.77 11.66 6.46
CA ILE A 661 14.61 11.57 5.28
C ILE A 661 14.42 10.23 4.59
N ASP A 662 14.29 9.16 5.38
CA ASP A 662 14.13 7.83 4.81
C ASP A 662 12.79 7.68 4.11
N ASP A 663 11.77 8.40 4.57
CA ASP A 663 10.47 8.34 3.90
C ASP A 663 10.47 9.17 2.63
N ILE A 664 11.19 10.29 2.59
CA ILE A 664 11.37 11.01 1.34
C ILE A 664 12.10 10.12 0.33
N LYS A 665 13.11 9.38 0.81
CA LYS A 665 13.80 8.41 -0.03
C LYS A 665 12.84 7.37 -0.56
N ASN A 666 11.98 6.84 0.31
CA ASN A 666 11.00 5.84 -0.10
C ASN A 666 10.08 6.40 -1.15
N LEU A 667 9.62 7.63 -0.99
CA LEU A 667 8.73 8.26 -1.96
C LEU A 667 9.42 8.40 -3.31
N GLU A 668 10.66 8.88 -3.32
CA GLU A 668 11.38 8.99 -4.58
C GLU A 668 11.61 7.63 -5.21
N ARG A 669 11.80 6.58 -4.40
CA ARG A 669 11.97 5.25 -4.95
C ARG A 669 10.68 4.74 -5.57
N SER A 670 9.54 5.03 -4.93
CA SER A 670 8.25 4.57 -5.43
C SER A 670 7.74 5.48 -6.54
N CYS A 671 7.55 6.77 -6.20
CA CYS A 671 7.03 7.73 -7.16
C CYS A 671 8.07 8.68 -7.67
N SER A 672 7.84 9.23 -8.85
CA SER A 672 8.74 10.20 -9.46
C SER A 672 8.22 11.59 -9.15
N ILE A 673 8.86 12.27 -8.19
CA ILE A 673 8.43 13.60 -7.79
C ILE A 673 9.04 14.67 -8.70
N ASP A 674 10.09 14.32 -9.45
CA ASP A 674 10.64 15.25 -10.44
C ASP A 674 9.59 15.59 -11.50
N LYS A 675 8.74 14.61 -11.85
CA LYS A 675 7.82 14.80 -12.96
C LYS A 675 6.69 15.77 -12.63
N ILE A 676 6.21 15.80 -11.39
CA ILE A 676 5.12 16.70 -11.04
C ILE A 676 5.68 18.10 -10.85
N ARG A 677 5.03 19.08 -11.49
CA ARG A 677 5.51 20.45 -11.42
C ARG A 677 5.21 21.05 -10.05
N PHE A 678 5.89 22.15 -9.75
CA PHE A 678 5.85 22.81 -8.46
C PHE A 678 5.37 24.25 -8.62
N GLY A 679 4.45 24.65 -7.75
CA GLY A 679 3.85 25.97 -7.82
C GLY A 679 4.04 26.74 -6.53
N GLU A 680 3.77 28.05 -6.61
CA GLU A 680 3.99 28.97 -5.50
C GLU A 680 5.47 28.99 -5.11
N GLN A 681 6.32 29.25 -6.10
CA GLN A 681 7.76 29.21 -5.87
C GLN A 681 8.19 30.28 -4.87
N GLU A 682 7.61 31.48 -4.95
CA GLU A 682 8.05 32.57 -4.09
C GLU A 682 7.76 32.26 -2.62
N LYS A 683 6.60 31.70 -2.33
CA LYS A 683 6.26 31.39 -0.94
C LYS A 683 7.17 30.30 -0.38
N ILE A 684 7.48 29.29 -1.20
CA ILE A 684 8.43 28.26 -0.78
C ILE A 684 9.80 28.87 -0.51
N GLU A 685 10.22 29.77 -1.38
CA GLU A 685 11.49 30.46 -1.19
C GLU A 685 11.50 31.18 0.15
N GLU A 686 10.43 31.92 0.44
CA GLU A 686 10.39 32.70 1.68
C GLU A 686 10.43 31.79 2.90
N TYR A 687 9.61 30.74 2.91
CA TYR A 687 9.60 29.79 4.02
C TYR A 687 10.96 29.15 4.23
N LEU A 688 11.54 28.64 3.14
CA LEU A 688 12.83 27.93 3.23
C LEU A 688 13.91 28.89 3.73
N VAL A 689 14.00 30.08 3.13
CA VAL A 689 15.02 31.04 3.55
C VAL A 689 14.82 31.39 5.02
N GLY A 690 13.57 31.48 5.47
CA GLY A 690 13.33 31.70 6.89
C GLY A 690 13.85 30.57 7.75
N ILE A 691 13.65 29.32 7.29
CA ILE A 691 14.20 28.17 8.02
C ILE A 691 15.71 28.28 8.12
N ALA A 692 16.37 28.60 7.00
CA ALA A 692 17.83 28.70 7.01
C ALA A 692 18.30 29.83 7.94
N GLU A 693 17.62 30.97 7.91
CA GLU A 693 17.97 32.06 8.82
C GLU A 693 17.79 31.63 10.27
N GLU A 694 16.71 30.89 10.57
CA GLU A 694 16.46 30.52 11.95
C GLU A 694 17.53 29.57 12.46
N ILE A 695 17.93 28.58 11.65
CA ILE A 695 18.97 27.66 12.10
C ILE A 695 20.31 28.39 12.24
N THR A 696 20.61 29.32 11.31
CA THR A 696 21.84 30.08 11.41
C THR A 696 21.89 30.87 12.71
N LYS A 697 20.81 31.58 13.03
CA LYS A 697 20.80 32.40 14.24
C LYS A 697 20.71 31.53 15.49
N GLN A 698 20.16 30.32 15.38
CA GLN A 698 20.11 29.43 16.53
C GLN A 698 21.51 28.92 16.89
N PHE A 699 22.29 28.51 15.88
CA PHE A 699 23.63 27.99 16.14
C PHE A 699 24.70 29.07 16.18
N SER A 700 24.34 30.33 15.91
CA SER A 700 25.32 31.41 16.00
C SER A 700 25.57 31.78 17.44
N ALA A 701 24.50 32.11 18.17
CA ALA A 701 24.66 32.51 19.57
C ALA A 701 25.18 31.35 20.39
N ASN A 702 26.02 31.66 21.37
CA ASN A 702 26.50 30.61 22.25
C ASN A 702 25.28 29.99 22.86
N GLY A 703 24.31 30.81 23.24
CA GLY A 703 23.07 30.28 23.76
C GLY A 703 22.35 29.57 22.64
N MET A 704 21.99 28.32 22.87
CA MET A 704 21.32 27.53 21.86
C MET A 704 20.38 26.56 22.56
N ASN A 705 19.09 26.64 22.26
CA ASN A 705 18.11 25.75 22.88
C ASN A 705 18.22 24.34 22.30
N VAL A 706 18.61 23.38 23.11
CA VAL A 706 18.79 22.01 22.61
C VAL A 706 17.45 21.43 22.19
N VAL A 707 16.38 21.72 22.95
CA VAL A 707 15.07 21.17 22.60
C VAL A 707 14.61 21.68 21.24
N PHE A 708 14.79 22.99 20.99
CA PHE A 708 14.46 23.51 19.66
C PHE A 708 15.28 22.81 18.59
N TYR A 709 16.59 22.69 18.83
CA TYR A 709 17.44 22.00 17.87
C TYR A 709 16.87 20.64 17.53
N THR A 710 16.53 19.85 18.54
CA THR A 710 16.11 18.48 18.28
C THR A 710 14.77 18.46 17.55
N GLN A 711 13.81 19.27 18.00
CA GLN A 711 12.46 19.22 17.44
C GLN A 711 12.35 19.85 16.06
N PHE A 712 13.27 20.76 15.73
CA PHE A 712 13.22 21.51 14.48
C PHE A 712 14.23 21.03 13.43
N ILE A 713 15.32 20.41 13.86
CA ILE A 713 16.36 19.99 12.93
C ILE A 713 15.80 18.99 11.94
N SER A 714 14.86 18.14 12.37
CA SER A 714 14.24 17.21 11.43
C SER A 714 13.52 17.96 10.32
N GLU A 715 12.76 19.00 10.70
CA GLU A 715 12.03 19.78 9.70
C GLU A 715 12.99 20.51 8.77
N ALA A 716 14.04 21.12 9.34
CA ALA A 716 15.01 21.82 8.50
C ALA A 716 15.76 20.85 7.58
N LYS A 717 16.14 19.69 8.11
CA LYS A 717 16.81 18.67 7.33
C LYS A 717 15.95 18.25 6.15
N ALA A 718 14.69 17.92 6.41
CA ALA A 718 13.80 17.48 5.34
C ALA A 718 13.51 18.60 4.36
N ALA A 719 13.41 19.84 4.82
CA ALA A 719 13.16 20.95 3.91
C ALA A 719 14.32 21.15 2.97
N LEU A 720 15.54 21.21 3.51
CA LEU A 720 16.72 21.37 2.65
C LEU A 720 16.93 20.15 1.77
N TYR A 721 16.46 18.99 2.21
CA TYR A 721 16.54 17.77 1.41
C TYR A 721 15.58 17.81 0.24
N PHE A 722 14.33 18.20 0.50
CA PHE A 722 13.26 18.22 -0.49
C PHE A 722 13.29 19.45 -1.38
N ALA A 723 14.12 20.44 -1.06
CA ALA A 723 14.24 21.63 -1.90
C ALA A 723 15.00 21.39 -3.20
N LYS A 724 15.31 20.15 -3.57
CA LYS A 724 15.95 19.88 -4.85
C LYS A 724 15.09 20.35 -6.00
N TYR A 725 13.79 20.09 -5.93
CA TYR A 725 12.92 20.31 -7.07
C TYR A 725 12.59 21.79 -7.26
N VAL A 726 12.50 22.55 -6.16
CA VAL A 726 12.01 23.92 -6.24
C VAL A 726 13.10 24.81 -6.81
N LYS A 727 12.65 25.88 -7.48
CA LYS A 727 13.59 26.88 -7.98
C LYS A 727 13.68 27.93 -6.89
N LEU A 728 14.88 28.44 -6.63
CA LEU A 728 15.11 29.38 -5.54
C LEU A 728 15.94 30.55 -6.04
N SER A 729 15.67 31.72 -5.46
CA SER A 729 16.38 32.94 -5.81
C SER A 729 17.82 32.88 -5.32
N GLU A 730 18.68 33.66 -5.99
CA GLU A 730 20.11 33.60 -5.72
C GLU A 730 20.43 34.04 -4.30
N GLU A 731 19.77 35.10 -3.82
CA GLU A 731 19.99 35.53 -2.45
C GLU A 731 19.55 34.44 -1.47
N GLY A 732 18.39 33.85 -1.72
CA GLY A 732 17.94 32.75 -0.87
C GLY A 732 18.84 31.54 -0.98
N LEU A 733 19.38 31.28 -2.16
CA LEU A 733 20.33 30.18 -2.32
C LEU A 733 21.59 30.43 -1.50
N GLY A 734 22.10 31.66 -1.51
CA GLY A 734 23.22 32.00 -0.67
C GLY A 734 22.91 31.79 0.79
N LYS A 735 21.75 32.28 1.24
CA LYS A 735 21.38 32.13 2.64
C LYS A 735 21.31 30.67 3.05
N ILE A 736 20.62 29.84 2.25
CA ILE A 736 20.41 28.46 2.66
C ILE A 736 21.70 27.66 2.58
N VAL A 737 22.56 27.91 1.58
CA VAL A 737 23.80 27.16 1.53
C VAL A 737 24.74 27.58 2.66
N LYS A 738 24.71 28.86 3.02
CA LYS A 738 25.50 29.30 4.17
C LYS A 738 25.00 28.57 5.41
N ALA A 739 23.68 28.51 5.58
CA ALA A 739 23.15 27.78 6.72
C ALA A 739 23.56 26.31 6.68
N LEU A 740 23.42 25.67 5.53
CA LEU A 740 23.66 24.23 5.42
C LEU A 740 25.10 23.88 5.73
N LEU A 741 26.04 24.65 5.21
CA LEU A 741 27.45 24.28 5.36
C LEU A 741 27.99 24.70 6.73
N PHE A 742 27.91 25.99 7.05
CA PHE A 742 28.60 26.49 8.23
C PHE A 742 27.85 26.20 9.52
N TYR A 743 26.53 26.38 9.52
CA TYR A 743 25.77 26.36 10.77
C TYR A 743 24.82 25.18 10.82
N PHE A 744 25.30 23.99 10.44
CA PHE A 744 24.57 22.76 10.70
C PHE A 744 25.38 21.83 11.60
N PRO A 745 24.72 20.99 12.39
CA PRO A 745 25.43 20.28 13.46
C PRO A 745 26.09 19.00 12.97
N GLU A 746 26.65 18.23 13.91
CA GLU A 746 27.10 16.87 13.64
C GLU A 746 26.34 15.83 14.46
N ARG A 747 25.56 16.25 15.46
CA ARG A 747 24.75 15.29 16.21
C ARG A 747 23.72 14.62 15.31
N ASP A 748 23.07 15.38 14.43
CA ASP A 748 22.02 14.88 13.55
C ASP A 748 22.48 14.73 12.11
N LEU A 749 23.01 15.80 11.49
CA LEU A 749 23.46 15.75 10.11
C LEU A 749 24.97 15.52 10.09
N ASP A 750 25.39 14.42 9.46
CA ASP A 750 26.80 14.11 9.33
C ASP A 750 27.36 14.86 8.12
N ILE A 751 28.58 14.52 7.70
CA ILE A 751 29.23 15.26 6.61
C ILE A 751 28.71 14.78 5.26
N GLY A 752 28.69 13.47 5.03
CA GLY A 752 28.30 12.97 3.72
C GLY A 752 26.84 13.23 3.38
N LYS A 753 25.95 13.05 4.36
CA LYS A 753 24.56 13.42 4.17
C LYS A 753 24.45 14.90 3.80
N ARG A 754 25.22 15.74 4.47
CA ARG A 754 25.21 17.17 4.16
C ARG A 754 25.67 17.43 2.73
N TYR A 755 26.71 16.71 2.29
CA TYR A 755 27.17 16.89 0.91
C TYR A 755 26.10 16.50 -0.09
N VAL A 756 25.48 15.33 0.10
CA VAL A 756 24.54 14.87 -0.91
C VAL A 756 23.31 15.76 -0.91
N TRP A 757 22.95 16.33 0.24
CA TRP A 757 21.82 17.27 0.26
C TRP A 757 22.18 18.58 -0.43
N LEU A 758 23.43 19.03 -0.28
CA LEU A 758 23.89 20.18 -1.04
C LEU A 758 23.83 19.89 -2.54
N GLU A 759 24.24 18.70 -2.95
CA GLU A 759 24.16 18.33 -4.37
C GLU A 759 22.72 18.33 -4.84
N ARG A 760 21.81 17.81 -4.01
CA ARG A 760 20.40 17.78 -4.38
C ARG A 760 19.85 19.19 -4.56
N LEU A 761 20.19 20.09 -3.64
CA LEU A 761 19.81 21.49 -3.83
C LEU A 761 20.48 22.09 -5.05
N THR A 762 21.64 21.57 -5.45
CA THR A 762 22.31 22.04 -6.66
C THR A 762 21.67 21.44 -7.90
N LYS A 763 20.95 20.34 -7.75
CA LYS A 763 20.38 19.64 -8.90
C LYS A 763 19.60 20.54 -9.86
N CYS A 764 18.58 21.24 -9.37
CA CYS A 764 17.75 22.08 -10.23
C CYS A 764 18.25 23.52 -10.21
N ASN A 765 17.95 24.24 -9.14
CA ASN A 765 18.42 25.62 -9.02
C ASN A 765 19.94 25.61 -8.97
N GLU A 766 20.59 26.04 -10.05
CA GLU A 766 22.04 26.02 -10.12
C GLU A 766 22.63 27.05 -9.18
N LEU A 767 23.97 27.13 -9.13
CA LEU A 767 24.67 27.89 -8.09
C LEU A 767 25.36 29.12 -8.68
N PRO A 768 25.05 30.33 -8.20
CA PRO A 768 25.92 31.47 -8.54
C PRO A 768 27.25 31.39 -7.79
N LYS A 769 28.09 32.41 -7.95
CA LYS A 769 29.42 32.35 -7.37
C LYS A 769 29.41 32.58 -5.87
N SER A 770 28.34 33.16 -5.32
CA SER A 770 28.24 33.26 -3.87
C SER A 770 28.24 31.88 -3.23
N ILE A 771 27.59 30.91 -3.88
CA ILE A 771 27.52 29.56 -3.33
C ILE A 771 28.88 28.89 -3.40
N ILE A 772 29.61 29.12 -4.49
CA ILE A 772 30.93 28.51 -4.65
C ILE A 772 31.85 29.09 -3.59
N SER A 773 31.76 30.40 -3.34
CA SER A 773 32.54 31.03 -2.28
C SER A 773 32.17 30.45 -0.92
N ILE A 774 30.89 30.21 -0.67
CA ILE A 774 30.46 29.64 0.59
C ILE A 774 31.05 28.25 0.78
N ILE A 775 31.02 27.43 -0.26
CA ILE A 775 31.56 26.08 -0.14
C ILE A 775 33.06 26.12 0.07
N ASP A 776 33.75 27.04 -0.60
CA ASP A 776 35.19 27.18 -0.41
C ASP A 776 35.52 27.56 1.02
N ASP A 777 34.75 28.49 1.58
CA ASP A 777 34.99 28.92 2.96
C ASP A 777 34.66 27.79 3.92
N PHE A 778 33.65 26.97 3.62
CA PHE A 778 33.37 25.81 4.45
C PHE A 778 34.54 24.83 4.45
N LEU A 779 35.12 24.59 3.28
CA LEU A 779 36.29 23.73 3.22
C LEU A 779 37.44 24.32 4.02
N VAL A 780 37.57 25.65 3.99
CA VAL A 780 38.61 26.30 4.81
C VAL A 780 38.35 26.06 6.29
N LEU A 781 37.09 26.19 6.71
CA LEU A 781 36.75 25.95 8.12
C LEU A 781 37.07 24.51 8.52
N GLN A 782 36.79 23.56 7.63
CA GLN A 782 37.09 22.16 7.91
C GLN A 782 38.60 21.96 7.99
N ALA A 783 39.36 22.67 7.15
CA ALA A 783 40.81 22.57 7.17
C ALA A 783 41.34 22.96 8.53
N GLU A 784 40.85 24.07 9.08
CA GLU A 784 41.33 24.53 10.37
C GLU A 784 40.91 23.55 11.45
N LYS A 785 39.72 22.97 11.29
CA LYS A 785 39.24 22.01 12.27
C LYS A 785 40.15 20.80 12.34
N HIS A 786 40.75 20.40 11.22
CA HIS A 786 41.57 19.20 11.23
C HIS A 786 42.96 19.40 11.86
N ILE A 787 43.22 20.56 12.46
CA ILE A 787 44.50 20.76 13.13
C ILE A 787 44.60 19.87 14.36
N ASP A 788 43.51 19.76 15.11
CA ASP A 788 43.52 18.98 16.33
C ASP A 788 43.76 17.58 15.91
N GLN A 789 44.73 16.93 16.52
CA GLN A 789 45.07 15.55 16.15
C GLN A 789 44.22 14.56 16.96
N ASN A 790 42.93 14.86 17.09
CA ASN A 790 42.02 14.00 17.85
C ASN A 790 40.72 13.69 17.11
N TYR A 791 40.25 14.61 16.28
CA TYR A 791 38.99 14.41 15.55
C TYR A 791 39.18 13.71 14.21
N SER A 792 38.55 12.55 14.05
CA SER A 792 38.64 11.83 12.79
C SER A 792 37.50 12.19 11.87
N GLU A 793 37.79 12.29 10.57
CA GLU A 793 36.74 12.56 9.60
C GLU A 793 35.89 11.31 9.43
N VAL A 794 34.57 11.48 9.39
CA VAL A 794 33.64 10.39 9.26
C VAL A 794 32.62 10.74 8.17
N SER A 795 31.76 9.78 7.86
CA SER A 795 30.63 10.01 6.96
C SER A 795 29.66 8.83 7.03
N SER A 796 28.38 9.13 7.24
CA SER A 796 27.38 8.07 7.26
C SER A 796 27.13 7.50 5.87
N ASN A 797 27.27 8.32 4.84
CA ASN A 797 27.02 7.90 3.47
C ASN A 797 28.30 7.61 2.70
N GLY A 798 29.45 7.57 3.37
CA GLY A 798 30.70 7.35 2.67
C GLY A 798 31.06 8.52 1.76
N LEU A 799 30.73 9.74 2.16
CA LEU A 799 31.04 10.93 1.38
C LEU A 799 31.70 11.96 2.29
N TYR A 800 32.88 12.45 1.92
CA TYR A 800 33.62 13.37 2.76
C TYR A 800 33.77 14.75 2.11
N SER A 801 34.71 15.55 2.61
CA SER A 801 34.94 16.89 2.07
C SER A 801 35.45 16.84 0.64
N ARG A 802 36.10 15.74 0.29
CA ARG A 802 36.56 15.56 -1.08
C ARG A 802 35.35 15.62 -2.02
N ASP A 803 34.19 15.15 -1.56
CA ASP A 803 32.98 15.19 -2.38
C ASP A 803 32.47 16.62 -2.57
N TYR A 804 32.55 17.44 -1.51
CA TYR A 804 32.24 18.86 -1.66
C TYR A 804 33.13 19.49 -2.73
N GLY A 805 34.43 19.20 -2.66
CA GLY A 805 35.34 19.72 -3.68
C GLY A 805 35.00 19.20 -5.06
N ALA A 806 34.56 17.95 -5.16
CA ALA A 806 34.18 17.38 -6.45
C ALA A 806 32.97 18.09 -7.01
N LEU A 807 31.98 18.38 -6.17
CA LEU A 807 30.82 19.15 -6.60
C LEU A 807 31.24 20.52 -7.12
N ILE A 808 32.14 21.18 -6.39
CA ILE A 808 32.61 22.50 -6.80
C ILE A 808 33.29 22.42 -8.16
N LYS A 809 34.18 21.44 -8.33
CA LYS A 809 34.91 21.32 -9.59
C LYS A 809 34.00 20.92 -10.74
N HIS A 810 32.98 20.12 -10.47
CA HIS A 810 32.07 19.69 -11.54
C HIS A 810 31.21 20.85 -12.01
N PHE A 811 30.60 21.58 -11.07
CA PHE A 811 29.78 22.71 -11.49
C PHE A 811 30.62 23.81 -12.13
N GLU A 812 31.68 24.23 -11.45
CA GLU A 812 32.57 25.28 -11.93
C GLU A 812 33.80 24.61 -12.54
N LYS A 813 34.02 24.84 -13.84
CA LYS A 813 35.05 24.10 -14.57
C LYS A 813 36.43 24.34 -13.96
N ASN A 814 36.79 25.60 -13.78
CA ASN A 814 38.09 25.97 -13.21
C ASN A 814 37.85 26.80 -11.97
N PHE A 815 38.55 26.51 -10.88
CA PHE A 815 38.32 27.19 -9.61
C PHE A 815 39.51 26.91 -8.70
N ILE A 816 40.09 27.96 -8.14
CA ILE A 816 41.22 27.86 -7.22
C ILE A 816 40.87 28.60 -5.95
N SER A 817 41.20 27.99 -4.81
CA SER A 817 40.95 28.62 -3.52
C SER A 817 42.20 29.32 -3.05
N LYS A 818 42.09 30.61 -2.76
CA LYS A 818 43.23 31.34 -2.24
C LYS A 818 43.49 30.99 -0.79
N ARG A 819 42.43 30.80 0.00
CA ARG A 819 42.59 30.53 1.42
C ARG A 819 43.30 29.19 1.67
N LEU A 820 42.94 28.16 0.90
CA LEU A 820 43.65 26.88 1.02
C LEU A 820 45.10 27.02 0.60
N SER A 821 45.36 27.78 -0.46
CA SER A 821 46.74 27.99 -0.89
C SER A 821 47.54 28.71 0.19
N GLU A 822 46.90 29.61 0.94
CA GLU A 822 47.59 30.28 2.03
C GLU A 822 47.84 29.33 3.20
N ILE A 823 46.82 28.57 3.61
CA ILE A 823 47.00 27.70 4.79
C ILE A 823 47.93 26.55 4.48
N THR A 824 48.17 26.21 3.20
CA THR A 824 49.15 25.18 2.89
C THR A 824 50.55 25.57 3.31
N LEU A 825 50.95 26.82 3.06
CA LEU A 825 52.35 27.20 3.20
C LEU A 825 52.84 27.20 4.64
N CYS A 826 51.94 27.25 5.61
CA CYS A 826 52.35 27.35 7.02
C CYS A 826 52.46 26.00 7.74
N LEU A 827 51.78 24.97 7.25
CA LEU A 827 51.79 23.68 7.93
C LEU A 827 53.17 23.03 7.79
N THR A 828 53.43 22.05 8.66
CA THR A 828 54.73 21.38 8.67
C THR A 828 54.56 19.86 8.66
N GLN A 829 55.66 19.13 8.82
CA GLN A 829 55.61 17.67 8.77
C GLN A 829 54.82 17.09 9.93
N ASP A 830 54.86 17.74 11.10
CA ASP A 830 54.22 17.17 12.29
C ASP A 830 52.73 16.97 12.12
N LYS A 831 52.06 17.90 11.45
CA LYS A 831 50.60 17.83 11.30
C LYS A 831 50.31 16.96 10.08
N GLN A 832 50.27 15.64 10.32
CA GLN A 832 50.06 14.70 9.22
C GLN A 832 48.62 14.70 8.73
N LYS A 833 47.66 14.77 9.66
CA LYS A 833 46.26 14.65 9.25
C LYS A 833 45.79 15.87 8.47
N GLN A 834 46.31 17.06 8.78
CA GLN A 834 46.00 18.22 7.95
C GLN A 834 46.51 18.02 6.54
N ILE A 835 47.70 17.45 6.41
CA ILE A 835 48.24 17.13 5.09
C ILE A 835 47.31 16.14 4.39
N ASP A 836 46.77 15.18 5.14
CA ASP A 836 45.84 14.21 4.57
C ASP A 836 44.58 14.90 4.05
N PHE A 837 44.01 15.79 4.86
CA PHE A 837 42.78 16.47 4.48
C PHE A 837 43.00 17.36 3.26
N LEU A 838 44.12 18.07 3.22
CA LEU A 838 44.40 18.90 2.05
C LEU A 838 44.72 18.04 0.83
N PHE A 839 45.30 16.86 1.04
CA PHE A 839 45.48 15.93 -0.06
C PHE A 839 44.12 15.52 -0.63
N LYS A 840 43.13 15.32 0.24
CA LYS A 840 41.79 15.01 -0.24
C LYS A 840 41.22 16.17 -1.04
N LEU A 841 41.34 17.39 -0.52
CA LEU A 841 40.81 18.57 -1.20
C LEU A 841 41.77 19.19 -2.20
N LEU A 842 42.77 18.45 -2.65
CA LEU A 842 43.82 18.92 -3.56
C LEU A 842 43.39 19.62 -4.86
N PRO A 843 42.21 19.36 -5.46
CA PRO A 843 41.91 20.08 -6.72
C PRO A 843 41.33 21.48 -6.52
N LEU A 844 41.47 22.06 -5.34
CA LEU A 844 40.89 23.37 -5.02
C LEU A 844 41.91 24.29 -4.36
N LEU A 845 43.11 24.41 -4.94
CA LEU A 845 44.08 25.37 -4.44
C LEU A 845 45.15 25.60 -5.50
N SER A 846 45.96 26.63 -5.28
CA SER A 846 46.85 27.14 -6.31
C SER A 846 47.95 26.14 -6.65
N THR A 847 48.65 26.41 -7.75
CA THR A 847 49.66 25.49 -8.25
C THR A 847 50.83 25.35 -7.27
N ASN A 848 51.27 26.46 -6.70
CA ASN A 848 52.40 26.42 -5.77
C ASN A 848 52.03 25.62 -4.53
N ALA A 849 50.81 25.77 -4.02
CA ALA A 849 50.35 24.98 -2.89
C ALA A 849 50.28 23.51 -3.25
N LYS A 850 49.85 23.20 -4.47
CA LYS A 850 49.86 21.81 -4.91
C LYS A 850 51.27 21.24 -4.94
N SER A 851 52.24 22.04 -5.40
CA SER A 851 53.62 21.59 -5.40
C SER A 851 54.12 21.36 -3.97
N HIS A 852 53.74 22.24 -3.04
CA HIS A 852 54.13 22.06 -1.66
C HIS A 852 53.56 20.76 -1.08
N LEU A 853 52.28 20.50 -1.32
CA LEU A 853 51.67 19.27 -0.82
C LEU A 853 52.29 18.05 -1.48
N LEU A 854 52.61 18.14 -2.76
CA LEU A 854 53.26 17.02 -3.46
C LEU A 854 54.63 16.74 -2.87
N SER A 855 55.39 17.80 -2.56
CA SER A 855 56.71 17.61 -1.98
C SER A 855 56.61 17.07 -0.55
N PHE A 856 55.54 17.40 0.18
CA PHE A 856 55.45 16.99 1.57
C PHE A 856 55.21 15.49 1.71
N LYS A 857 54.41 14.88 0.84
CA LYS A 857 54.17 13.45 0.90
C LYS A 857 53.82 12.94 -0.49
N SER A 858 53.70 11.62 -0.60
CA SER A 858 53.33 10.96 -1.85
C SER A 858 52.51 9.73 -1.50
N VAL A 859 52.26 8.89 -2.51
CA VAL A 859 51.49 7.67 -2.29
C VAL A 859 52.36 6.65 -1.56
N GLU A 860 51.81 6.08 -0.49
CA GLU A 860 52.52 5.10 0.33
C GLU A 860 51.74 3.81 0.54
N ASN A 861 50.42 3.92 0.65
CA ASN A 861 49.58 2.76 0.92
C ASN A 861 48.44 2.67 -0.09
N ILE A 862 47.51 1.74 0.13
CA ILE A 862 46.45 1.54 -0.86
C ILE A 862 45.46 2.69 -0.84
N ASN A 863 45.12 3.18 0.36
CA ASN A 863 44.16 4.28 0.47
C ASN A 863 44.70 5.50 -0.28
N ASP A 864 45.97 5.82 -0.08
CA ASP A 864 46.56 6.98 -0.76
C ASP A 864 46.45 6.81 -2.27
N LEU A 865 46.70 5.61 -2.78
CA LEU A 865 46.56 5.36 -4.21
C LEU A 865 45.12 5.57 -4.66
N MET A 866 44.15 5.06 -3.91
CA MET A 866 42.77 5.16 -4.35
C MET A 866 42.34 6.63 -4.33
N ASN A 867 42.77 7.40 -3.33
CA ASN A 867 42.45 8.81 -3.31
C ASN A 867 43.15 9.51 -4.46
N GLY A 868 44.37 9.08 -4.81
CA GLY A 868 45.09 9.70 -5.90
C GLY A 868 44.37 9.54 -7.23
N ILE A 869 43.81 8.36 -7.48
CA ILE A 869 43.00 8.22 -8.69
C ILE A 869 41.66 8.93 -8.51
N ARG A 870 41.23 9.14 -7.27
CA ARG A 870 39.94 9.75 -7.01
C ARG A 870 39.93 11.26 -7.22
N ILE A 871 41.09 11.90 -7.33
CA ILE A 871 41.16 13.34 -7.57
C ILE A 871 42.10 13.66 -8.73
N GLY A 872 42.32 12.70 -9.62
CA GLY A 872 42.99 12.96 -10.87
C GLY A 872 44.49 13.13 -10.81
N LEU A 873 45.13 12.83 -9.67
CA LEU A 873 46.57 12.99 -9.57
C LEU A 873 47.31 12.02 -10.50
N ILE A 874 46.88 10.76 -10.54
CA ILE A 874 47.58 9.70 -11.25
C ILE A 874 46.67 9.22 -12.38
N ASP A 875 47.19 9.23 -13.60
CA ASP A 875 46.41 8.86 -14.78
C ASP A 875 46.53 7.40 -15.14
N GLU A 876 47.72 6.80 -14.98
CA GLU A 876 47.97 5.42 -15.37
C GLU A 876 48.82 4.77 -14.30
N PHE A 877 48.46 3.56 -13.91
CA PHE A 877 49.22 2.84 -12.89
C PHE A 877 50.61 2.52 -13.41
N THR A 878 51.60 2.67 -12.54
CA THR A 878 53.00 2.50 -12.85
C THR A 878 53.51 1.16 -12.32
N PRO A 879 54.72 0.74 -12.71
CA PRO A 879 55.26 -0.52 -12.14
C PRO A 879 55.30 -0.54 -10.62
N GLU A 880 55.63 0.59 -9.98
CA GLU A 880 55.66 0.61 -8.53
C GLU A 880 54.27 0.51 -7.93
N HIS A 881 53.28 1.15 -8.56
CA HIS A 881 51.91 1.07 -8.06
C HIS A 881 51.42 -0.36 -8.10
N GLU A 882 51.66 -1.07 -9.21
CA GLU A 882 51.24 -2.46 -9.27
C GLU A 882 52.06 -3.33 -8.33
N GLU A 883 53.34 -3.02 -8.14
CA GLU A 883 54.11 -3.77 -7.13
C GLU A 883 53.44 -3.65 -5.77
N LEU A 884 53.01 -2.44 -5.42
CA LEU A 884 52.27 -2.24 -4.18
C LEU A 884 50.97 -3.03 -4.19
N ILE A 885 50.29 -3.09 -5.33
CA ILE A 885 48.97 -3.71 -5.35
C ILE A 885 49.10 -5.23 -5.17
N ILE A 886 50.09 -5.85 -5.81
CA ILE A 886 50.34 -7.27 -5.56
C ILE A 886 50.80 -7.49 -4.13
N GLU A 887 51.57 -6.56 -3.56
CA GLU A 887 51.98 -6.73 -2.17
C GLU A 887 50.76 -6.74 -1.25
N TYR A 888 49.82 -5.81 -1.46
CA TYR A 888 48.60 -5.80 -0.66
C TYR A 888 47.80 -7.08 -0.88
N LEU A 889 47.76 -7.58 -2.11
CA LEU A 889 47.03 -8.82 -2.36
C LEU A 889 47.69 -10.00 -1.65
N GLU A 890 49.03 -10.02 -1.60
CA GLU A 890 49.71 -11.05 -0.80
C GLU A 890 49.32 -10.94 0.66
N THR A 891 49.28 -9.73 1.19
CA THR A 891 48.89 -9.55 2.59
C THR A 891 47.48 -10.08 2.83
N ARG A 892 46.56 -9.76 1.91
CA ARG A 892 45.21 -10.27 2.03
C ARG A 892 45.19 -11.80 1.95
N LYS A 893 46.01 -12.38 1.07
CA LYS A 893 46.03 -13.83 0.90
C LYS A 893 46.51 -14.52 2.17
N VAL A 894 47.60 -14.02 2.76
CA VAL A 894 48.12 -14.68 3.98
C VAL A 894 47.15 -14.45 5.14
N ASN A 895 46.50 -13.30 5.17
CA ASN A 895 45.50 -13.06 6.20
C ASN A 895 44.39 -14.08 6.04
N TYR A 896 43.92 -14.29 4.82
CA TYR A 896 42.85 -15.23 4.56
C TYR A 896 43.23 -16.65 4.96
N ILE A 897 44.45 -17.07 4.61
CA ILE A 897 44.86 -18.43 4.94
C ILE A 897 45.00 -18.60 6.45
N VAL A 898 45.45 -17.56 7.15
CA VAL A 898 45.56 -17.65 8.61
C VAL A 898 44.18 -17.68 9.25
N GLU A 899 43.25 -16.88 8.74
CA GLU A 899 41.92 -16.77 9.33
C GLU A 899 40.95 -17.82 8.82
N LYS A 900 41.37 -18.72 7.92
CA LYS A 900 40.48 -19.77 7.43
C LYS A 900 39.93 -20.62 8.57
N GLU A 901 40.65 -20.71 9.69
CA GLU A 901 40.09 -21.39 10.87
C GLU A 901 38.79 -20.71 11.30
N LYS A 902 38.80 -19.38 11.36
CA LYS A 902 37.60 -18.60 11.58
C LYS A 902 37.02 -18.20 10.22
N GLY A 903 36.10 -17.25 10.20
CA GLY A 903 35.48 -16.82 8.97
C GLY A 903 36.29 -15.76 8.23
N ILE A 904 35.63 -15.16 7.23
CA ILE A 904 36.24 -14.19 6.33
C ILE A 904 35.39 -12.93 6.35
N GLN A 905 36.03 -11.77 6.18
CA GLN A 905 35.36 -10.47 6.24
C GLN A 905 35.74 -9.62 5.04
N THR A 906 34.75 -9.07 4.34
CA THR A 906 35.00 -8.18 3.19
C THR A 906 33.85 -7.18 3.09
N PHE A 907 34.06 -6.01 3.76
CA PHE A 907 33.11 -4.86 3.72
C PHE A 907 33.97 -3.66 3.34
N SER A 908 35.10 -3.41 4.01
CA SER A 908 36.09 -2.43 3.56
C SER A 908 36.93 -3.02 2.45
N SER A 909 37.53 -4.18 2.71
CA SER A 909 38.36 -4.84 1.71
C SER A 909 37.55 -5.28 0.50
N ASN A 910 36.23 -5.37 0.61
CA ASN A 910 35.47 -5.73 -0.58
C ASN A 910 35.52 -4.59 -1.59
N ASP A 911 35.53 -3.34 -1.16
CA ASP A 911 35.66 -2.26 -2.11
C ASP A 911 36.97 -2.44 -2.84
N TYR A 912 38.08 -2.55 -2.13
CA TYR A 912 39.39 -2.62 -2.75
C TYR A 912 39.47 -3.82 -3.69
N MET A 913 39.08 -5.01 -3.20
CA MET A 913 39.18 -6.22 -4.01
C MET A 913 38.30 -6.12 -5.25
N SER A 914 37.05 -5.70 -5.08
CA SER A 914 36.15 -5.56 -6.21
C SER A 914 36.71 -4.57 -7.23
N THR A 915 37.20 -3.42 -6.76
CA THR A 915 37.74 -2.42 -7.68
C THR A 915 38.96 -2.94 -8.42
N PHE A 916 39.80 -3.72 -7.74
CA PHE A 916 40.93 -4.33 -8.44
C PHE A 916 40.43 -5.30 -9.50
N GLY A 917 39.38 -6.06 -9.19
CA GLY A 917 38.79 -6.93 -10.19
C GLY A 917 38.27 -6.16 -11.39
N ILE A 918 37.60 -5.03 -11.14
CA ILE A 918 37.13 -4.21 -12.26
C ILE A 918 38.30 -3.75 -13.10
N TRP A 919 39.34 -3.20 -12.44
CA TRP A 919 40.50 -2.73 -13.19
C TRP A 919 41.11 -3.84 -14.01
N TYR A 920 41.08 -5.08 -13.49
CA TYR A 920 41.59 -6.21 -14.27
C TYR A 920 40.69 -6.50 -15.46
N PHE A 921 39.38 -6.30 -15.31
CA PHE A 921 38.46 -6.59 -16.41
C PHE A 921 38.75 -5.73 -17.63
N LEU A 922 38.86 -4.41 -17.46
CA LEU A 922 39.10 -3.50 -18.57
C LEU A 922 40.57 -3.37 -18.95
N GLU A 923 41.39 -4.37 -18.62
CA GLU A 923 42.75 -4.47 -19.15
C GLU A 923 43.65 -3.35 -18.64
N GLU A 924 43.27 -2.74 -17.51
CA GLU A 924 44.11 -1.71 -16.91
C GLU A 924 45.39 -2.31 -16.33
N ILE A 925 45.31 -3.51 -15.79
CA ILE A 925 46.44 -4.19 -15.15
C ILE A 925 46.83 -5.37 -16.03
N ASN A 926 48.06 -5.35 -16.53
CA ASN A 926 48.53 -6.41 -17.43
C ASN A 926 49.25 -7.53 -16.69
N ASN A 927 49.44 -7.39 -15.39
CA ASN A 927 50.16 -8.39 -14.63
C ASN A 927 49.51 -9.76 -14.73
N SER A 928 50.30 -10.79 -15.03
CA SER A 928 49.79 -12.15 -15.11
C SER A 928 49.68 -12.84 -13.76
N LYS A 929 50.25 -12.24 -12.71
CA LYS A 929 50.15 -12.80 -11.36
C LYS A 929 48.79 -12.52 -10.74
N MET A 930 47.99 -11.69 -11.40
CA MET A 930 46.69 -11.30 -10.87
C MET A 930 45.79 -12.52 -10.66
N GLU A 931 45.94 -13.55 -11.48
CA GLU A 931 45.11 -14.75 -11.41
C GLU A 931 45.55 -15.73 -10.33
N GLU A 932 46.39 -15.32 -9.40
CA GLU A 932 46.78 -16.17 -8.28
C GLU A 932 45.83 -16.08 -7.09
N PHE A 933 44.96 -15.06 -7.04
CA PHE A 933 44.10 -14.80 -5.90
C PHE A 933 42.66 -15.20 -6.18
N ILE A 934 42.44 -16.20 -7.04
CA ILE A 934 41.08 -16.63 -7.34
C ILE A 934 40.49 -17.32 -6.12
N GLY A 935 39.17 -17.32 -6.05
CA GLY A 935 38.44 -18.03 -5.00
C GLY A 935 38.59 -17.48 -3.60
N MET A 936 38.55 -16.16 -3.44
CA MET A 936 38.44 -15.55 -2.11
C MET A 936 37.33 -14.52 -2.02
N ASP A 937 37.07 -13.77 -3.10
CA ASP A 937 36.03 -12.76 -3.10
C ASP A 937 35.16 -12.93 -4.34
N ASP A 938 33.84 -12.91 -4.14
CA ASP A 938 32.89 -13.15 -5.22
C ASP A 938 33.06 -12.14 -6.35
N GLN A 939 33.14 -10.85 -6.01
CA GLN A 939 33.37 -9.82 -7.03
C GLN A 939 34.67 -10.07 -7.77
N TYR A 940 35.73 -10.39 -7.03
CA TYR A 940 37.04 -10.62 -7.64
C TYR A 940 36.98 -11.76 -8.63
N ASP A 941 36.44 -12.91 -8.20
CA ASP A 941 36.37 -14.07 -9.09
C ASP A 941 35.48 -13.78 -10.29
N PHE A 942 34.39 -13.05 -10.07
CA PHE A 942 33.48 -12.71 -11.16
C PHE A 942 34.22 -11.92 -12.23
N PHE A 943 35.00 -10.93 -11.83
CA PHE A 943 35.55 -10.00 -12.80
C PHE A 943 36.90 -10.44 -13.38
N VAL A 944 37.67 -11.26 -12.66
CA VAL A 944 38.97 -11.68 -13.19
C VAL A 944 38.86 -13.02 -13.93
N ASP A 945 38.06 -13.95 -13.41
CA ASP A 945 37.89 -15.28 -14.00
C ASP A 945 36.40 -15.59 -14.09
N PRO A 946 35.68 -14.94 -15.01
CA PRO A 946 34.23 -15.14 -15.06
C PRO A 946 33.82 -16.55 -15.48
N GLU A 947 34.67 -17.24 -16.24
CA GLU A 947 34.29 -18.56 -16.76
C GLU A 947 34.02 -19.54 -15.63
N ASN A 948 34.95 -19.59 -14.66
CA ASN A 948 34.85 -20.54 -13.56
C ASN A 948 33.88 -20.10 -12.47
N PHE A 949 33.58 -18.81 -12.41
CA PHE A 949 32.68 -18.31 -11.37
C PHE A 949 31.31 -18.91 -11.57
N ASP A 950 30.95 -19.82 -10.67
CA ASP A 950 29.57 -20.38 -10.68
C ASP A 950 28.62 -19.22 -10.43
N TYR A 951 27.51 -19.17 -11.15
CA TYR A 951 26.60 -18.03 -11.08
C TYR A 951 25.44 -18.31 -10.12
N LYS A 952 25.80 -18.65 -8.89
CA LYS A 952 24.86 -18.71 -7.79
C LYS A 952 25.22 -17.76 -6.64
N LYS A 953 26.43 -17.21 -6.65
CA LYS A 953 26.82 -16.16 -5.71
C LYS A 953 26.62 -14.76 -6.29
N PHE A 954 25.99 -14.64 -7.46
CA PHE A 954 25.73 -13.34 -8.04
C PHE A 954 24.82 -12.53 -7.11
N ILE A 955 25.03 -11.22 -7.10
CA ILE A 955 24.50 -10.33 -6.08
C ILE A 955 23.62 -9.30 -6.77
N PRO A 956 22.41 -9.01 -6.25
CA PRO A 956 21.61 -7.92 -6.84
C PRO A 956 22.28 -6.57 -6.77
N SER A 957 23.04 -6.31 -5.70
CA SER A 957 23.70 -5.01 -5.54
C SER A 957 24.58 -4.71 -6.75
N TRP A 958 25.34 -5.69 -7.23
CA TRP A 958 26.12 -5.47 -8.44
C TRP A 958 25.16 -5.26 -9.58
N LEU A 959 24.11 -6.08 -9.63
CA LEU A 959 23.18 -6.04 -10.76
C LEU A 959 22.55 -4.66 -10.93
N LYS A 960 22.53 -3.85 -9.88
CA LYS A 960 22.07 -2.46 -9.97
C LYS A 960 23.17 -1.44 -9.82
N ASN A 961 24.18 -1.75 -9.00
CA ASN A 961 25.33 -0.85 -8.80
C ASN A 961 26.30 -1.07 -9.93
N TYR A 962 26.11 -0.37 -11.03
CA TYR A 962 26.94 -0.50 -12.20
C TYR A 962 27.43 0.86 -12.66
N ASN A 963 28.13 0.86 -13.81
CA ASN A 963 28.59 2.08 -14.45
C ASN A 963 28.17 1.85 -15.90
N ASP A 964 28.05 2.89 -16.72
CA ASP A 964 27.68 2.77 -18.12
C ASP A 964 28.71 1.95 -18.90
N LYS A 965 29.99 2.29 -18.76
CA LYS A 965 31.02 1.53 -19.46
C LYS A 965 31.18 0.15 -18.86
N LEU A 966 30.98 0.02 -17.55
CA LEU A 966 31.00 -1.30 -16.91
C LEU A 966 29.94 -2.21 -17.53
N LEU A 967 28.70 -1.72 -17.63
CA LEU A 967 27.64 -2.51 -18.24
C LEU A 967 27.93 -2.78 -19.71
N GLY A 968 28.51 -1.82 -20.43
CA GLY A 968 28.87 -2.05 -21.81
C GLY A 968 29.87 -3.18 -21.96
N LYS A 969 30.90 -3.18 -21.11
CA LYS A 969 31.89 -4.25 -21.14
C LYS A 969 31.25 -5.59 -20.75
N ILE A 970 30.35 -5.59 -19.77
CA ILE A 970 29.68 -6.82 -19.37
C ILE A 970 28.89 -7.39 -20.54
N ALA A 971 28.10 -6.53 -21.20
CA ALA A 971 27.34 -6.97 -22.37
C ALA A 971 28.25 -7.44 -23.50
N GLY A 972 29.44 -6.85 -23.60
CA GLY A 972 30.36 -7.25 -24.65
C GLY A 972 30.77 -8.71 -24.55
N ASN A 973 30.91 -9.20 -23.31
CA ASN A 973 31.31 -10.59 -23.09
C ASN A 973 30.09 -11.49 -22.98
N LYS A 974 29.98 -12.48 -23.86
CA LYS A 974 28.86 -13.40 -23.81
C LYS A 974 28.87 -14.25 -22.54
N HIS A 975 30.06 -14.57 -22.04
CA HIS A 975 30.18 -15.43 -20.87
C HIS A 975 29.44 -14.82 -19.69
N MET A 976 29.60 -13.51 -19.49
CA MET A 976 28.73 -12.80 -18.57
C MET A 976 27.31 -12.75 -19.10
N LYS A 977 27.15 -12.40 -20.38
CA LYS A 977 25.86 -11.98 -20.91
C LYS A 977 24.76 -13.01 -20.65
N HIS A 978 25.06 -14.29 -20.89
CA HIS A 978 24.03 -15.32 -20.71
C HIS A 978 23.50 -15.33 -19.28
N HIS A 979 24.39 -15.47 -18.30
CA HIS A 979 23.95 -15.60 -16.92
C HIS A 979 23.35 -14.28 -16.40
N VAL A 980 23.96 -13.16 -16.77
CA VAL A 980 23.48 -11.87 -16.26
C VAL A 980 22.10 -11.56 -16.81
N ILE A 981 21.87 -11.80 -18.11
CA ILE A 981 20.54 -11.54 -18.66
C ILE A 981 19.52 -12.53 -18.12
N GLU A 982 19.95 -13.78 -17.86
CA GLU A 982 19.03 -14.73 -17.25
C GLU A 982 18.56 -14.24 -15.87
N VAL A 983 19.51 -13.87 -15.00
CA VAL A 983 19.12 -13.41 -13.67
C VAL A 983 18.34 -12.10 -13.77
N LEU A 984 18.69 -11.25 -14.74
CA LEU A 984 18.00 -9.96 -14.87
C LEU A 984 16.55 -10.15 -15.26
N LYS A 985 16.28 -10.95 -16.30
CA LYS A 985 14.90 -11.17 -16.72
C LYS A 985 14.12 -11.91 -15.65
N GLU A 986 14.77 -12.86 -14.96
CA GLU A 986 14.10 -13.52 -13.85
C GLU A 986 13.71 -12.51 -12.78
N ARG A 987 14.62 -11.59 -12.45
CA ARG A 987 14.34 -10.60 -11.41
C ARG A 987 13.19 -9.70 -11.82
N VAL A 988 13.23 -9.18 -13.05
CA VAL A 988 12.23 -8.19 -13.45
C VAL A 988 10.86 -8.85 -13.59
N LYS A 989 10.80 -10.09 -14.12
CA LYS A 989 9.51 -10.76 -14.24
C LYS A 989 8.97 -11.12 -12.86
N ASN A 990 9.83 -11.53 -11.93
CA ASN A 990 9.36 -11.91 -10.60
C ASN A 990 9.06 -10.68 -9.74
N SER A 991 9.85 -9.63 -9.89
CA SER A 991 9.67 -8.40 -9.11
C SER A 991 10.05 -7.21 -9.98
N ASN A 992 9.11 -6.27 -10.13
CA ASN A 992 9.33 -5.11 -10.97
C ASN A 992 10.03 -3.96 -10.27
N ASP A 993 11.18 -3.56 -10.79
CA ASP A 993 11.93 -2.42 -10.25
C ASP A 993 12.35 -1.52 -11.41
N LYS A 994 12.34 -0.21 -11.17
CA LYS A 994 12.66 0.73 -12.23
C LYS A 994 14.10 0.56 -12.71
N ARG A 995 15.04 0.45 -11.77
CA ARG A 995 16.45 0.38 -12.16
C ARG A 995 16.75 -0.88 -12.95
N TYR A 996 16.22 -2.02 -12.51
CA TYR A 996 16.49 -3.28 -13.20
C TYR A 996 15.94 -3.25 -14.62
N LEU A 997 14.71 -2.76 -14.79
CA LEU A 997 14.12 -2.66 -16.11
C LEU A 997 14.91 -1.70 -16.99
N GLU A 998 15.33 -0.57 -16.43
CA GLU A 998 16.11 0.41 -17.20
C GLU A 998 17.42 -0.21 -17.66
N ILE A 999 18.10 -0.93 -16.78
CA ILE A 999 19.35 -1.59 -17.16
C ILE A 999 19.10 -2.62 -18.25
N LEU A 1000 18.02 -3.39 -18.11
CA LEU A 1000 17.72 -4.43 -19.09
C LEU A 1000 17.47 -3.83 -20.46
N MET A 1001 16.65 -2.78 -20.52
CA MET A 1001 16.25 -2.21 -21.80
C MET A 1001 17.22 -1.19 -22.40
N ASN A 1002 18.24 -0.78 -21.66
CA ASN A 1002 19.15 0.25 -22.15
C ASN A 1002 20.45 -0.31 -22.70
N TYR A 1003 21.11 -1.20 -21.94
CA TYR A 1003 22.42 -1.70 -22.32
C TYR A 1003 22.35 -3.10 -22.93
N PHE A 1004 21.75 -4.05 -22.22
CA PHE A 1004 21.75 -5.44 -22.68
C PHE A 1004 20.94 -5.61 -23.95
N ILE A 1005 19.82 -4.90 -24.06
CA ILE A 1005 19.01 -4.92 -25.28
C ILE A 1005 18.51 -3.51 -25.57
N LYS B 304 9.40 -16.92 46.48
CA LYS B 304 8.28 -17.78 46.85
C LYS B 304 7.48 -18.16 45.60
N ASP B 305 7.70 -19.39 45.12
CA ASP B 305 7.01 -19.85 43.91
C ASP B 305 5.51 -19.89 44.10
N ASP B 306 5.05 -20.18 45.32
CA ASP B 306 3.61 -20.19 45.59
C ASP B 306 2.99 -18.84 45.31
N GLU B 307 3.68 -17.76 45.70
CA GLU B 307 3.18 -16.42 45.43
C GLU B 307 3.08 -16.15 43.93
N VAL B 308 4.08 -16.59 43.16
CA VAL B 308 4.05 -16.39 41.72
C VAL B 308 2.88 -17.14 41.10
N ILE B 309 2.67 -18.39 41.52
CA ILE B 309 1.58 -19.18 40.97
C ILE B 309 0.24 -18.54 41.33
N ASP B 310 0.09 -18.08 42.58
CA ASP B 310 -1.15 -17.42 42.97
C ASP B 310 -1.40 -16.16 42.16
N TYR B 311 -0.36 -15.35 41.96
CA TYR B 311 -0.51 -14.11 41.20
C TYR B 311 -0.90 -14.39 39.75
N ILE B 312 -0.16 -15.27 39.08
CA ILE B 312 -0.42 -15.53 37.68
C ILE B 312 -1.78 -16.21 37.51
N TYR B 313 -2.18 -17.07 38.45
CA TYR B 313 -3.50 -17.66 38.39
C TYR B 313 -4.58 -16.60 38.54
N GLY B 314 -4.43 -15.71 39.53
CA GLY B 314 -5.40 -14.64 39.68
C GLY B 314 -5.49 -13.76 38.45
N LYS B 315 -4.38 -13.62 37.72
CA LYS B 315 -4.39 -12.79 36.51
C LYS B 315 -5.03 -13.51 35.33
N ILE B 316 -4.81 -14.82 35.19
CA ILE B 316 -5.09 -15.52 33.93
C ILE B 316 -6.27 -16.49 34.01
N SER B 317 -6.59 -17.02 35.19
CA SER B 317 -7.65 -18.03 35.28
C SER B 317 -8.99 -17.56 34.74
N PRO B 318 -9.45 -16.32 34.99
CA PRO B 318 -10.76 -15.92 34.43
C PRO B 318 -10.81 -15.90 32.92
N LEU B 319 -9.67 -15.87 32.24
CA LEU B 319 -9.63 -15.92 30.79
C LEU B 319 -9.86 -17.32 30.24
N PHE B 320 -9.96 -18.34 31.09
CA PHE B 320 -10.26 -19.68 30.62
C PHE B 320 -11.64 -19.76 29.99
N ALA B 321 -12.58 -18.93 30.46
CA ALA B 321 -13.93 -18.97 29.91
C ALA B 321 -13.92 -18.63 28.43
N LEU B 322 -13.11 -17.66 28.03
CA LEU B 322 -12.93 -17.37 26.62
C LEU B 322 -12.26 -18.56 25.93
N GLN B 323 -12.78 -18.94 24.77
CA GLN B 323 -12.21 -20.06 24.03
C GLN B 323 -10.81 -19.72 23.52
N TYR B 324 -10.49 -18.44 23.37
CA TYR B 324 -9.17 -18.05 22.91
C TYR B 324 -8.89 -16.62 23.35
N ILE B 325 -7.62 -16.34 23.59
CA ILE B 325 -7.16 -15.04 24.07
C ILE B 325 -6.03 -14.58 23.16
N ARG B 326 -6.13 -13.35 22.67
CA ARG B 326 -5.10 -12.83 21.78
C ARG B 326 -3.78 -12.70 22.54
N LYS B 327 -2.68 -12.95 21.82
CA LYS B 327 -1.36 -12.86 22.44
C LYS B 327 -1.02 -11.43 22.79
N ILE B 328 -1.19 -10.51 21.83
CA ILE B 328 -0.82 -9.12 22.06
C ILE B 328 -1.65 -8.51 23.18
N ASP B 329 -2.94 -8.83 23.22
CA ASP B 329 -3.81 -8.23 24.21
C ASP B 329 -3.52 -8.71 25.63
N LEU B 330 -2.66 -9.72 25.80
CA LEU B 330 -2.31 -10.17 27.14
C LEU B 330 -1.67 -9.06 27.96
N LYS B 331 -0.97 -8.12 27.29
CA LYS B 331 -0.32 -7.03 28.01
C LYS B 331 -1.32 -6.21 28.80
N HIS B 332 -2.57 -6.14 28.34
CA HIS B 332 -3.60 -5.42 29.08
C HIS B 332 -4.00 -6.14 30.36
N VAL B 333 -3.73 -7.45 30.46
CA VAL B 333 -4.14 -8.20 31.63
C VAL B 333 -3.32 -7.79 32.85
N PHE B 334 -2.01 -7.66 32.67
CA PHE B 334 -1.09 -7.36 33.77
C PHE B 334 -0.87 -5.87 33.99
N GLU B 335 -1.57 -5.00 33.26
CA GLU B 335 -1.38 -3.56 33.35
C GLU B 335 0.03 -3.18 32.88
N TYR B 336 0.42 -3.72 31.73
CA TYR B 336 1.66 -3.34 31.04
C TYR B 336 2.91 -3.65 31.88
N ASP B 337 2.82 -4.61 32.79
CA ASP B 337 4.02 -5.02 33.52
C ASP B 337 5.00 -5.78 32.64
N TYR B 338 4.55 -6.29 31.49
CA TYR B 338 5.38 -7.09 30.61
C TYR B 338 5.01 -6.81 29.17
N HIS B 339 5.81 -7.30 28.22
CA HIS B 339 5.49 -7.13 26.80
C HIS B 339 5.43 -8.50 26.12
N PHE B 340 4.22 -8.90 25.73
CA PHE B 340 3.99 -10.19 25.07
C PHE B 340 4.12 -10.04 23.57
N GLU B 341 5.25 -10.47 23.02
CA GLU B 341 5.38 -10.47 21.57
C GLU B 341 4.47 -11.53 20.97
N VAL B 342 4.22 -11.39 19.66
CA VAL B 342 3.25 -12.26 19.01
C VAL B 342 3.74 -13.70 18.91
N ASN B 343 5.05 -13.93 18.80
CA ASN B 343 5.53 -15.31 18.60
C ASN B 343 5.69 -16.06 19.92
N GLY B 344 5.06 -15.59 20.99
CA GLY B 344 5.18 -16.23 22.27
C GLY B 344 6.38 -15.80 23.08
N THR B 345 7.37 -15.18 22.44
CA THR B 345 8.43 -14.56 23.20
C THR B 345 7.87 -13.41 24.02
N VAL B 346 8.53 -13.12 25.13
CA VAL B 346 8.00 -12.17 26.08
C VAL B 346 9.15 -11.33 26.65
N VAL B 347 9.08 -10.01 26.47
CA VAL B 347 10.25 -9.13 26.62
C VAL B 347 10.05 -8.27 27.86
N ARG B 348 11.12 -8.15 28.65
CA ARG B 348 11.06 -7.42 29.90
C ARG B 348 10.58 -5.99 29.75
N HIS B 349 9.39 -5.68 30.25
CA HIS B 349 8.84 -4.35 30.11
C HIS B 349 9.35 -3.48 31.24
N LYS B 350 9.34 -2.17 31.04
CA LYS B 350 9.74 -1.27 32.11
C LYS B 350 8.97 -1.63 33.36
N ASN B 351 9.64 -2.20 34.35
CA ASN B 351 8.99 -2.62 35.59
C ASN B 351 10.07 -2.87 36.61
N LYS B 352 9.68 -3.01 37.88
CA LYS B 352 10.65 -3.26 38.95
C LYS B 352 10.18 -4.41 39.80
N GLY B 353 9.57 -5.41 39.17
CA GLY B 353 9.02 -6.53 39.91
C GLY B 353 9.96 -7.66 40.27
N PHE B 354 9.43 -8.69 40.93
CA PHE B 354 10.21 -9.85 41.31
C PHE B 354 10.66 -10.63 40.08
N GLY B 355 10.03 -10.36 38.94
CA GLY B 355 10.36 -11.07 37.71
C GLY B 355 9.70 -12.42 37.66
N TYR B 356 8.40 -12.46 37.91
CA TYR B 356 7.68 -13.71 38.07
C TYR B 356 7.76 -14.59 36.83
N MET B 357 7.87 -13.99 35.64
CA MET B 357 7.85 -14.79 34.42
C MET B 357 9.14 -15.56 34.22
N GLU B 358 10.29 -14.96 34.56
CA GLU B 358 11.55 -15.68 34.45
C GLU B 358 11.53 -16.91 35.36
N ARG B 359 11.06 -16.72 36.59
CA ARG B 359 10.97 -17.85 37.52
C ARG B 359 9.96 -18.88 37.05
N PHE B 360 8.84 -18.43 36.47
CA PHE B 360 7.83 -19.36 35.96
C PHE B 360 8.41 -20.24 34.86
N PHE B 361 9.11 -19.63 33.90
CA PHE B 361 9.74 -20.42 32.86
C PHE B 361 10.86 -21.29 33.43
N GLU B 362 11.50 -20.86 34.52
CA GLU B 362 12.48 -21.71 35.18
C GLU B 362 11.82 -22.97 35.72
N LEU B 363 10.65 -22.83 36.32
CA LEU B 363 9.94 -24.02 36.80
C LEU B 363 9.51 -24.87 35.62
N LYS B 364 9.14 -24.24 34.51
CA LYS B 364 8.75 -24.99 33.32
C LYS B 364 9.91 -25.82 32.78
N GLU B 365 11.12 -25.26 32.77
CA GLU B 365 12.27 -26.00 32.25
C GLU B 365 12.69 -27.12 33.18
N SER B 366 12.70 -26.88 34.49
CA SER B 366 13.22 -27.82 35.47
C SER B 366 12.07 -28.61 36.08
N CYS B 367 12.13 -29.93 35.95
CA CYS B 367 11.11 -30.77 36.56
C CYS B 367 11.30 -30.78 38.07
N ASP B 368 12.55 -30.86 38.52
CA ASP B 368 12.80 -30.92 39.96
C ASP B 368 12.25 -29.68 40.67
N GLU B 369 12.38 -28.51 40.03
CA GLU B 369 11.88 -27.28 40.64
C GLU B 369 10.37 -27.35 40.86
N ARG B 370 9.63 -27.83 39.86
CA ARG B 370 8.18 -27.94 40.00
C ARG B 370 7.76 -29.12 40.85
N SER B 371 8.64 -30.09 41.06
CA SER B 371 8.29 -31.28 41.83
C SER B 371 8.04 -30.97 43.30
N LYS B 372 8.60 -29.87 43.80
CA LYS B 372 8.46 -29.50 45.20
C LYS B 372 7.27 -28.58 45.46
N LEU B 373 6.48 -28.25 44.44
CA LEU B 373 5.32 -27.40 44.65
C LEU B 373 4.21 -28.18 45.36
N SER B 374 3.33 -27.43 46.02
CA SER B 374 2.18 -28.04 46.68
C SER B 374 1.20 -28.58 45.64
N LYS B 375 0.26 -29.41 46.12
CA LYS B 375 -0.68 -30.06 45.21
C LYS B 375 -1.52 -29.04 44.45
N LYS B 376 -2.15 -28.11 45.18
CA LYS B 376 -3.00 -27.12 44.51
C LYS B 376 -2.19 -26.20 43.62
N GLN B 377 -1.00 -25.80 44.09
CA GLN B 377 -0.13 -24.96 43.27
C GLN B 377 0.32 -25.72 42.02
N TYR B 378 0.60 -27.03 42.16
CA TYR B 378 0.99 -27.81 41.00
C TYR B 378 -0.14 -27.92 39.99
N GLU B 379 -1.38 -28.10 40.46
CA GLU B 379 -2.51 -28.14 39.55
C GLU B 379 -2.69 -26.80 38.85
N ARG B 380 -2.54 -25.70 39.58
CA ARG B 380 -2.61 -24.39 38.96
C ARG B 380 -1.53 -24.21 37.92
N PHE B 381 -0.31 -24.69 38.21
CA PHE B 381 0.77 -24.59 37.25
C PHE B 381 0.47 -25.42 36.01
N ASN B 382 -0.15 -26.58 36.19
CA ASN B 382 -0.51 -27.42 35.06
C ASN B 382 -1.54 -26.71 34.20
N ALA B 383 -2.52 -26.07 34.82
CA ALA B 383 -3.53 -25.33 34.07
C ALA B 383 -2.90 -24.17 33.31
N LEU B 384 -1.99 -23.43 33.96
CA LEU B 384 -1.33 -22.33 33.27
C LEU B 384 -0.47 -22.86 32.13
N PHE B 385 0.17 -24.01 32.33
CA PHE B 385 0.99 -24.61 31.28
C PHE B 385 0.12 -24.90 30.06
N ASN B 386 -1.02 -25.55 30.25
CA ASN B 386 -1.84 -25.92 29.09
C ASN B 386 -2.47 -24.68 28.47
N PHE B 387 -2.78 -23.66 29.27
CA PHE B 387 -3.28 -22.41 28.71
C PHE B 387 -2.23 -21.76 27.82
N PHE B 388 -1.00 -21.62 28.32
CA PHE B 388 0.04 -20.95 27.54
C PHE B 388 0.41 -21.76 26.30
N GLU B 389 0.37 -23.09 26.40
CA GLU B 389 0.60 -23.92 25.23
C GLU B 389 -0.50 -23.72 24.20
N LYS B 390 -1.76 -23.67 24.66
CA LYS B 390 -2.88 -23.43 23.77
C LYS B 390 -2.73 -22.10 23.05
N ASN B 391 -2.48 -21.03 23.80
CA ASN B 391 -2.34 -19.71 23.19
C ASN B 391 -1.15 -19.67 22.27
N GLY B 392 0.02 -20.05 22.78
CA GLY B 392 1.26 -20.03 22.01
C GLY B 392 2.39 -19.29 22.70
N VAL B 393 2.24 -19.02 23.99
CA VAL B 393 3.33 -18.43 24.76
C VAL B 393 4.33 -19.53 25.11
N ILE B 394 5.60 -19.31 24.78
CA ILE B 394 6.60 -20.37 24.84
C ILE B 394 7.57 -20.15 25.99
N CYS B 395 8.36 -19.08 25.88
CA CYS B 395 9.39 -18.84 26.87
C CYS B 395 9.94 -17.43 26.80
N MET B 396 10.88 -17.12 27.68
CA MET B 396 11.52 -15.82 27.73
C MET B 396 12.09 -15.46 26.36
N ALA B 397 12.26 -14.17 26.08
CA ALA B 397 12.89 -13.77 24.83
C ALA B 397 14.35 -14.20 24.79
N LYS B 398 15.07 -14.05 25.90
CA LYS B 398 16.49 -14.42 25.92
C LYS B 398 16.66 -15.92 25.81
N ASP B 399 15.89 -16.69 26.58
CA ASP B 399 16.02 -18.15 26.54
C ASP B 399 15.64 -18.72 25.18
N ALA B 400 14.79 -18.01 24.44
CA ALA B 400 14.37 -18.49 23.12
C ALA B 400 15.50 -18.32 22.12
N GLY B 401 15.89 -19.43 21.49
CA GLY B 401 16.88 -19.41 20.43
C GLY B 401 16.32 -19.90 19.11
N THR B 402 15.34 -20.79 19.18
CA THR B 402 14.68 -21.32 17.99
C THR B 402 13.28 -21.75 18.37
N LEU B 403 12.28 -21.17 17.70
CA LEU B 403 10.88 -21.44 17.98
C LEU B 403 10.16 -21.82 16.69
N ASN B 404 8.91 -22.24 16.84
CA ASN B 404 8.12 -22.63 15.70
C ASN B 404 6.71 -22.09 15.77
N THR B 405 6.13 -21.79 14.62
CA THR B 405 4.76 -21.27 14.52
C THR B 405 3.81 -22.44 14.25
N SER B 406 2.51 -22.11 14.26
CA SER B 406 1.49 -23.11 14.03
C SER B 406 0.22 -22.47 13.53
N ILE B 407 -0.66 -23.25 12.93
CA ILE B 407 -1.93 -22.78 12.39
C ILE B 407 -3.01 -23.81 12.76
N GLU B 408 -3.81 -23.48 13.76
CA GLU B 408 -4.75 -24.45 14.35
C GLU B 408 -6.09 -23.80 14.65
N ILE B 409 -6.64 -23.06 13.68
CA ILE B 409 -7.98 -22.50 13.87
C ILE B 409 -8.96 -23.66 13.96
N ASN B 410 -9.63 -23.78 15.13
CA ASN B 410 -10.50 -24.93 15.41
C ASN B 410 -11.97 -24.58 15.49
N SER B 411 -12.49 -23.93 14.48
CA SER B 411 -13.90 -23.61 14.36
C SER B 411 -14.52 -24.39 13.20
N LEU B 412 -15.65 -25.05 13.46
CA LEU B 412 -16.39 -25.68 12.39
C LEU B 412 -16.94 -24.64 11.41
N ALA B 413 -17.43 -23.53 11.94
CA ALA B 413 -17.92 -22.45 11.07
C ALA B 413 -16.83 -21.94 10.14
N TYR B 414 -15.59 -21.86 10.64
CA TYR B 414 -14.48 -21.46 9.79
C TYR B 414 -14.30 -22.43 8.63
N HIS B 415 -14.40 -23.73 8.92
CA HIS B 415 -14.00 -24.75 7.95
C HIS B 415 -14.94 -24.86 6.77
N GLY B 416 -16.20 -24.47 6.93
CA GLY B 416 -17.16 -24.55 5.85
C GLY B 416 -17.76 -25.93 5.65
N LYS B 417 -17.79 -26.75 6.69
CA LYS B 417 -18.39 -28.08 6.62
C LYS B 417 -19.87 -27.97 7.00
N TYR B 418 -20.65 -27.42 6.06
CA TYR B 418 -22.01 -27.01 6.35
C TYR B 418 -22.89 -28.20 6.76
N ASP B 419 -22.61 -29.39 6.25
CA ASP B 419 -23.37 -30.56 6.65
C ASP B 419 -23.19 -30.84 8.14
N VAL B 420 -21.96 -30.75 8.64
CA VAL B 420 -21.72 -30.99 10.05
C VAL B 420 -22.30 -29.86 10.89
N MET B 421 -22.26 -28.62 10.37
CA MET B 421 -22.90 -27.51 11.07
C MET B 421 -24.40 -27.76 11.24
N LYS B 422 -25.06 -28.20 10.16
CA LYS B 422 -26.48 -28.48 10.21
C LYS B 422 -26.76 -29.65 11.15
N LYS B 423 -25.91 -30.69 11.12
CA LYS B 423 -26.08 -31.80 12.03
C LYS B 423 -26.00 -31.35 13.49
N PHE B 424 -24.99 -30.54 13.80
CA PHE B 424 -24.84 -30.04 15.17
C PHE B 424 -26.04 -29.18 15.57
N ILE B 425 -26.53 -28.36 14.63
CA ILE B 425 -27.72 -27.56 14.91
C ILE B 425 -28.90 -28.46 15.23
N GLU B 426 -29.02 -29.58 14.51
CA GLU B 426 -30.11 -30.51 14.78
C GLU B 426 -29.96 -31.15 16.15
N GLU B 427 -28.72 -31.42 16.58
CA GLU B 427 -28.48 -32.02 17.88
C GLU B 427 -29.00 -31.11 18.99
N GLN B 428 -29.19 -31.70 20.17
CA GLN B 428 -29.66 -30.96 21.33
C GLN B 428 -28.52 -30.11 21.89
N SER B 429 -28.82 -29.37 22.95
CA SER B 429 -27.84 -28.51 23.61
C SER B 429 -27.91 -28.72 25.12
N VAL B 430 -26.76 -28.56 25.77
CA VAL B 430 -26.66 -28.72 27.22
C VAL B 430 -26.03 -27.53 27.90
N SER B 431 -25.28 -26.68 27.21
CA SER B 431 -24.61 -25.54 27.79
C SER B 431 -24.84 -24.31 26.93
N ILE B 432 -24.81 -23.14 27.58
CA ILE B 432 -25.00 -21.88 26.85
C ILE B 432 -23.90 -21.69 25.82
N GLU B 433 -22.72 -22.26 26.06
CA GLU B 433 -21.67 -22.23 25.05
C GLU B 433 -22.12 -22.95 23.79
N ASP B 434 -22.82 -24.08 23.94
CA ASP B 434 -23.32 -24.80 22.77
C ASP B 434 -24.35 -23.98 22.01
N ASP B 435 -25.25 -23.28 22.73
CA ASP B 435 -26.22 -22.44 22.06
C ASP B 435 -25.55 -21.28 21.34
N TYR B 436 -24.51 -20.70 21.96
CA TYR B 436 -23.74 -19.64 21.29
C TYR B 436 -23.09 -20.17 20.02
N LYS B 437 -22.50 -21.38 20.09
CA LYS B 437 -21.96 -22.02 18.91
C LYS B 437 -23.03 -22.17 17.84
N LYS B 438 -24.21 -22.65 18.23
CA LYS B 438 -25.28 -22.88 17.26
C LYS B 438 -25.77 -21.56 16.66
N ALA B 439 -25.77 -20.48 17.44
CA ALA B 439 -26.17 -19.19 16.90
C ALA B 439 -25.21 -18.73 15.83
N PHE B 440 -23.90 -18.82 16.11
CA PHE B 440 -22.92 -18.46 15.09
C PHE B 440 -23.05 -19.39 13.88
N PHE B 441 -23.34 -20.66 14.12
CA PHE B 441 -23.47 -21.62 13.03
C PHE B 441 -24.65 -21.28 12.14
N LEU B 442 -25.80 -20.97 12.75
CA LEU B 442 -26.98 -20.60 11.99
C LEU B 442 -26.73 -19.32 11.20
N ALA B 443 -26.09 -18.33 11.84
CA ALA B 443 -25.79 -17.09 11.13
C ALA B 443 -24.87 -17.34 9.95
N CYS B 444 -23.93 -18.27 10.08
CA CYS B 444 -23.07 -18.62 8.94
C CYS B 444 -23.88 -19.40 7.92
N LEU B 445 -24.90 -20.12 8.36
CA LEU B 445 -25.80 -20.84 7.47
C LEU B 445 -26.95 -19.97 6.98
N GLY B 446 -26.96 -18.69 7.32
CA GLY B 446 -27.86 -17.73 6.73
C GLY B 446 -29.22 -17.64 7.36
N ARG B 447 -29.59 -18.58 8.24
CA ARG B 447 -30.89 -18.53 8.87
C ARG B 447 -30.90 -17.40 9.90
N TRP B 448 -30.84 -16.15 9.40
CA TRP B 448 -30.61 -15.01 10.26
C TRP B 448 -31.79 -14.72 11.17
N GLU B 449 -33.00 -15.09 10.79
CA GLU B 449 -34.11 -14.98 11.72
C GLU B 449 -33.94 -15.95 12.89
N GLU B 450 -33.65 -17.21 12.57
CA GLU B 450 -33.41 -18.19 13.62
C GLU B 450 -32.19 -17.82 14.45
N SER B 451 -31.12 -17.35 13.79
CA SER B 451 -29.93 -16.96 14.52
C SER B 451 -30.21 -15.78 15.44
N TYR B 452 -30.96 -14.79 14.97
CA TYR B 452 -31.32 -13.65 15.82
C TYR B 452 -32.13 -14.10 17.01
N ASP B 453 -33.12 -14.97 16.78
CA ASP B 453 -33.95 -15.45 17.90
C ASP B 453 -33.11 -16.22 18.90
N LEU B 454 -32.20 -17.07 18.42
CA LEU B 454 -31.35 -17.84 19.33
C LEU B 454 -30.37 -16.94 20.07
N TYR B 455 -29.88 -15.87 19.43
CA TYR B 455 -29.04 -14.92 20.13
C TYR B 455 -29.82 -14.19 21.22
N SER B 456 -31.07 -13.86 20.94
CA SER B 456 -31.89 -13.22 21.95
C SER B 456 -32.09 -14.19 23.11
N ASN B 457 -32.27 -15.46 22.81
CA ASN B 457 -32.41 -16.47 23.86
C ASN B 457 -31.12 -16.57 24.65
N ILE B 458 -29.98 -16.51 23.97
CA ILE B 458 -28.69 -16.55 24.65
C ILE B 458 -28.57 -15.39 25.63
N ILE B 459 -28.96 -14.20 25.19
CA ILE B 459 -28.92 -13.03 26.08
C ILE B 459 -29.84 -13.25 27.28
N LEU B 460 -31.05 -13.74 27.03
CA LEU B 460 -32.01 -13.94 28.11
C LEU B 460 -31.50 -14.96 29.13
N ASN B 461 -30.71 -15.92 28.69
CA ASN B 461 -30.16 -16.89 29.61
C ASN B 461 -28.96 -16.30 30.31
N SER B 462 -28.10 -15.61 29.58
CA SER B 462 -26.84 -15.11 30.15
C SER B 462 -27.07 -14.03 31.18
N ILE B 463 -28.18 -13.29 31.07
CA ILE B 463 -28.43 -12.23 32.05
C ILE B 463 -28.55 -12.81 33.46
N ASP B 464 -28.95 -14.08 33.57
CA ASP B 464 -29.06 -14.76 34.86
C ASP B 464 -27.97 -15.79 35.11
N GLU B 465 -27.36 -16.34 34.06
CA GLU B 465 -26.28 -17.30 34.27
C GLU B 465 -25.03 -16.67 34.88
N SER B 466 -24.91 -15.34 34.85
CA SER B 466 -23.78 -14.63 35.43
C SER B 466 -22.48 -15.00 34.73
N ASN B 467 -22.49 -14.86 33.40
CA ASN B 467 -21.30 -15.13 32.58
C ASN B 467 -21.09 -13.85 31.77
N GLY B 468 -20.14 -13.01 32.14
CA GLY B 468 -19.94 -11.73 31.47
C GLY B 468 -19.48 -11.89 30.04
N CYS B 469 -18.56 -12.82 29.80
CA CYS B 469 -18.02 -12.97 28.45
C CYS B 469 -19.11 -13.36 27.46
N VAL B 470 -19.96 -14.31 27.81
CA VAL B 470 -20.98 -14.77 26.86
C VAL B 470 -22.01 -13.67 26.61
N TYR B 471 -22.33 -12.90 27.64
CA TYR B 471 -23.26 -11.81 27.48
C TYR B 471 -22.66 -10.74 26.56
N TYR B 472 -21.39 -10.40 26.74
CA TYR B 472 -20.74 -9.42 25.88
C TYR B 472 -20.71 -9.91 24.43
N LEU B 473 -20.25 -11.13 24.22
CA LEU B 473 -20.08 -11.63 22.86
C LEU B 473 -21.43 -11.78 22.16
N SER B 474 -22.45 -12.24 22.88
CA SER B 474 -23.77 -12.37 22.28
C SER B 474 -24.39 -11.02 21.98
N GLN B 475 -24.15 -10.01 22.82
CA GLN B 475 -24.65 -8.66 22.54
C GLN B 475 -24.01 -8.11 21.27
N ILE B 476 -22.68 -8.22 21.17
CA ILE B 476 -21.99 -7.76 19.97
C ILE B 476 -22.54 -8.50 18.75
N ASN B 477 -22.72 -9.82 18.85
CA ASN B 477 -23.13 -10.58 17.67
C ASN B 477 -24.58 -10.36 17.31
N ARG B 478 -25.45 -10.15 18.27
CA ARG B 478 -26.82 -9.78 17.94
C ARG B 478 -26.85 -8.43 17.25
N TYR B 479 -26.04 -7.48 17.70
CA TYR B 479 -25.96 -6.21 16.99
C TYR B 479 -25.45 -6.43 15.56
N ARG B 480 -24.48 -7.31 15.40
CA ARG B 480 -23.97 -7.61 14.05
C ARG B 480 -25.05 -8.25 13.19
N ILE B 481 -25.83 -9.19 13.73
CA ILE B 481 -26.86 -9.83 12.93
C ILE B 481 -27.96 -8.82 12.58
N TYR B 482 -28.28 -7.91 13.52
CA TYR B 482 -29.24 -6.85 13.19
C TYR B 482 -28.72 -5.95 12.07
N GLN B 483 -27.45 -5.55 12.15
CA GLN B 483 -26.90 -4.69 11.11
C GLN B 483 -26.90 -5.40 9.77
N SER B 484 -26.50 -6.67 9.76
CA SER B 484 -26.39 -7.39 8.49
C SER B 484 -27.76 -7.69 7.91
N ILE B 485 -28.73 -8.06 8.74
CA ILE B 485 -30.07 -8.33 8.25
C ILE B 485 -30.71 -7.05 7.72
N THR B 486 -30.49 -5.92 8.41
CA THR B 486 -31.04 -4.65 7.93
C THR B 486 -30.42 -4.25 6.60
N GLN B 487 -29.09 -4.35 6.49
CA GLN B 487 -28.45 -4.01 5.23
C GLN B 487 -28.90 -4.96 4.11
N ALA B 488 -29.03 -6.26 4.41
CA ALA B 488 -29.43 -7.22 3.40
C ALA B 488 -30.86 -6.99 2.94
N VAL B 489 -31.78 -6.69 3.86
CA VAL B 489 -33.16 -6.46 3.46
C VAL B 489 -33.28 -5.14 2.70
N THR B 490 -32.49 -4.14 3.07
CA THR B 490 -32.46 -2.92 2.28
C THR B 490 -31.98 -3.22 0.86
N GLN B 491 -30.93 -4.05 0.74
CA GLN B 491 -30.45 -4.43 -0.59
C GLN B 491 -31.51 -5.20 -1.35
N PHE B 492 -32.25 -6.08 -0.68
CA PHE B 492 -33.35 -6.78 -1.33
C PHE B 492 -34.36 -5.76 -1.85
N ASN B 493 -35.04 -5.07 -0.93
CA ASN B 493 -36.05 -4.09 -1.30
C ASN B 493 -35.60 -3.23 -2.46
N GLY B 494 -34.40 -2.67 -2.38
CA GLY B 494 -33.93 -1.80 -3.44
C GLY B 494 -33.55 -2.52 -4.71
N LEU B 495 -32.49 -3.32 -4.66
CA LEU B 495 -31.85 -3.86 -5.85
C LEU B 495 -32.37 -5.24 -6.21
N GLY B 496 -32.69 -6.07 -5.22
CA GLY B 496 -32.97 -7.47 -5.50
C GLY B 496 -34.11 -7.67 -6.47
N LEU B 497 -35.06 -6.73 -6.48
CA LEU B 497 -36.10 -6.75 -7.52
C LEU B 497 -35.45 -6.74 -8.90
N LEU B 498 -34.47 -5.87 -9.08
CA LEU B 498 -33.82 -5.69 -10.37
C LEU B 498 -32.82 -6.81 -10.67
N THR B 499 -32.10 -7.25 -9.63
CA THR B 499 -31.01 -8.21 -9.82
C THR B 499 -31.53 -9.64 -9.90
N PHE B 500 -32.23 -10.10 -8.85
CA PHE B 500 -32.75 -11.46 -8.84
C PHE B 500 -33.92 -11.63 -9.81
N GLY B 501 -34.53 -10.53 -10.24
CA GLY B 501 -35.72 -10.62 -11.06
C GLY B 501 -36.99 -10.92 -10.29
N ARG B 502 -36.93 -10.93 -8.96
CA ARG B 502 -38.09 -11.23 -8.14
C ARG B 502 -37.91 -10.55 -6.79
N HIS B 503 -39.03 -10.38 -6.08
CA HIS B 503 -39.04 -9.67 -4.81
C HIS B 503 -38.83 -10.68 -3.67
N TYR B 504 -37.56 -10.95 -3.39
CA TYR B 504 -37.22 -11.86 -2.30
C TYR B 504 -37.47 -11.17 -0.97
N LYS B 505 -38.30 -11.79 -0.14
CA LYS B 505 -38.63 -11.29 1.20
C LYS B 505 -38.55 -12.44 2.19
N PRO B 506 -37.34 -12.95 2.46
CA PRO B 506 -37.22 -14.01 3.47
C PRO B 506 -37.71 -13.58 4.84
N PHE B 507 -37.54 -12.31 5.16
CA PHE B 507 -38.02 -11.73 6.41
C PHE B 507 -39.26 -10.91 6.12
N THR B 508 -40.35 -11.21 6.82
CA THR B 508 -41.58 -10.48 6.60
C THR B 508 -41.51 -9.11 7.30
N ASP B 509 -42.44 -8.24 6.91
CA ASP B 509 -42.38 -6.86 7.39
C ASP B 509 -42.56 -6.78 8.90
N GLU B 510 -43.40 -7.63 9.47
CA GLU B 510 -43.65 -7.55 10.91
C GLU B 510 -42.40 -7.87 11.72
N PHE B 511 -41.64 -8.90 11.31
CA PHE B 511 -40.43 -9.25 12.03
C PHE B 511 -39.35 -8.18 11.86
N LEU B 512 -39.25 -7.61 10.66
CA LEU B 512 -38.29 -6.54 10.42
C LEU B 512 -38.60 -5.34 11.31
N ALA B 513 -39.88 -4.96 11.37
CA ALA B 513 -40.28 -3.88 12.27
C ALA B 513 -39.99 -4.25 13.71
N ARG B 514 -40.18 -5.52 14.07
CA ARG B 514 -39.90 -5.96 15.43
C ARG B 514 -38.45 -5.75 15.79
N ILE B 515 -37.53 -6.17 14.93
CA ILE B 515 -36.10 -6.00 15.24
C ILE B 515 -35.71 -4.54 15.18
N GLU B 516 -36.36 -3.76 14.32
CA GLU B 516 -36.06 -2.34 14.22
C GLU B 516 -36.46 -1.61 15.50
N ARG B 517 -37.57 -2.02 16.10
CA ARG B 517 -38.06 -1.38 17.31
C ARG B 517 -37.47 -1.98 18.58
N GLU B 518 -36.93 -3.20 18.52
CA GLU B 518 -36.58 -3.91 19.74
C GLU B 518 -35.50 -3.19 20.53
N MET B 519 -34.44 -2.74 19.86
CA MET B 519 -33.29 -2.13 20.52
C MET B 519 -32.89 -0.85 19.80
N THR B 520 -33.88 0.01 19.53
CA THR B 520 -33.57 1.35 19.06
C THR B 520 -32.73 2.08 20.10
N ASN B 521 -32.01 3.12 19.66
CA ASN B 521 -31.09 3.87 20.56
C ASN B 521 -30.12 2.96 21.31
N PHE B 522 -29.77 1.82 20.74
CA PHE B 522 -28.83 0.91 21.38
C PHE B 522 -27.42 1.32 20.95
N ASN B 523 -26.72 2.02 21.85
CA ASN B 523 -25.35 2.45 21.58
C ASN B 523 -24.38 1.37 22.06
N ILE B 524 -23.61 0.81 21.13
CA ILE B 524 -22.68 -0.25 21.46
C ILE B 524 -21.42 0.28 22.14
N ASP B 525 -21.05 1.53 21.88
CA ASP B 525 -19.86 2.10 22.49
C ASP B 525 -20.01 2.26 24.00
N ASP B 526 -21.23 2.30 24.51
CA ASP B 526 -21.48 2.31 25.96
C ASP B 526 -21.66 0.92 26.53
N LEU B 527 -21.60 -0.12 25.69
CA LEU B 527 -21.84 -1.48 26.17
C LEU B 527 -20.79 -1.89 27.18
N PHE B 528 -19.51 -1.68 26.85
CA PHE B 528 -18.43 -2.07 27.77
C PHE B 528 -18.53 -1.29 29.08
N ASN B 529 -18.77 0.01 28.97
CA ASN B 529 -18.86 0.85 30.16
C ASN B 529 -20.02 0.42 31.02
N GLY B 530 -21.08 -0.08 30.41
CA GLY B 530 -22.26 -0.49 31.14
C GLY B 530 -22.13 -1.79 31.91
N MET B 531 -21.04 -2.52 31.72
CA MET B 531 -20.86 -3.81 32.37
C MET B 531 -20.22 -3.64 33.73
N PRO B 532 -20.26 -4.69 34.57
CA PRO B 532 -19.78 -4.54 35.95
C PRO B 532 -18.31 -4.19 36.03
N PHE B 533 -17.85 -3.95 37.26
CA PHE B 533 -16.47 -3.55 37.49
C PHE B 533 -15.51 -4.71 37.27
N GLU B 534 -15.89 -5.91 37.71
CA GLU B 534 -14.98 -7.05 37.61
C GLU B 534 -14.67 -7.37 36.15
N PHE B 535 -15.70 -7.38 35.30
CA PHE B 535 -15.48 -7.71 33.89
C PHE B 535 -14.55 -6.69 33.23
N GLN B 536 -14.86 -5.41 33.37
CA GLN B 536 -14.04 -4.40 32.70
C GLN B 536 -12.63 -4.38 33.26
N LYS B 537 -12.48 -4.59 34.58
CA LYS B 537 -11.14 -4.65 35.16
C LYS B 537 -10.35 -5.83 34.61
N LYS B 538 -10.98 -7.00 34.50
CA LYS B 538 -10.26 -8.22 34.09
C LYS B 538 -10.41 -8.57 32.60
N TYR B 539 -11.33 -7.91 31.89
CA TYR B 539 -11.45 -8.12 30.45
C TYR B 539 -11.20 -6.81 29.71
N LYS B 540 -10.10 -6.13 30.05
CA LYS B 540 -9.65 -5.02 29.23
C LYS B 540 -9.29 -5.48 27.82
N ILE B 541 -9.00 -6.78 27.65
CA ILE B 541 -8.83 -7.34 26.32
C ILE B 541 -10.07 -7.11 25.46
N LEU B 542 -11.26 -7.18 26.06
CA LEU B 542 -12.50 -7.13 25.32
C LEU B 542 -13.04 -5.71 25.13
N GLU B 543 -12.32 -4.68 25.58
CA GLU B 543 -12.62 -3.33 25.13
C GLU B 543 -12.49 -3.21 23.62
N PHE B 544 -11.67 -4.06 23.00
CA PHE B 544 -11.43 -3.95 21.57
C PHE B 544 -12.70 -4.04 20.74
N LEU B 545 -13.59 -4.97 21.05
CA LEU B 545 -14.76 -5.21 20.20
C LEU B 545 -15.88 -4.21 20.45
N SER B 546 -16.02 -3.72 21.69
CA SER B 546 -17.22 -3.00 22.09
C SER B 546 -17.48 -1.74 21.27
N ASP B 547 -16.45 -1.16 20.66
CA ASP B 547 -16.64 0.03 19.85
C ASP B 547 -17.54 -0.29 18.66
N ASN B 548 -18.22 0.71 18.11
CA ASN B 548 -19.01 0.50 16.90
C ASN B 548 -18.04 0.08 15.83
N GLN B 549 -16.98 0.87 15.63
CA GLN B 549 -15.96 0.47 14.68
C GLN B 549 -15.00 -0.52 15.33
N PHE B 550 -15.39 -1.79 15.39
CA PHE B 550 -14.47 -2.80 15.90
C PHE B 550 -13.36 -2.84 14.89
N LEU B 551 -12.19 -3.41 15.23
CA LEU B 551 -11.04 -3.35 14.33
C LEU B 551 -10.77 -1.87 14.10
N TYR B 552 -10.32 -1.18 15.13
CA TYR B 552 -9.99 0.24 15.01
C TYR B 552 -8.50 0.35 15.27
N ASP B 553 -8.07 0.04 16.49
CA ASP B 553 -6.66 0.03 16.81
C ASP B 553 -5.90 -0.97 15.94
N ASP B 554 -6.45 -2.17 15.79
CA ASP B 554 -5.77 -3.20 15.00
C ASP B 554 -5.67 -2.79 13.54
N THR B 555 -6.64 -2.04 13.02
CA THR B 555 -6.53 -1.55 11.65
C THR B 555 -5.39 -0.55 11.53
N VAL B 556 -5.22 0.33 12.51
CA VAL B 556 -4.12 1.30 12.45
C VAL B 556 -2.78 0.59 12.59
N LYS B 557 -2.71 -0.42 13.46
CA LYS B 557 -1.47 -1.19 13.60
C LYS B 557 -1.15 -1.95 12.31
N LEU B 558 -2.17 -2.50 11.66
CA LEU B 558 -1.95 -3.14 10.37
C LEU B 558 -1.50 -2.11 9.33
N PHE B 559 -2.04 -0.89 9.41
CA PHE B 559 -1.63 0.16 8.48
C PHE B 559 -0.17 0.50 8.66
N GLU B 560 0.28 0.64 9.91
CA GLU B 560 1.68 1.02 10.15
C GLU B 560 2.62 -0.15 9.85
N LEU B 561 2.19 -1.38 10.13
CA LEU B 561 3.00 -2.54 9.75
C LEU B 561 3.07 -2.67 8.24
N THR B 562 1.99 -2.34 7.55
CA THR B 562 2.02 -2.31 6.09
C THR B 562 3.00 -1.25 5.61
N ASN B 563 2.99 -0.09 6.25
CA ASN B 563 3.93 0.96 5.89
C ASN B 563 5.33 0.43 6.06
N LYS B 564 5.65 -0.15 7.21
CA LYS B 564 7.00 -0.65 7.48
C LYS B 564 7.39 -1.72 6.47
N VAL B 565 6.46 -2.62 6.13
CA VAL B 565 6.76 -3.67 5.15
C VAL B 565 7.04 -3.05 3.79
N ARG B 566 6.24 -2.06 3.38
CA ARG B 566 6.48 -1.41 2.10
C ARG B 566 7.81 -0.66 2.10
N SER B 567 8.16 -0.05 3.24
CA SER B 567 9.46 0.58 3.36
C SER B 567 10.58 -0.44 3.20
N GLU B 568 10.42 -1.62 3.81
CA GLU B 568 11.40 -2.68 3.65
C GLU B 568 11.50 -3.11 2.20
N MET B 569 10.37 -3.23 1.50
CA MET B 569 10.39 -3.63 0.11
C MET B 569 11.11 -2.60 -0.75
N SER B 570 10.81 -1.31 -0.52
CA SER B 570 11.46 -0.26 -1.30
C SER B 570 12.95 -0.22 -1.03
N GLU B 571 13.34 -0.33 0.23
CA GLU B 571 14.76 -0.27 0.59
C GLU B 571 15.48 -1.57 0.24
N GLY B 572 14.77 -2.69 0.23
CA GLY B 572 15.44 -3.99 0.20
C GLY B 572 16.18 -4.27 1.49
N SER B 573 15.61 -3.86 2.62
CA SER B 573 16.25 -4.04 3.92
C SER B 573 15.99 -5.45 4.45
N TYR B 574 16.92 -5.92 5.27
CA TYR B 574 16.85 -7.24 5.89
C TYR B 574 16.40 -7.09 7.33
N SER B 575 15.43 -7.90 7.73
CA SER B 575 14.86 -7.85 9.07
C SER B 575 15.35 -9.05 9.87
N PHE B 576 15.87 -8.77 11.05
CA PHE B 576 16.37 -9.79 11.97
C PHE B 576 15.36 -10.00 13.10
N GLY B 577 15.54 -11.10 13.82
CA GLY B 577 14.58 -11.44 14.85
C GLY B 577 13.23 -11.75 14.22
N MET B 578 12.22 -11.01 14.66
CA MET B 578 10.87 -11.16 14.14
C MET B 578 10.61 -10.05 13.12
N SER B 579 10.48 -10.44 11.84
CA SER B 579 10.27 -9.47 10.79
C SER B 579 8.89 -8.82 10.94
N SER B 580 8.67 -7.77 10.15
CA SER B 580 7.36 -7.13 10.12
C SER B 580 6.30 -8.08 9.59
N ASP B 581 6.66 -8.86 8.56
CA ASP B 581 5.71 -9.79 7.98
C ASP B 581 5.31 -10.86 9.00
N ILE B 582 6.26 -11.33 9.80
CA ILE B 582 5.95 -12.35 10.79
C ILE B 582 4.96 -11.81 11.82
N VAL B 583 5.17 -10.58 12.28
CA VAL B 583 4.29 -10.04 13.31
C VAL B 583 2.90 -9.78 12.74
N VAL B 584 2.81 -9.24 11.53
CA VAL B 584 1.48 -8.99 10.97
C VAL B 584 0.77 -10.30 10.67
N LEU B 585 1.51 -11.33 10.24
CA LEU B 585 0.92 -12.65 10.03
C LEU B 585 0.41 -13.23 11.33
N LEU B 586 1.20 -13.14 12.39
CA LEU B 586 0.76 -13.68 13.67
C LEU B 586 -0.44 -12.92 14.20
N ARG B 587 -0.48 -11.59 14.01
CA ARG B 587 -1.65 -10.83 14.44
C ARG B 587 -2.88 -11.20 13.64
N LEU B 588 -2.71 -11.38 12.32
CA LEU B 588 -3.78 -11.88 11.46
C LEU B 588 -4.36 -13.17 12.01
N TYR B 589 -3.49 -14.14 12.27
CA TYR B 589 -3.93 -15.46 12.71
C TYR B 589 -4.50 -15.39 14.12
N ASP B 590 -3.97 -14.51 14.96
CA ASP B 590 -4.51 -14.32 16.29
C ASP B 590 -5.93 -13.78 16.24
N ASN B 591 -6.17 -12.78 15.39
CA ASN B 591 -7.51 -12.24 15.23
C ASN B 591 -8.46 -13.27 14.67
N LEU B 592 -8.02 -14.01 13.65
CA LEU B 592 -8.86 -15.04 13.05
C LEU B 592 -9.25 -16.08 14.09
N ARG B 593 -8.27 -16.62 14.80
CA ARG B 593 -8.57 -17.60 15.85
C ARG B 593 -9.46 -17.01 16.91
N PHE B 594 -9.18 -15.77 17.34
CA PHE B 594 -9.98 -15.16 18.39
C PHE B 594 -11.45 -15.11 18.00
N LEU B 595 -11.74 -14.54 16.83
CA LEU B 595 -13.13 -14.31 16.48
C LEU B 595 -13.84 -15.58 16.03
N TYR B 596 -13.13 -16.56 15.47
CA TYR B 596 -13.81 -17.78 15.06
C TYR B 596 -13.98 -18.76 16.22
N GLU B 597 -12.92 -18.98 17.00
CA GLU B 597 -13.02 -19.86 18.15
C GLU B 597 -13.96 -19.31 19.20
N ASN B 598 -13.96 -17.99 19.41
CA ASN B 598 -14.92 -17.39 20.34
C ASN B 598 -16.27 -17.20 19.66
N CYS B 599 -16.40 -17.51 18.37
CA CYS B 599 -17.69 -17.46 17.66
C CYS B 599 -18.28 -16.06 17.50
N LEU B 600 -17.47 -15.09 17.13
CA LEU B 600 -17.94 -13.72 16.93
C LEU B 600 -18.48 -13.60 15.51
N TRP B 601 -19.75 -13.20 15.39
CA TRP B 601 -20.38 -13.02 14.09
C TRP B 601 -19.78 -11.85 13.30
N SER B 602 -18.94 -11.03 13.95
CA SER B 602 -18.36 -9.87 13.27
C SER B 602 -17.46 -10.27 12.10
N VAL B 603 -17.07 -11.53 12.00
CA VAL B 603 -16.20 -11.94 10.90
C VAL B 603 -16.91 -11.87 9.55
N SER B 604 -18.24 -11.86 9.54
CA SER B 604 -19.01 -11.81 8.30
C SER B 604 -19.18 -10.40 7.76
N PHE B 605 -18.69 -9.38 8.45
CA PHE B 605 -18.89 -8.00 8.06
C PHE B 605 -17.79 -7.51 7.14
N HIS B 606 -18.04 -6.37 6.51
CA HIS B 606 -17.07 -5.82 5.58
C HIS B 606 -15.84 -5.28 6.30
N GLU B 607 -15.99 -4.92 7.57
CA GLU B 607 -14.86 -4.43 8.34
C GLU B 607 -13.81 -5.51 8.48
N PHE B 608 -14.22 -6.67 8.97
CA PHE B 608 -13.31 -7.80 9.16
C PHE B 608 -12.92 -8.45 7.83
N HIS B 609 -13.84 -8.47 6.86
CA HIS B 609 -13.47 -8.96 5.53
C HIS B 609 -12.35 -8.12 4.94
N GLN B 610 -12.47 -6.80 5.04
CA GLN B 610 -11.42 -5.90 4.56
C GLN B 610 -10.14 -6.07 5.36
N TYR B 611 -10.27 -6.27 6.68
CA TYR B 611 -9.10 -6.45 7.52
C TYR B 611 -8.30 -7.68 7.09
N ILE B 612 -8.97 -8.83 6.98
CA ILE B 612 -8.29 -10.04 6.54
C ILE B 612 -7.81 -9.92 5.12
N ARG B 613 -8.56 -9.22 4.26
CA ARG B 613 -8.12 -9.01 2.90
C ARG B 613 -6.79 -8.27 2.85
N ASN B 614 -6.71 -7.20 3.64
CA ASN B 614 -5.48 -6.42 3.70
C ASN B 614 -4.34 -7.22 4.31
N SER B 615 -4.63 -7.99 5.35
CA SER B 615 -3.58 -8.79 6.00
C SER B 615 -3.06 -9.88 5.07
N MET B 616 -3.97 -10.69 4.52
CA MET B 616 -3.56 -11.77 3.63
C MET B 616 -2.88 -11.24 2.38
N SER B 617 -3.38 -10.13 1.83
CA SER B 617 -2.73 -9.54 0.67
C SER B 617 -1.31 -9.15 1.06
N LEU B 618 -1.16 -8.48 2.19
CA LEU B 618 0.16 -8.05 2.63
C LEU B 618 1.10 -9.24 2.74
N LEU B 619 0.63 -10.32 3.36
CA LEU B 619 1.46 -11.52 3.46
C LEU B 619 1.83 -12.04 2.08
N ILE B 620 0.86 -12.06 1.16
CA ILE B 620 1.10 -12.65 -0.15
C ILE B 620 2.04 -11.80 -0.98
N GLU B 621 1.90 -10.47 -0.91
CA GLU B 621 2.80 -9.60 -1.67
C GLU B 621 4.20 -9.60 -1.06
N LYS B 622 4.29 -9.66 0.27
CA LYS B 622 5.58 -9.82 0.90
C LYS B 622 6.23 -11.14 0.49
N ALA B 623 5.45 -12.22 0.43
CA ALA B 623 5.97 -13.49 -0.04
C ALA B 623 6.41 -13.41 -1.49
N GLU B 624 5.68 -12.61 -2.28
CA GLU B 624 6.05 -12.42 -3.68
C GLU B 624 7.43 -11.79 -3.71
N TYR B 625 7.63 -10.74 -2.92
CA TYR B 625 8.93 -10.09 -2.87
C TYR B 625 10.00 -11.05 -2.38
N GLU B 626 9.72 -11.80 -1.32
CA GLU B 626 10.71 -12.66 -0.70
C GLU B 626 11.08 -13.85 -1.57
N ARG B 627 10.20 -14.25 -2.49
CA ARG B 627 10.55 -15.33 -3.41
C ARG B 627 11.75 -14.94 -4.26
N THR B 628 11.82 -13.67 -4.67
CA THR B 628 13.00 -13.11 -5.34
C THR B 628 13.34 -11.83 -4.59
N ARG B 629 14.03 -11.98 -3.46
CA ARG B 629 14.45 -10.82 -2.68
C ARG B 629 15.95 -10.70 -2.83
N ASP B 630 16.49 -9.56 -2.44
CA ASP B 630 17.93 -9.32 -2.58
C ASP B 630 18.73 -10.30 -1.74
N ILE B 631 19.77 -10.87 -2.34
CA ILE B 631 20.55 -11.91 -1.70
C ILE B 631 21.65 -11.28 -0.85
N ASP B 632 22.57 -10.56 -1.51
CA ASP B 632 23.66 -9.80 -0.89
C ASP B 632 24.77 -10.68 -0.31
N GLU B 633 24.63 -12.00 -0.30
CA GLU B 633 25.59 -12.97 0.24
C GLU B 633 25.62 -13.00 1.76
N LEU B 634 24.89 -12.12 2.44
CA LEU B 634 24.89 -12.05 3.90
C LEU B 634 23.57 -12.49 4.52
N GLY B 635 22.44 -12.13 3.91
CA GLY B 635 21.16 -12.52 4.47
C GLY B 635 20.96 -14.01 4.51
N PHE B 636 21.28 -14.70 3.41
CA PHE B 636 21.14 -16.15 3.37
C PHE B 636 22.16 -16.85 4.25
N SER B 637 23.28 -16.20 4.56
CA SER B 637 24.29 -16.82 5.41
C SER B 637 23.93 -16.80 6.89
N PHE B 638 23.04 -15.91 7.31
CA PHE B 638 22.70 -15.82 8.73
C PHE B 638 21.85 -17.00 9.18
N PHE B 639 20.90 -17.43 8.34
CA PHE B 639 19.99 -18.51 8.67
C PHE B 639 20.03 -19.56 7.56
N GLY B 640 19.68 -20.79 7.93
CA GLY B 640 19.74 -21.90 6.99
C GLY B 640 18.49 -21.98 6.15
N LYS B 641 18.67 -22.14 4.84
CA LYS B 641 17.56 -22.26 3.88
C LYS B 641 16.72 -20.98 3.97
N LYS B 642 15.40 -21.07 3.95
CA LYS B 642 14.55 -19.89 4.00
C LYS B 642 13.19 -20.30 4.54
N SER B 643 12.60 -19.42 5.36
CA SER B 643 11.25 -19.63 5.89
C SER B 643 10.21 -19.09 4.90
N GLY B 644 10.21 -19.68 3.72
CA GLY B 644 9.33 -19.23 2.65
C GLY B 644 7.87 -19.41 2.99
N PHE B 645 7.04 -18.60 2.34
CA PHE B 645 5.60 -18.60 2.55
C PHE B 645 4.96 -19.63 1.62
N PHE B 646 4.24 -20.58 2.20
CA PHE B 646 3.48 -21.58 1.45
C PHE B 646 2.03 -21.52 1.89
N MET B 647 1.12 -21.64 0.91
CA MET B 647 -0.30 -21.47 1.15
C MET B 647 -0.90 -22.80 1.57
N GLU B 648 -1.28 -22.90 2.85
CA GLU B 648 -1.85 -24.10 3.41
C GLU B 648 -3.37 -24.00 3.38
N TYR B 649 -4.04 -24.95 4.03
CA TYR B 649 -5.50 -24.99 4.02
C TYR B 649 -6.10 -23.75 4.69
N TYR B 650 -5.55 -23.35 5.83
CA TYR B 650 -6.13 -22.21 6.55
C TYR B 650 -5.99 -20.93 5.74
N ASP B 651 -4.86 -20.75 5.06
CA ASP B 651 -4.71 -19.61 4.17
C ASP B 651 -5.71 -19.69 3.02
N PHE B 652 -5.96 -20.89 2.51
CA PHE B 652 -6.94 -21.06 1.43
C PHE B 652 -8.32 -20.65 1.90
N VAL B 653 -8.72 -21.10 3.09
CA VAL B 653 -10.02 -20.71 3.62
C VAL B 653 -10.09 -19.20 3.79
N ASN B 654 -9.02 -18.61 4.31
CA ASN B 654 -8.99 -17.15 4.51
C ASN B 654 -9.20 -16.42 3.21
N ILE B 655 -8.41 -16.74 2.20
CA ILE B 655 -8.50 -16.04 0.93
C ILE B 655 -9.86 -16.26 0.29
N SER B 656 -10.34 -17.51 0.28
CA SER B 656 -11.60 -17.80 -0.39
C SER B 656 -12.76 -17.09 0.29
N ARG B 657 -12.91 -17.26 1.61
CA ARG B 657 -14.05 -16.67 2.29
C ARG B 657 -13.97 -15.15 2.31
N HIS B 658 -12.86 -14.61 2.83
CA HIS B 658 -12.83 -13.20 3.23
C HIS B 658 -12.56 -12.25 2.08
N PHE B 659 -12.16 -12.74 0.91
CA PHE B 659 -12.00 -11.88 -0.25
C PHE B 659 -13.30 -11.82 -1.03
N LYS B 660 -13.36 -10.82 -1.92
CA LYS B 660 -14.44 -10.74 -2.87
C LYS B 660 -13.68 -11.23 -4.10
N ILE B 661 -14.36 -11.50 -5.20
CA ILE B 661 -13.73 -12.08 -6.38
C ILE B 661 -12.80 -11.07 -7.04
N ASP B 662 -13.24 -9.82 -7.13
CA ASP B 662 -12.39 -8.76 -7.68
C ASP B 662 -11.09 -8.64 -6.89
N ASP B 663 -11.14 -8.88 -5.59
CA ASP B 663 -9.91 -8.84 -4.79
C ASP B 663 -8.97 -9.96 -5.20
N ILE B 664 -9.51 -11.15 -5.48
CA ILE B 664 -8.65 -12.26 -5.90
C ILE B 664 -8.03 -11.96 -7.27
N LYS B 665 -8.78 -11.26 -8.12
CA LYS B 665 -8.25 -10.88 -9.43
C LYS B 665 -7.15 -9.86 -9.23
N ASN B 666 -7.30 -8.99 -8.23
CA ASN B 666 -6.28 -8.01 -7.89
C ASN B 666 -5.02 -8.74 -7.47
N LEU B 667 -5.16 -9.73 -6.59
CA LEU B 667 -4.01 -10.50 -6.14
C LEU B 667 -3.31 -11.19 -7.30
N GLU B 668 -4.08 -11.77 -8.22
CA GLU B 668 -3.48 -12.41 -9.39
C GLU B 668 -2.72 -11.38 -10.24
N ARG B 669 -3.30 -10.20 -10.42
CA ARG B 669 -2.65 -9.18 -11.25
C ARG B 669 -1.37 -8.66 -10.60
N SER B 670 -1.38 -8.50 -9.27
CA SER B 670 -0.21 -7.97 -8.58
C SER B 670 0.80 -9.07 -8.27
N CYS B 671 0.38 -10.09 -7.55
CA CYS B 671 1.27 -11.18 -7.19
C CYS B 671 1.20 -12.29 -8.22
N SER B 672 1.87 -13.41 -7.97
CA SER B 672 1.86 -14.58 -8.86
C SER B 672 1.61 -15.80 -7.98
N ILE B 673 0.33 -16.14 -7.80
CA ILE B 673 -0.04 -17.21 -6.87
C ILE B 673 0.33 -18.59 -7.40
N ASP B 674 0.45 -18.75 -8.72
CA ASP B 674 0.82 -20.05 -9.27
C ASP B 674 2.25 -20.43 -8.95
N LYS B 675 3.10 -19.46 -8.60
CA LYS B 675 4.51 -19.72 -8.38
C LYS B 675 4.83 -20.14 -6.94
N ILE B 676 3.91 -19.97 -6.00
CA ILE B 676 4.12 -20.41 -4.63
C ILE B 676 3.69 -21.86 -4.50
N ARG B 677 4.10 -22.51 -3.41
CA ARG B 677 3.77 -23.90 -3.15
C ARG B 677 2.51 -24.01 -2.29
N PHE B 678 1.70 -25.01 -2.58
CA PHE B 678 0.49 -25.31 -1.84
C PHE B 678 0.67 -26.58 -1.04
N GLY B 679 0.02 -26.64 0.13
CA GLY B 679 0.10 -27.81 0.98
C GLY B 679 -1.28 -28.15 1.54
N GLU B 680 -1.35 -29.33 2.17
CA GLU B 680 -2.60 -29.85 2.71
C GLU B 680 -3.66 -29.97 1.62
N GLN B 681 -3.30 -30.65 0.53
CA GLN B 681 -4.23 -30.82 -0.58
C GLN B 681 -5.48 -31.59 -0.16
N GLU B 682 -5.33 -32.53 0.78
CA GLU B 682 -6.49 -33.28 1.24
C GLU B 682 -7.49 -32.36 1.93
N LYS B 683 -7.00 -31.43 2.76
CA LYS B 683 -7.90 -30.50 3.44
C LYS B 683 -8.60 -29.58 2.45
N ILE B 684 -7.87 -29.10 1.44
CA ILE B 684 -8.50 -28.23 0.46
C ILE B 684 -9.52 -29.00 -0.36
N GLU B 685 -9.24 -30.26 -0.66
CA GLU B 685 -10.21 -31.09 -1.36
C GLU B 685 -11.47 -31.28 -0.53
N GLU B 686 -11.31 -31.50 0.78
CA GLU B 686 -12.47 -31.60 1.65
C GLU B 686 -13.28 -30.31 1.64
N TYR B 687 -12.59 -29.16 1.71
CA TYR B 687 -13.26 -27.86 1.69
C TYR B 687 -14.05 -27.67 0.40
N LEU B 688 -13.42 -27.96 -0.74
CA LEU B 688 -14.07 -27.76 -2.03
C LEU B 688 -15.22 -28.73 -2.23
N VAL B 689 -15.07 -29.98 -1.78
CA VAL B 689 -16.18 -30.93 -1.88
C VAL B 689 -17.33 -30.47 -1.01
N GLY B 690 -17.06 -29.99 0.19
CA GLY B 690 -18.12 -29.45 1.02
C GLY B 690 -18.85 -28.31 0.31
N ILE B 691 -18.10 -27.41 -0.31
CA ILE B 691 -18.71 -26.28 -1.01
C ILE B 691 -19.60 -26.77 -2.15
N ALA B 692 -19.05 -27.65 -3.00
CA ALA B 692 -19.75 -28.08 -4.20
C ALA B 692 -21.01 -28.86 -3.85
N GLU B 693 -20.90 -29.81 -2.92
CA GLU B 693 -22.07 -30.57 -2.51
C GLU B 693 -23.08 -29.70 -1.77
N GLU B 694 -22.62 -28.65 -1.08
CA GLU B 694 -23.57 -27.74 -0.45
C GLU B 694 -24.40 -27.02 -1.50
N ILE B 695 -23.75 -26.43 -2.51
CA ILE B 695 -24.50 -25.71 -3.53
C ILE B 695 -25.39 -26.67 -4.32
N THR B 696 -24.91 -27.88 -4.58
CA THR B 696 -25.74 -28.85 -5.29
C THR B 696 -26.96 -29.24 -4.46
N LYS B 697 -26.77 -29.50 -3.17
CA LYS B 697 -27.87 -29.91 -2.31
C LYS B 697 -28.90 -28.79 -2.18
N GLN B 698 -28.44 -27.55 -2.02
CA GLN B 698 -29.36 -26.44 -1.77
C GLN B 698 -30.06 -26.00 -3.05
N PHE B 699 -29.28 -25.67 -4.07
CA PHE B 699 -29.85 -25.14 -5.30
C PHE B 699 -30.66 -26.17 -6.08
N SER B 700 -30.38 -27.46 -5.89
CA SER B 700 -31.18 -28.49 -6.54
C SER B 700 -32.58 -28.36 -5.99
N ALA B 701 -32.69 -28.22 -4.68
CA ALA B 701 -33.99 -28.10 -4.04
C ALA B 701 -34.59 -26.76 -4.35
N ASN B 702 -35.91 -26.74 -4.55
CA ASN B 702 -36.58 -25.47 -4.78
C ASN B 702 -36.36 -24.61 -3.55
N GLY B 703 -36.31 -25.24 -2.38
CA GLY B 703 -36.06 -24.52 -1.15
C GLY B 703 -34.62 -24.06 -1.07
N MET B 704 -34.41 -22.77 -0.82
CA MET B 704 -33.07 -22.22 -0.68
C MET B 704 -33.17 -20.95 0.12
N ASN B 705 -32.58 -20.94 1.30
CA ASN B 705 -32.57 -19.73 2.10
C ASN B 705 -31.85 -18.68 1.28
N VAL B 706 -32.55 -17.63 0.87
CA VAL B 706 -31.93 -16.64 0.00
C VAL B 706 -30.88 -15.84 0.74
N VAL B 707 -31.08 -15.55 2.03
CA VAL B 707 -30.07 -14.81 2.77
C VAL B 707 -28.80 -15.65 2.91
N PHE B 708 -28.95 -16.96 3.11
CA PHE B 708 -27.78 -17.82 3.06
C PHE B 708 -27.15 -17.76 1.68
N TYR B 709 -27.95 -17.69 0.63
CA TYR B 709 -27.40 -17.58 -0.71
C TYR B 709 -26.56 -16.33 -0.85
N THR B 710 -27.03 -15.20 -0.30
CA THR B 710 -26.24 -13.98 -0.37
C THR B 710 -24.96 -14.08 0.45
N GLN B 711 -25.05 -14.68 1.65
CA GLN B 711 -23.88 -14.82 2.51
C GLN B 711 -22.92 -15.93 2.07
N PHE B 712 -23.34 -16.79 1.15
CA PHE B 712 -22.60 -17.98 0.76
C PHE B 712 -22.04 -17.90 -0.64
N ILE B 713 -22.78 -17.32 -1.58
CA ILE B 713 -22.38 -17.36 -2.98
C ILE B 713 -21.05 -16.67 -3.19
N SER B 714 -20.76 -15.63 -2.40
CA SER B 714 -19.43 -15.02 -2.46
C SER B 714 -18.36 -16.04 -2.10
N GLU B 715 -18.55 -16.74 -0.99
CA GLU B 715 -17.55 -17.72 -0.57
C GLU B 715 -17.39 -18.81 -1.62
N ALA B 716 -18.51 -19.40 -2.05
CA ALA B 716 -18.43 -20.49 -3.00
C ALA B 716 -17.82 -20.03 -4.32
N LYS B 717 -18.18 -18.84 -4.78
CA LYS B 717 -17.59 -18.27 -5.98
C LYS B 717 -16.09 -18.15 -5.83
N ALA B 718 -15.64 -17.58 -4.70
CA ALA B 718 -14.21 -17.39 -4.49
C ALA B 718 -13.49 -18.72 -4.37
N ALA B 719 -14.09 -19.71 -3.70
CA ALA B 719 -13.45 -21.01 -3.57
C ALA B 719 -13.27 -21.67 -4.93
N LEU B 720 -14.32 -21.68 -5.74
CA LEU B 720 -14.22 -22.31 -7.06
C LEU B 720 -13.31 -21.50 -7.99
N TYR B 721 -13.18 -20.20 -7.75
CA TYR B 721 -12.30 -19.36 -8.55
C TYR B 721 -10.84 -19.55 -8.17
N PHE B 722 -10.57 -19.74 -6.88
CA PHE B 722 -9.23 -19.84 -6.32
C PHE B 722 -8.74 -21.29 -6.24
N ALA B 723 -9.58 -22.26 -6.58
CA ALA B 723 -9.13 -23.64 -6.71
C ALA B 723 -8.34 -23.92 -7.98
N LYS B 724 -7.95 -22.88 -8.73
CA LYS B 724 -7.09 -23.08 -9.88
C LYS B 724 -5.76 -23.70 -9.50
N TYR B 725 -5.27 -23.39 -8.30
CA TYR B 725 -3.91 -23.72 -7.89
C TYR B 725 -3.82 -24.98 -7.05
N VAL B 726 -4.90 -25.77 -6.99
CA VAL B 726 -4.98 -26.92 -6.11
C VAL B 726 -5.18 -28.17 -6.95
N LYS B 727 -4.65 -29.29 -6.46
CA LYS B 727 -4.87 -30.60 -7.04
C LYS B 727 -6.03 -31.27 -6.33
N LEU B 728 -6.88 -31.95 -7.10
CA LEU B 728 -8.10 -32.55 -6.58
C LEU B 728 -8.23 -33.97 -7.12
N SER B 729 -8.90 -34.81 -6.35
CA SER B 729 -9.16 -36.17 -6.80
C SER B 729 -10.19 -36.16 -7.93
N GLU B 730 -10.19 -37.24 -8.72
CA GLU B 730 -11.13 -37.33 -9.82
C GLU B 730 -12.57 -37.30 -9.31
N GLU B 731 -12.83 -37.93 -8.17
CA GLU B 731 -14.16 -37.87 -7.57
C GLU B 731 -14.53 -36.43 -7.20
N GLY B 732 -13.66 -35.77 -6.45
CA GLY B 732 -13.95 -34.41 -6.03
C GLY B 732 -14.01 -33.46 -7.20
N LEU B 733 -13.09 -33.60 -8.15
CA LEU B 733 -13.13 -32.75 -9.34
C LEU B 733 -14.43 -32.94 -10.10
N GLY B 734 -14.86 -34.19 -10.28
CA GLY B 734 -16.10 -34.43 -11.00
C GLY B 734 -17.30 -33.81 -10.31
N LYS B 735 -17.39 -33.99 -8.99
CA LYS B 735 -18.51 -33.42 -8.26
C LYS B 735 -18.49 -31.89 -8.32
N ILE B 736 -17.31 -31.30 -8.17
CA ILE B 736 -17.21 -29.85 -8.19
C ILE B 736 -17.62 -29.30 -9.54
N VAL B 737 -17.12 -29.89 -10.64
CA VAL B 737 -17.47 -29.37 -11.95
C VAL B 737 -18.93 -29.60 -12.25
N LYS B 738 -19.50 -30.72 -11.79
CA LYS B 738 -20.94 -30.92 -11.98
C LYS B 738 -21.73 -29.82 -11.30
N ALA B 739 -21.38 -29.51 -10.04
CA ALA B 739 -22.09 -28.42 -9.36
C ALA B 739 -21.89 -27.09 -10.08
N LEU B 740 -20.66 -26.81 -10.50
CA LEU B 740 -20.36 -25.56 -11.19
C LEU B 740 -21.18 -25.42 -12.47
N LEU B 741 -21.29 -26.49 -13.25
CA LEU B 741 -21.95 -26.42 -14.54
C LEU B 741 -23.46 -26.51 -14.45
N PHE B 742 -24.01 -27.13 -13.40
CA PHE B 742 -25.44 -27.33 -13.30
C PHE B 742 -26.11 -26.40 -12.30
N TYR B 743 -25.69 -26.40 -11.03
CA TYR B 743 -26.49 -25.82 -9.96
C TYR B 743 -25.99 -24.46 -9.47
N PHE B 744 -24.91 -23.93 -10.06
CA PHE B 744 -24.54 -22.57 -9.70
C PHE B 744 -25.64 -21.77 -10.37
N PRO B 745 -26.19 -20.76 -9.69
CA PRO B 745 -27.36 -20.11 -10.30
C PRO B 745 -26.99 -19.20 -11.45
N GLU B 746 -27.94 -19.03 -12.38
CA GLU B 746 -27.70 -18.19 -13.54
C GLU B 746 -27.52 -16.74 -13.16
N ARG B 747 -28.19 -16.28 -12.09
CA ARG B 747 -28.14 -14.88 -11.72
C ARG B 747 -26.73 -14.46 -11.31
N ASP B 748 -26.07 -15.27 -10.49
CA ASP B 748 -24.76 -14.95 -9.94
C ASP B 748 -23.61 -15.57 -10.70
N LEU B 749 -23.88 -16.34 -11.76
CA LEU B 749 -22.80 -16.88 -12.57
C LEU B 749 -23.35 -17.13 -13.97
N ASP B 750 -22.83 -16.39 -14.95
CA ASP B 750 -23.29 -16.49 -16.33
C ASP B 750 -22.43 -17.48 -17.10
N ILE B 751 -22.78 -17.69 -18.37
CA ILE B 751 -22.14 -18.75 -19.16
C ILE B 751 -20.65 -18.47 -19.34
N GLY B 752 -20.28 -17.23 -19.62
CA GLY B 752 -18.87 -16.94 -19.84
C GLY B 752 -18.04 -17.13 -18.59
N LYS B 753 -18.54 -16.63 -17.46
CA LYS B 753 -17.86 -16.84 -16.19
C LYS B 753 -17.81 -18.33 -15.86
N ARG B 754 -18.87 -19.05 -16.17
CA ARG B 754 -18.90 -20.49 -15.89
C ARG B 754 -17.80 -21.21 -16.67
N TYR B 755 -17.69 -20.92 -17.96
CA TYR B 755 -16.67 -21.58 -18.76
C TYR B 755 -15.27 -21.22 -18.30
N VAL B 756 -15.02 -19.94 -18.03
CA VAL B 756 -13.65 -19.57 -17.67
C VAL B 756 -13.30 -20.13 -16.30
N TRP B 757 -14.27 -20.23 -15.38
CA TRP B 757 -13.98 -20.82 -14.07
C TRP B 757 -13.73 -22.31 -14.18
N LEU B 758 -14.50 -23.03 -15.00
CA LEU B 758 -14.19 -24.43 -15.24
C LEU B 758 -12.79 -24.57 -15.83
N GLU B 759 -12.47 -23.73 -16.81
CA GLU B 759 -11.16 -23.80 -17.46
C GLU B 759 -10.05 -23.57 -16.44
N ARG B 760 -10.29 -22.68 -15.49
CA ARG B 760 -9.33 -22.48 -14.40
C ARG B 760 -9.25 -23.72 -13.52
N LEU B 761 -10.39 -24.33 -13.21
CA LEU B 761 -10.40 -25.51 -12.36
C LEU B 761 -9.63 -26.68 -12.97
N THR B 762 -9.50 -26.71 -14.29
CA THR B 762 -8.79 -27.80 -14.97
C THR B 762 -7.33 -27.47 -15.25
N LYS B 763 -6.65 -26.87 -14.29
CA LYS B 763 -5.24 -26.55 -14.44
C LYS B 763 -4.34 -27.66 -13.91
N CYS B 764 -4.37 -27.93 -12.60
CA CYS B 764 -3.49 -28.94 -12.01
C CYS B 764 -3.89 -30.34 -12.40
N ASN B 765 -5.16 -30.53 -12.75
CA ASN B 765 -5.67 -31.85 -13.12
C ASN B 765 -6.30 -31.77 -14.50
N GLU B 766 -5.91 -32.66 -15.40
CA GLU B 766 -6.46 -32.70 -16.75
C GLU B 766 -7.87 -33.28 -16.68
N LEU B 767 -8.47 -33.52 -17.85
CA LEU B 767 -9.85 -33.93 -17.93
C LEU B 767 -9.94 -35.44 -18.06
N PRO B 768 -10.41 -36.17 -17.05
CA PRO B 768 -10.75 -37.58 -17.25
C PRO B 768 -12.09 -37.70 -17.96
N LYS B 769 -12.52 -38.95 -18.15
CA LYS B 769 -13.76 -39.20 -18.89
C LYS B 769 -14.97 -38.66 -18.15
N SER B 770 -14.93 -38.62 -16.81
CA SER B 770 -16.08 -38.15 -16.05
C SER B 770 -16.36 -36.68 -16.34
N ILE B 771 -15.32 -35.86 -16.44
CA ILE B 771 -15.54 -34.43 -16.65
C ILE B 771 -16.17 -34.17 -18.01
N ILE B 772 -15.63 -34.80 -19.05
CA ILE B 772 -16.17 -34.59 -20.39
C ILE B 772 -17.60 -35.15 -20.45
N SER B 773 -17.88 -36.23 -19.72
CA SER B 773 -19.24 -36.74 -19.68
C SER B 773 -20.19 -35.73 -19.04
N ILE B 774 -19.77 -35.10 -17.94
CA ILE B 774 -20.66 -34.14 -17.27
C ILE B 774 -20.84 -32.89 -18.12
N ILE B 775 -19.79 -32.46 -18.84
CA ILE B 775 -19.94 -31.33 -19.74
C ILE B 775 -20.88 -31.68 -20.89
N ASP B 776 -20.82 -32.93 -21.33
CA ASP B 776 -21.74 -33.37 -22.35
C ASP B 776 -23.15 -33.22 -21.81
N ASP B 777 -23.38 -33.74 -20.61
CA ASP B 777 -24.72 -33.69 -20.03
C ASP B 777 -25.21 -32.26 -19.91
N PHE B 778 -24.35 -31.34 -19.44
CA PHE B 778 -24.76 -29.94 -19.31
C PHE B 778 -25.09 -29.33 -20.66
N LEU B 779 -24.26 -29.57 -21.68
CA LEU B 779 -24.50 -29.00 -22.99
C LEU B 779 -25.77 -29.58 -23.60
N VAL B 780 -26.04 -30.86 -23.37
CA VAL B 780 -27.28 -31.45 -23.87
C VAL B 780 -28.48 -30.83 -23.18
N LEU B 781 -28.38 -30.58 -21.87
CA LEU B 781 -29.47 -29.90 -21.17
C LEU B 781 -29.70 -28.50 -21.74
N GLN B 782 -28.62 -27.76 -22.02
CA GLN B 782 -28.78 -26.44 -22.60
C GLN B 782 -29.42 -26.51 -23.97
N ALA B 783 -29.02 -27.49 -24.79
CA ALA B 783 -29.65 -27.66 -26.10
C ALA B 783 -31.13 -27.97 -25.95
N GLU B 784 -31.48 -28.82 -24.98
CA GLU B 784 -32.89 -29.16 -24.76
C GLU B 784 -33.68 -27.92 -24.36
N LYS B 785 -33.10 -27.07 -23.52
CA LYS B 785 -33.80 -25.87 -23.08
C LYS B 785 -33.83 -24.79 -24.15
N HIS B 786 -32.93 -24.84 -25.13
CA HIS B 786 -32.84 -23.80 -26.16
C HIS B 786 -33.89 -23.94 -27.26
N ILE B 787 -34.91 -24.78 -27.08
CA ILE B 787 -35.97 -24.89 -28.07
C ILE B 787 -36.81 -23.62 -28.10
N ASP B 788 -37.03 -23.00 -26.95
CA ASP B 788 -37.98 -21.90 -26.85
C ASP B 788 -37.54 -20.71 -27.70
N GLN B 789 -38.50 -20.12 -28.41
CA GLN B 789 -38.25 -18.98 -29.29
C GLN B 789 -37.93 -17.71 -28.53
N ASN B 790 -38.26 -17.64 -27.24
CA ASN B 790 -38.01 -16.45 -26.41
C ASN B 790 -36.91 -16.72 -25.40
N TYR B 791 -35.84 -17.38 -25.82
CA TYR B 791 -34.72 -17.70 -24.96
C TYR B 791 -33.43 -17.51 -25.74
N SER B 792 -32.49 -16.76 -25.16
CA SER B 792 -31.22 -16.47 -25.82
C SER B 792 -30.10 -16.54 -24.79
N GLU B 793 -28.89 -16.76 -25.28
CA GLU B 793 -27.71 -16.88 -24.43
C GLU B 793 -27.08 -15.51 -24.23
N VAL B 794 -26.91 -15.12 -22.97
CA VAL B 794 -26.27 -13.86 -22.59
C VAL B 794 -25.04 -14.19 -21.76
N SER B 795 -23.89 -13.63 -22.13
CA SER B 795 -22.62 -13.89 -21.49
C SER B 795 -22.05 -12.60 -20.94
N SER B 796 -21.71 -12.60 -19.65
CA SER B 796 -21.06 -11.44 -19.06
C SER B 796 -19.62 -11.33 -19.54
N ASN B 797 -18.89 -12.45 -19.57
CA ASN B 797 -17.50 -12.43 -19.98
C ASN B 797 -17.41 -12.32 -21.50
N GLY B 798 -18.30 -12.98 -22.22
CA GLY B 798 -18.28 -13.01 -23.68
C GLY B 798 -17.85 -14.36 -24.22
N LEU B 799 -18.14 -15.44 -23.48
CA LEU B 799 -17.82 -16.80 -23.87
C LEU B 799 -19.08 -17.64 -23.72
N TYR B 800 -19.36 -18.47 -24.72
CA TYR B 800 -20.61 -19.21 -24.83
C TYR B 800 -20.34 -20.71 -24.82
N SER B 801 -21.39 -21.49 -25.09
CA SER B 801 -21.28 -22.94 -25.09
C SER B 801 -20.39 -23.46 -26.22
N ARG B 802 -20.16 -22.65 -27.26
CA ARG B 802 -19.17 -23.03 -28.26
C ARG B 802 -17.81 -23.20 -27.63
N ASP B 803 -17.51 -22.44 -26.57
CA ASP B 803 -16.25 -22.62 -25.86
C ASP B 803 -16.26 -23.90 -25.01
N TYR B 804 -17.41 -24.30 -24.49
CA TYR B 804 -17.50 -25.63 -23.87
C TYR B 804 -17.14 -26.71 -24.86
N GLY B 805 -17.73 -26.65 -26.06
CA GLY B 805 -17.41 -27.62 -27.09
C GLY B 805 -15.94 -27.59 -27.48
N ALA B 806 -15.38 -26.38 -27.62
CA ALA B 806 -13.97 -26.25 -27.95
C ALA B 806 -13.09 -26.84 -26.85
N LEU B 807 -13.48 -26.65 -25.59
CA LEU B 807 -12.76 -27.24 -24.48
C LEU B 807 -12.74 -28.76 -24.58
N ILE B 808 -13.92 -29.37 -24.77
CA ILE B 808 -13.99 -30.82 -24.86
C ILE B 808 -13.15 -31.31 -26.03
N LYS B 809 -13.29 -30.68 -27.19
CA LYS B 809 -12.61 -31.17 -28.38
C LYS B 809 -11.10 -30.95 -28.29
N HIS B 810 -10.66 -29.92 -27.57
CA HIS B 810 -9.23 -29.73 -27.38
C HIS B 810 -8.67 -30.75 -26.41
N PHE B 811 -9.42 -31.07 -25.35
CA PHE B 811 -8.96 -32.06 -24.39
C PHE B 811 -9.35 -33.48 -24.78
N GLU B 812 -10.15 -33.66 -25.83
CA GLU B 812 -10.46 -35.00 -26.36
C GLU B 812 -10.66 -34.82 -27.87
N LYS B 813 -9.59 -35.05 -28.62
CA LYS B 813 -9.62 -34.80 -30.07
C LYS B 813 -10.65 -35.69 -30.75
N ASN B 814 -10.64 -36.99 -30.40
CA ASN B 814 -11.61 -37.92 -30.95
C ASN B 814 -12.75 -38.05 -29.98
N PHE B 815 -13.81 -37.29 -30.19
CA PHE B 815 -14.96 -37.30 -29.29
C PHE B 815 -16.21 -36.92 -30.08
N ILE B 816 -17.31 -37.61 -29.78
CA ILE B 816 -18.62 -37.31 -30.34
C ILE B 816 -19.66 -37.60 -29.26
N SER B 817 -20.86 -37.04 -29.43
CA SER B 817 -21.95 -37.19 -28.47
C SER B 817 -23.15 -37.79 -29.18
N LYS B 818 -23.65 -38.90 -28.65
CA LYS B 818 -24.83 -39.54 -29.22
C LYS B 818 -26.10 -38.79 -28.83
N ARG B 819 -26.09 -38.11 -27.68
CA ARG B 819 -27.26 -37.34 -27.27
C ARG B 819 -27.49 -36.17 -28.22
N LEU B 820 -26.42 -35.43 -28.54
CA LEU B 820 -26.56 -34.34 -29.50
C LEU B 820 -26.91 -34.87 -30.88
N SER B 821 -26.33 -36.00 -31.28
CA SER B 821 -26.64 -36.57 -32.59
C SER B 821 -28.11 -36.93 -32.69
N GLU B 822 -28.67 -37.56 -31.65
CA GLU B 822 -30.06 -37.98 -31.71
C GLU B 822 -31.03 -36.82 -31.52
N ILE B 823 -30.64 -35.78 -30.78
CA ILE B 823 -31.51 -34.61 -30.69
C ILE B 823 -31.47 -33.83 -32.00
N THR B 824 -30.36 -33.91 -32.74
CA THR B 824 -30.30 -33.27 -34.05
C THR B 824 -31.06 -34.06 -35.10
N LEU B 825 -31.04 -35.40 -35.01
CA LEU B 825 -31.72 -36.21 -36.01
C LEU B 825 -33.23 -35.97 -36.03
N CYS B 826 -33.79 -35.44 -34.93
CA CYS B 826 -35.23 -35.18 -34.83
C CYS B 826 -35.53 -33.68 -34.88
N LEU B 827 -34.80 -32.95 -35.72
CA LEU B 827 -34.97 -31.51 -35.86
C LEU B 827 -35.85 -31.18 -37.06
N THR B 828 -36.42 -29.98 -37.03
CA THR B 828 -37.29 -29.50 -38.09
C THR B 828 -36.92 -28.07 -38.44
N GLN B 829 -37.28 -27.66 -39.66
CA GLN B 829 -36.99 -26.31 -40.12
C GLN B 829 -37.74 -25.25 -39.31
N ASP B 830 -38.83 -25.62 -38.64
CA ASP B 830 -39.58 -24.65 -37.86
C ASP B 830 -38.75 -24.07 -36.72
N LYS B 831 -38.01 -24.93 -36.02
CA LYS B 831 -37.21 -24.52 -34.85
C LYS B 831 -35.87 -24.01 -35.35
N GLN B 832 -35.86 -22.73 -35.76
CA GLN B 832 -34.67 -22.15 -36.37
C GLN B 832 -33.61 -21.80 -35.32
N LYS B 833 -34.04 -21.31 -34.16
CA LYS B 833 -33.07 -20.91 -33.13
C LYS B 833 -32.25 -22.09 -32.65
N GLN B 834 -32.88 -23.25 -32.48
CA GLN B 834 -32.15 -24.44 -32.06
C GLN B 834 -31.13 -24.85 -33.13
N ILE B 835 -31.50 -24.72 -34.41
CA ILE B 835 -30.56 -24.99 -35.49
C ILE B 835 -29.36 -24.05 -35.39
N ASP B 836 -29.63 -22.76 -35.19
CA ASP B 836 -28.55 -21.79 -35.10
C ASP B 836 -27.64 -22.08 -33.92
N PHE B 837 -28.22 -22.46 -32.79
CA PHE B 837 -27.41 -22.79 -31.62
C PHE B 837 -26.55 -24.02 -31.86
N LEU B 838 -27.16 -25.09 -32.36
CA LEU B 838 -26.43 -26.33 -32.62
C LEU B 838 -25.41 -26.18 -33.74
N PHE B 839 -25.49 -25.11 -34.53
CA PHE B 839 -24.48 -24.86 -35.54
C PHE B 839 -23.09 -24.73 -34.90
N LYS B 840 -23.01 -24.19 -33.68
CA LYS B 840 -21.72 -24.06 -33.02
C LYS B 840 -21.13 -25.43 -32.66
N LEU B 841 -21.97 -26.35 -32.21
CA LEU B 841 -21.51 -27.67 -31.75
C LEU B 841 -21.52 -28.69 -32.89
N LEU B 842 -20.89 -28.30 -34.01
CA LEU B 842 -20.82 -29.19 -35.16
C LEU B 842 -19.85 -30.35 -34.92
N PRO B 843 -18.60 -30.11 -34.50
CA PRO B 843 -17.69 -31.25 -34.27
C PRO B 843 -18.16 -32.20 -33.18
N LEU B 844 -19.09 -31.78 -32.32
CA LEU B 844 -19.66 -32.66 -31.32
C LEU B 844 -20.77 -33.55 -31.88
N LEU B 845 -21.08 -33.45 -33.16
CA LEU B 845 -22.11 -34.25 -33.80
C LEU B 845 -21.48 -35.41 -34.57
N SER B 846 -22.34 -36.35 -34.98
CA SER B 846 -21.95 -37.46 -35.82
C SER B 846 -22.03 -37.07 -37.30
N THR B 847 -21.54 -37.96 -38.17
CA THR B 847 -21.48 -37.65 -39.59
C THR B 847 -22.89 -37.46 -40.18
N ASN B 848 -23.83 -38.32 -39.78
CA ASN B 848 -25.19 -38.21 -40.29
C ASN B 848 -25.80 -36.90 -39.82
N ALA B 849 -25.65 -36.58 -38.54
CA ALA B 849 -26.16 -35.33 -38.01
C ALA B 849 -25.49 -34.13 -38.68
N LYS B 850 -24.19 -34.23 -38.95
CA LYS B 850 -23.49 -33.15 -39.64
C LYS B 850 -24.07 -32.93 -41.03
N SER B 851 -24.31 -34.02 -41.76
CA SER B 851 -24.88 -33.89 -43.10
C SER B 851 -26.27 -33.29 -43.06
N HIS B 852 -27.09 -33.72 -42.11
CA HIS B 852 -28.44 -33.22 -42.00
C HIS B 852 -28.41 -31.74 -41.66
N LEU B 853 -27.55 -31.35 -40.74
CA LEU B 853 -27.46 -29.95 -40.32
C LEU B 853 -26.97 -29.07 -41.45
N LEU B 854 -25.99 -29.54 -42.23
CA LEU B 854 -25.54 -28.79 -43.39
C LEU B 854 -26.65 -28.64 -44.41
N SER B 855 -27.41 -29.71 -44.64
CA SER B 855 -28.50 -29.63 -45.62
C SER B 855 -29.58 -28.65 -45.19
N PHE B 856 -29.90 -28.62 -43.88
CA PHE B 856 -31.02 -27.84 -43.40
C PHE B 856 -30.75 -26.34 -43.37
N LYS B 857 -29.48 -25.92 -43.48
CA LYS B 857 -29.19 -24.50 -43.36
C LYS B 857 -27.84 -24.20 -44.01
N SER B 858 -27.71 -22.98 -44.52
CA SER B 858 -26.50 -22.47 -45.13
C SER B 858 -25.84 -21.45 -44.18
N VAL B 859 -24.77 -20.83 -44.67
CA VAL B 859 -23.95 -19.92 -43.86
C VAL B 859 -24.10 -18.49 -44.35
N GLU B 860 -25.25 -18.16 -44.93
CA GLU B 860 -25.48 -16.84 -45.52
C GLU B 860 -25.81 -15.86 -44.40
N ASN B 861 -24.78 -15.51 -43.63
CA ASN B 861 -24.94 -14.59 -42.50
C ASN B 861 -23.55 -14.27 -41.98
N ILE B 862 -23.42 -13.21 -41.17
CA ILE B 862 -22.14 -12.82 -40.60
C ILE B 862 -21.81 -13.63 -39.35
N ASN B 863 -22.81 -13.88 -38.49
CA ASN B 863 -22.59 -14.67 -37.30
C ASN B 863 -22.41 -16.12 -37.73
N ASP B 864 -23.18 -16.58 -38.70
CA ASP B 864 -22.97 -17.91 -39.25
C ASP B 864 -21.57 -18.04 -39.81
N LEU B 865 -21.09 -16.99 -40.49
CA LEU B 865 -19.72 -17.01 -41.01
C LEU B 865 -18.71 -17.14 -39.89
N MET B 866 -18.88 -16.36 -38.82
CA MET B 866 -17.90 -16.41 -37.73
C MET B 866 -17.91 -17.77 -37.04
N ASN B 867 -19.10 -18.34 -36.86
CA ASN B 867 -19.22 -19.64 -36.21
C ASN B 867 -18.60 -20.71 -37.11
N GLY B 868 -18.84 -20.63 -38.41
CA GLY B 868 -18.29 -21.62 -39.33
C GLY B 868 -16.78 -21.58 -39.36
N ILE B 869 -16.19 -20.39 -39.43
CA ILE B 869 -14.72 -20.31 -39.45
C ILE B 869 -14.15 -20.74 -38.11
N ARG B 870 -14.84 -20.43 -37.01
CA ARG B 870 -14.29 -20.71 -35.69
C ARG B 870 -14.11 -22.21 -35.47
N ILE B 871 -15.12 -23.00 -35.81
CA ILE B 871 -15.06 -24.44 -35.59
C ILE B 871 -14.54 -25.13 -36.85
N GLY B 872 -13.95 -24.37 -37.77
CA GLY B 872 -13.21 -24.94 -38.87
C GLY B 872 -14.05 -25.45 -40.03
N LEU B 873 -15.30 -25.02 -40.15
CA LEU B 873 -16.12 -25.47 -41.27
C LEU B 873 -15.56 -24.97 -42.60
N ILE B 874 -15.06 -23.73 -42.63
CA ILE B 874 -14.60 -23.08 -43.85
C ILE B 874 -13.13 -22.73 -43.66
N ASP B 875 -12.28 -23.26 -44.53
CA ASP B 875 -10.86 -22.94 -44.51
C ASP B 875 -10.53 -21.69 -45.31
N GLU B 876 -11.40 -21.27 -46.22
CA GLU B 876 -11.21 -20.06 -47.01
C GLU B 876 -12.55 -19.36 -47.16
N PHE B 877 -12.47 -18.06 -47.47
CA PHE B 877 -13.66 -17.23 -47.63
C PHE B 877 -14.11 -17.30 -49.09
N THR B 878 -15.28 -17.89 -49.32
CA THR B 878 -15.84 -18.01 -50.66
C THR B 878 -16.35 -16.67 -51.14
N PRO B 879 -16.62 -16.51 -52.44
CA PRO B 879 -17.20 -15.25 -52.91
C PRO B 879 -18.49 -14.88 -52.21
N GLU B 880 -19.31 -15.86 -51.81
CA GLU B 880 -20.52 -15.55 -51.08
C GLU B 880 -20.20 -14.87 -49.75
N HIS B 881 -19.20 -15.38 -49.03
CA HIS B 881 -18.89 -14.84 -47.71
C HIS B 881 -18.34 -13.43 -47.80
N GLU B 882 -17.37 -13.21 -48.71
CA GLU B 882 -16.81 -11.88 -48.85
C GLU B 882 -17.85 -10.90 -49.36
N GLU B 883 -18.74 -11.34 -50.27
CA GLU B 883 -19.83 -10.48 -50.70
C GLU B 883 -20.75 -10.12 -49.54
N LEU B 884 -21.05 -11.09 -48.68
CA LEU B 884 -21.93 -10.83 -47.55
C LEU B 884 -21.31 -9.84 -46.58
N ILE B 885 -20.04 -10.02 -46.25
CA ILE B 885 -19.41 -9.08 -45.31
C ILE B 885 -19.27 -7.71 -45.95
N ILE B 886 -19.02 -7.65 -47.26
CA ILE B 886 -18.98 -6.35 -47.94
C ILE B 886 -20.33 -5.66 -47.86
N GLU B 887 -21.41 -6.41 -48.05
CA GLU B 887 -22.75 -5.83 -47.92
C GLU B 887 -23.02 -5.34 -46.50
N TYR B 888 -22.63 -6.14 -45.49
CA TYR B 888 -22.85 -5.73 -44.12
C TYR B 888 -22.07 -4.45 -43.81
N LEU B 889 -20.82 -4.38 -44.28
CA LEU B 889 -20.03 -3.18 -44.07
C LEU B 889 -20.59 -1.99 -44.84
N GLU B 890 -21.20 -2.24 -46.01
CA GLU B 890 -21.85 -1.14 -46.73
C GLU B 890 -23.03 -0.58 -45.95
N THR B 891 -23.89 -1.46 -45.41
CA THR B 891 -25.02 -0.95 -44.64
C THR B 891 -24.55 -0.22 -43.38
N ARG B 892 -23.51 -0.75 -42.73
CA ARG B 892 -22.97 -0.03 -41.57
C ARG B 892 -22.34 1.30 -41.98
N LYS B 893 -21.72 1.38 -43.15
CA LYS B 893 -21.12 2.62 -43.61
C LYS B 893 -22.18 3.67 -43.92
N VAL B 894 -23.28 3.28 -44.56
CA VAL B 894 -24.34 4.24 -44.81
C VAL B 894 -24.99 4.65 -43.48
N ASN B 895 -25.01 3.74 -42.50
CA ASN B 895 -25.53 4.11 -41.19
C ASN B 895 -24.60 5.14 -40.60
N TYR B 896 -23.29 4.97 -40.75
CA TYR B 896 -22.31 5.95 -40.29
C TYR B 896 -22.52 7.30 -40.95
N ILE B 897 -22.77 7.29 -42.26
CA ILE B 897 -22.99 8.53 -43.00
C ILE B 897 -24.23 9.24 -42.46
N VAL B 898 -25.29 8.48 -42.21
CA VAL B 898 -26.51 9.07 -41.66
C VAL B 898 -26.27 9.59 -40.25
N GLU B 899 -25.45 8.88 -39.48
CA GLU B 899 -25.25 9.19 -38.06
C GLU B 899 -24.22 10.28 -37.82
N LYS B 900 -23.45 10.68 -38.83
CA LYS B 900 -22.49 11.78 -38.64
C LYS B 900 -23.18 13.01 -38.04
N GLU B 901 -24.33 13.39 -38.60
CA GLU B 901 -25.09 14.50 -38.03
C GLU B 901 -25.57 14.18 -36.63
N LYS B 902 -26.03 12.95 -36.40
CA LYS B 902 -26.49 12.54 -35.08
C LYS B 902 -25.35 12.21 -34.13
N GLY B 903 -24.17 11.92 -34.65
CA GLY B 903 -23.01 11.57 -33.83
C GLY B 903 -22.35 10.27 -34.24
N ILE B 904 -21.04 10.19 -34.06
CA ILE B 904 -20.28 9.01 -34.46
C ILE B 904 -20.58 7.87 -33.49
N GLN B 905 -20.79 6.67 -34.04
CA GLN B 905 -21.05 5.47 -33.25
C GLN B 905 -20.24 4.32 -33.83
N THR B 906 -19.25 3.86 -33.08
CA THR B 906 -18.54 2.61 -33.43
C THR B 906 -18.10 1.95 -32.11
N PHE B 907 -18.98 1.09 -31.57
CA PHE B 907 -18.60 0.18 -30.50
C PHE B 907 -19.08 -1.24 -30.74
N SER B 908 -20.27 -1.41 -31.32
CA SER B 908 -20.90 -2.73 -31.34
C SER B 908 -20.23 -3.64 -32.36
N SER B 909 -20.13 -3.19 -33.61
CA SER B 909 -19.56 -4.02 -34.66
C SER B 909 -18.04 -3.97 -34.70
N ASN B 910 -17.43 -3.09 -33.88
CA ASN B 910 -15.96 -2.91 -33.92
C ASN B 910 -15.25 -4.24 -33.77
N ASP B 911 -15.82 -5.19 -33.04
CA ASP B 911 -15.27 -6.54 -33.00
C ASP B 911 -15.11 -7.09 -34.41
N TYR B 912 -16.15 -6.97 -35.22
CA TYR B 912 -16.10 -7.51 -36.58
C TYR B 912 -15.22 -6.67 -37.48
N MET B 913 -15.19 -5.34 -37.28
CA MET B 913 -14.21 -4.54 -38.03
C MET B 913 -12.77 -4.97 -37.72
N SER B 914 -12.45 -5.17 -36.44
CA SER B 914 -11.12 -5.62 -36.09
C SER B 914 -10.82 -6.98 -36.73
N THR B 915 -11.81 -7.88 -36.69
CA THR B 915 -11.61 -9.20 -37.27
C THR B 915 -11.35 -9.10 -38.77
N PHE B 916 -12.14 -8.28 -39.49
CA PHE B 916 -11.93 -8.11 -40.91
C PHE B 916 -10.57 -7.50 -41.21
N GLY B 917 -10.17 -6.51 -40.42
CA GLY B 917 -8.87 -5.89 -40.64
C GLY B 917 -7.74 -6.88 -40.46
N ILE B 918 -7.81 -7.72 -39.42
CA ILE B 918 -6.74 -8.70 -39.21
C ILE B 918 -6.76 -9.73 -40.33
N TRP B 919 -7.96 -10.12 -40.77
CA TRP B 919 -8.06 -11.05 -41.89
C TRP B 919 -7.41 -10.48 -43.14
N TYR B 920 -7.63 -9.20 -43.41
CA TYR B 920 -6.94 -8.55 -44.52
C TYR B 920 -5.44 -8.58 -44.30
N PHE B 921 -4.99 -8.35 -43.06
CA PHE B 921 -3.57 -8.41 -42.75
C PHE B 921 -3.03 -9.82 -42.98
N LEU B 922 -3.82 -10.84 -42.65
CA LEU B 922 -3.36 -12.23 -42.69
C LEU B 922 -3.61 -12.89 -44.04
N GLU B 923 -3.82 -12.10 -45.11
CA GLU B 923 -4.01 -12.65 -46.45
C GLU B 923 -5.21 -13.61 -46.48
N GLU B 924 -6.24 -13.29 -45.71
CA GLU B 924 -7.47 -14.09 -45.68
C GLU B 924 -8.49 -13.56 -46.68
N ILE B 925 -8.66 -12.24 -46.73
CA ILE B 925 -9.56 -11.58 -47.67
C ILE B 925 -8.70 -11.02 -48.80
N ASN B 926 -8.98 -11.44 -50.04
CA ASN B 926 -8.18 -11.03 -51.21
C ASN B 926 -8.98 -10.18 -52.18
N ASN B 927 -9.72 -9.20 -51.63
CA ASN B 927 -10.51 -8.30 -52.45
C ASN B 927 -10.03 -6.87 -52.22
N SER B 928 -9.75 -6.15 -53.31
CA SER B 928 -9.22 -4.79 -53.20
C SER B 928 -10.30 -3.78 -52.84
N LYS B 929 -11.58 -4.17 -52.82
CA LYS B 929 -12.64 -3.27 -52.37
C LYS B 929 -12.51 -2.90 -50.90
N MET B 930 -11.72 -3.65 -50.13
CA MET B 930 -11.66 -3.42 -48.69
C MET B 930 -11.08 -2.04 -48.36
N GLU B 931 -10.25 -1.50 -49.25
CA GLU B 931 -9.61 -0.21 -48.99
C GLU B 931 -10.63 0.93 -48.91
N GLU B 932 -11.77 0.78 -49.58
CA GLU B 932 -12.71 1.89 -49.70
C GLU B 932 -13.29 2.33 -48.36
N PHE B 933 -13.26 1.49 -47.34
CA PHE B 933 -13.91 1.73 -46.06
C PHE B 933 -12.90 2.00 -44.95
N ILE B 934 -11.87 2.78 -45.27
CA ILE B 934 -10.97 3.32 -44.24
C ILE B 934 -11.56 4.63 -43.74
N GLY B 935 -11.48 4.86 -42.43
CA GLY B 935 -12.01 6.07 -41.84
C GLY B 935 -12.58 5.91 -40.45
N MET B 936 -12.75 4.65 -40.02
CA MET B 936 -13.22 4.37 -38.66
C MET B 936 -12.00 3.85 -37.90
N ASP B 937 -11.70 4.44 -36.75
CA ASP B 937 -10.52 4.08 -35.97
C ASP B 937 -10.94 3.21 -34.78
N ASP B 938 -11.21 1.95 -35.11
CA ASP B 938 -11.60 0.91 -34.14
C ASP B 938 -10.78 -0.34 -34.38
N GLN B 939 -9.47 -0.14 -34.55
CA GLN B 939 -8.57 -1.25 -34.92
C GLN B 939 -8.78 -1.56 -36.40
N TYR B 940 -9.36 -0.61 -37.15
CA TYR B 940 -9.54 -0.81 -38.59
C TYR B 940 -8.29 -0.36 -39.31
N ASP B 941 -7.95 0.93 -39.21
CA ASP B 941 -6.77 1.47 -39.86
C ASP B 941 -5.54 0.80 -39.30
N PHE B 942 -5.58 0.43 -38.03
CA PHE B 942 -4.47 -0.29 -37.42
C PHE B 942 -3.99 -1.42 -38.34
N PHE B 943 -4.93 -2.22 -38.84
CA PHE B 943 -4.58 -3.44 -39.55
C PHE B 943 -4.60 -3.27 -41.07
N VAL B 944 -5.63 -2.61 -41.61
CA VAL B 944 -5.74 -2.49 -43.06
C VAL B 944 -4.66 -1.57 -43.61
N ASP B 945 -4.47 -0.42 -42.99
CA ASP B 945 -3.49 0.58 -43.43
C ASP B 945 -2.69 1.04 -42.23
N PRO B 946 -1.75 0.22 -41.74
CA PRO B 946 -0.94 0.63 -40.59
C PRO B 946 -0.16 1.92 -40.84
N GLU B 947 0.29 2.15 -42.07
CA GLU B 947 1.04 3.37 -42.37
C GLU B 947 0.19 4.61 -42.16
N ASN B 948 -1.08 4.54 -42.58
CA ASN B 948 -1.96 5.70 -42.49
C ASN B 948 -2.58 5.90 -41.12
N PHE B 949 -2.52 4.88 -40.27
CA PHE B 949 -3.14 4.98 -38.96
C PHE B 949 -2.44 6.02 -38.11
N ASP B 950 -3.21 6.75 -37.31
CA ASP B 950 -2.67 7.77 -36.42
C ASP B 950 -2.34 7.09 -35.09
N TYR B 951 -1.04 6.93 -34.82
CA TYR B 951 -0.59 6.13 -33.69
C TYR B 951 -0.89 6.78 -32.33
N LYS B 952 -1.06 8.10 -32.28
CA LYS B 952 -1.44 8.73 -31.02
C LYS B 952 -2.81 8.28 -30.54
N LYS B 953 -3.62 7.68 -31.41
CA LYS B 953 -4.89 7.07 -31.02
C LYS B 953 -4.73 5.63 -30.56
N PHE B 954 -3.51 5.09 -30.57
CA PHE B 954 -3.27 3.72 -30.12
C PHE B 954 -3.63 3.59 -28.64
N ILE B 955 -4.23 2.47 -28.29
CA ILE B 955 -4.53 2.11 -26.90
C ILE B 955 -3.64 0.95 -26.52
N PRO B 956 -2.93 0.99 -25.39
CA PRO B 956 -2.06 -0.15 -25.05
C PRO B 956 -2.81 -1.44 -24.82
N SER B 957 -4.07 -1.38 -24.36
CA SER B 957 -4.81 -2.59 -24.01
C SER B 957 -5.15 -3.45 -25.22
N TRP B 958 -4.94 -2.95 -26.44
CA TRP B 958 -5.18 -3.75 -27.64
C TRP B 958 -4.16 -4.87 -27.82
N LEU B 959 -3.11 -4.93 -27.00
CA LEU B 959 -2.13 -6.01 -27.06
C LEU B 959 -2.42 -7.12 -26.07
N LYS B 960 -3.40 -6.96 -25.19
CA LYS B 960 -3.78 -8.04 -24.28
C LYS B 960 -4.60 -9.10 -25.02
N ASN B 961 -5.39 -8.69 -26.00
CA ASN B 961 -6.29 -9.63 -26.64
C ASN B 961 -5.70 -10.47 -27.76
N TYR B 962 -4.62 -10.03 -28.39
CA TYR B 962 -4.15 -10.75 -29.57
C TYR B 962 -3.41 -12.03 -29.19
N ASN B 963 -3.65 -13.08 -29.98
CA ASN B 963 -3.03 -14.37 -29.70
C ASN B 963 -1.58 -14.36 -30.14
N ASP B 964 -0.85 -15.44 -29.87
CA ASP B 964 0.58 -15.46 -30.15
C ASP B 964 0.86 -15.56 -31.65
N LYS B 965 -0.04 -16.18 -32.41
CA LYS B 965 0.14 -16.19 -33.86
C LYS B 965 0.05 -14.77 -34.42
N LEU B 966 -0.98 -14.03 -34.02
CA LEU B 966 -1.13 -12.67 -34.49
C LEU B 966 -0.07 -11.76 -33.91
N LEU B 967 0.37 -12.02 -32.67
CA LEU B 967 1.49 -11.26 -32.11
C LEU B 967 2.77 -11.51 -32.91
N GLY B 968 3.01 -12.75 -33.30
CA GLY B 968 4.16 -13.03 -34.14
C GLY B 968 4.07 -12.36 -35.50
N LYS B 969 2.87 -12.35 -36.08
CA LYS B 969 2.68 -11.71 -37.38
C LYS B 969 2.89 -10.20 -37.29
N ILE B 970 2.26 -9.55 -36.31
CA ILE B 970 2.40 -8.11 -36.17
C ILE B 970 3.81 -7.73 -35.75
N ALA B 971 4.53 -8.63 -35.08
CA ALA B 971 5.91 -8.37 -34.75
C ALA B 971 6.80 -8.32 -35.98
N GLY B 972 6.39 -8.94 -37.09
CA GLY B 972 7.21 -9.05 -38.28
C GLY B 972 7.04 -7.97 -39.31
N ASN B 973 6.21 -6.96 -39.04
CA ASN B 973 5.97 -5.87 -40.01
C ASN B 973 6.94 -4.70 -39.80
N LYS B 974 7.57 -4.23 -40.87
CA LYS B 974 8.52 -3.13 -40.77
C LYS B 974 7.86 -1.76 -40.91
N HIS B 975 6.57 -1.70 -41.24
CA HIS B 975 5.86 -0.42 -41.39
C HIS B 975 5.17 0.03 -40.11
N MET B 976 5.14 -0.81 -39.08
CA MET B 976 4.37 -0.52 -37.86
C MET B 976 5.13 -0.86 -36.58
N LYS B 977 6.20 -1.66 -36.65
CA LYS B 977 6.80 -2.22 -35.43
C LYS B 977 7.32 -1.13 -34.49
N HIS B 978 7.84 -0.04 -35.03
CA HIS B 978 8.51 0.96 -34.19
C HIS B 978 7.54 1.58 -33.18
N HIS B 979 6.36 1.95 -33.65
CA HIS B 979 5.40 2.60 -32.76
C HIS B 979 4.94 1.65 -31.66
N VAL B 980 4.66 0.40 -32.01
CA VAL B 980 4.20 -0.54 -30.98
C VAL B 980 5.30 -0.84 -29.99
N ILE B 981 6.55 -0.98 -30.44
CA ILE B 981 7.61 -1.31 -29.48
C ILE B 981 7.89 -0.12 -28.57
N GLU B 982 7.91 1.11 -29.10
CA GLU B 982 8.19 2.24 -28.23
C GLU B 982 7.02 2.47 -27.26
N VAL B 983 5.78 2.27 -27.73
CA VAL B 983 4.64 2.36 -26.83
C VAL B 983 4.76 1.31 -25.73
N LEU B 984 5.15 0.08 -26.10
CA LEU B 984 5.29 -0.97 -25.10
C LEU B 984 6.38 -0.63 -24.09
N LYS B 985 7.51 -0.11 -24.57
CA LYS B 985 8.63 0.15 -23.67
C LYS B 985 8.32 1.29 -22.71
N GLU B 986 7.69 2.36 -23.20
CA GLU B 986 7.32 3.43 -22.29
C GLU B 986 6.18 3.01 -21.37
N ARG B 987 5.29 2.14 -21.84
CA ARG B 987 4.22 1.63 -21.00
C ARG B 987 4.79 0.82 -19.83
N VAL B 988 5.74 -0.07 -20.12
CA VAL B 988 6.31 -0.89 -19.06
C VAL B 988 7.17 -0.02 -18.13
N LYS B 989 7.89 0.95 -18.69
CA LYS B 989 8.69 1.84 -17.85
C LYS B 989 7.81 2.62 -16.89
N ASN B 990 6.62 3.00 -17.34
CA ASN B 990 5.75 3.82 -16.51
C ASN B 990 4.67 3.02 -15.80
N SER B 991 4.58 1.71 -16.06
CA SER B 991 3.53 0.86 -15.48
C SER B 991 4.18 -0.36 -14.85
N ASN B 992 3.35 -1.18 -14.17
CA ASN B 992 3.86 -2.38 -13.47
C ASN B 992 2.98 -3.60 -13.74
N ASP B 993 2.66 -3.85 -14.99
CA ASP B 993 1.85 -5.00 -15.42
C ASP B 993 2.75 -6.04 -16.06
N LYS B 994 2.60 -7.30 -15.62
CA LYS B 994 3.47 -8.37 -16.10
C LYS B 994 3.12 -8.79 -17.53
N ARG B 995 1.87 -8.60 -17.95
CA ARG B 995 1.49 -8.97 -19.31
C ARG B 995 2.32 -8.19 -20.33
N TYR B 996 2.63 -6.93 -20.03
CA TYR B 996 3.45 -6.15 -20.95
C TYR B 996 4.88 -6.67 -20.96
N LEU B 997 5.37 -7.17 -19.81
CA LEU B 997 6.66 -7.86 -19.82
C LEU B 997 6.62 -9.05 -20.75
N GLU B 998 5.52 -9.81 -20.71
CA GLU B 998 5.39 -10.98 -21.58
C GLU B 998 5.37 -10.57 -23.05
N ILE B 999 4.65 -9.51 -23.38
CA ILE B 999 4.62 -9.04 -24.77
C ILE B 999 6.02 -8.62 -25.20
N LEU B 1000 6.73 -7.88 -24.35
CA LEU B 1000 8.07 -7.45 -24.69
C LEU B 1000 9.00 -8.63 -24.90
N MET B 1001 8.83 -9.68 -24.08
CA MET B 1001 9.59 -10.91 -24.32
C MET B 1001 9.24 -11.49 -25.68
N ASN B 1002 7.98 -11.44 -26.07
CA ASN B 1002 7.60 -11.90 -27.40
C ASN B 1002 8.06 -10.90 -28.45
N TYR B 1003 8.22 -9.62 -28.05
CA TYR B 1003 8.73 -8.60 -28.96
C TYR B 1003 10.07 -8.04 -28.52
N PHE B 1004 11.00 -8.90 -28.22
CA PHE B 1004 12.39 -8.46 -28.05
C PHE B 1004 13.02 -8.12 -29.40
N ILE B 1005 12.60 -8.81 -30.45
CA ILE B 1005 13.13 -8.57 -31.80
C ILE B 1005 14.25 -7.52 -31.84
N THR C 3 10.84 -23.07 13.11
CA THR C 3 10.17 -22.61 11.91
C THR C 3 10.26 -21.09 11.78
N VAL C 4 10.37 -20.40 12.90
CA VAL C 4 10.50 -18.94 12.91
C VAL C 4 11.87 -18.58 12.36
N ILE C 5 12.07 -17.30 12.06
CA ILE C 5 13.38 -16.83 11.62
C ILE C 5 14.32 -16.95 12.80
N GLN C 6 15.23 -17.92 12.75
CA GLN C 6 16.12 -18.23 13.88
C GLN C 6 17.34 -17.31 13.86
N ASP C 7 17.07 -16.02 14.02
CA ASP C 7 18.11 -15.00 14.12
C ASP C 7 17.88 -14.07 15.31
N THR C 8 17.19 -14.55 16.35
CA THR C 8 17.07 -13.78 17.58
C THR C 8 18.46 -13.51 18.13
N ALA C 9 18.77 -12.24 18.36
CA ALA C 9 20.14 -11.79 18.51
C ALA C 9 20.28 -10.86 19.70
N ASP C 10 21.56 -10.61 20.05
CA ASP C 10 21.90 -9.68 21.12
C ASP C 10 23.04 -8.82 20.56
N VAL C 11 22.97 -7.51 20.74
CA VAL C 11 23.97 -6.55 20.27
C VAL C 11 24.59 -5.88 21.48
N TYR C 12 25.91 -5.61 21.39
CA TYR C 12 26.65 -4.96 22.48
C TYR C 12 27.35 -3.72 21.96
N PHE C 13 27.06 -2.57 22.52
CA PHE C 13 27.55 -1.26 22.09
C PHE C 13 28.68 -0.85 23.01
N LYS C 14 29.85 -0.57 22.43
CA LYS C 14 31.05 -0.24 23.20
C LYS C 14 31.71 0.99 22.62
N ARG C 15 32.44 1.70 23.48
CA ARG C 15 33.17 2.89 23.05
C ARG C 15 34.49 2.48 22.40
N LYS C 16 34.82 3.12 21.28
CA LYS C 16 35.93 2.64 20.47
C LYS C 16 37.29 2.98 21.06
N SER C 17 37.41 4.14 21.72
CA SER C 17 38.72 4.57 22.22
C SER C 17 39.26 3.61 23.27
N ASP C 18 38.41 3.20 24.20
CA ASP C 18 38.81 2.31 25.29
C ASP C 18 38.19 0.94 25.16
N GLY C 19 36.85 0.87 25.14
CA GLY C 19 36.15 -0.41 25.04
C GLY C 19 35.14 -0.64 26.14
N LYS C 20 34.70 0.42 26.80
CA LYS C 20 33.70 0.27 27.85
C LYS C 20 32.33 -0.01 27.23
N LEU C 21 31.63 -0.99 27.81
CA LEU C 21 30.29 -1.31 27.33
C LEU C 21 29.36 -0.14 27.57
N VAL C 22 28.58 0.23 26.55
CA VAL C 22 27.76 1.42 26.57
C VAL C 22 26.31 0.99 26.76
N PHE C 23 25.81 0.14 25.87
CA PHE C 23 24.48 -0.42 26.03
C PHE C 23 24.37 -1.71 25.22
N THR C 24 23.39 -2.52 25.59
CA THR C 24 23.11 -3.79 24.94
C THR C 24 21.66 -3.81 24.50
N ALA C 25 21.38 -4.56 23.43
CA ALA C 25 20.06 -4.61 22.84
C ALA C 25 19.96 -5.84 21.95
N GLU C 26 18.86 -5.94 21.21
CA GLU C 26 18.67 -6.98 20.20
C GLU C 26 18.44 -6.32 18.85
N ALA C 27 19.14 -6.79 17.83
CA ALA C 27 19.02 -6.20 16.50
C ALA C 27 17.62 -6.41 15.95
N GLN C 28 17.10 -5.40 15.25
CA GLN C 28 15.77 -5.42 14.66
C GLN C 28 15.81 -5.54 13.15
N THR C 29 16.63 -4.72 12.48
CA THR C 29 16.72 -4.75 11.02
C THR C 29 18.04 -4.13 10.62
N ALA C 30 18.42 -4.35 9.35
CA ALA C 30 19.70 -3.86 8.86
C ALA C 30 19.56 -3.61 7.37
N SER C 31 19.37 -2.35 6.99
CA SER C 31 19.28 -1.96 5.60
C SER C 31 20.67 -1.86 5.00
N PHE C 32 20.85 -2.42 3.81
CA PHE C 32 22.11 -2.35 3.07
C PHE C 32 21.78 -1.75 1.70
N SER C 33 21.96 -0.43 1.58
CA SER C 33 21.62 0.30 0.37
C SER C 33 22.89 0.61 -0.43
N GLN C 34 22.72 0.68 -1.75
CA GLN C 34 23.81 1.04 -2.66
C GLN C 34 23.19 1.74 -3.86
N ALA C 35 23.17 3.07 -3.83
CA ALA C 35 22.70 3.88 -4.94
C ALA C 35 23.73 4.95 -5.25
N ILE C 36 23.88 5.25 -6.53
CA ILE C 36 24.85 6.24 -6.99
C ILE C 36 24.27 7.62 -6.76
N SER C 37 24.95 8.42 -5.95
CA SER C 37 24.51 9.78 -5.64
C SER C 37 25.65 10.79 -5.69
N GLU C 38 26.65 10.54 -6.53
CA GLU C 38 27.75 11.49 -6.73
C GLU C 38 27.41 12.42 -7.89
N GLU C 39 27.46 13.73 -7.62
CA GLU C 39 27.11 14.76 -8.61
C GLU C 39 25.67 14.49 -9.04
N LYS C 40 25.37 14.44 -10.35
CA LYS C 40 24.05 14.07 -10.82
C LYS C 40 23.95 12.56 -10.89
N LEU C 41 22.91 12.04 -11.57
CA LEU C 41 22.80 10.61 -11.78
C LEU C 41 24.01 10.07 -12.53
N ARG C 42 24.51 10.83 -13.51
CA ARG C 42 25.71 10.49 -14.27
C ARG C 42 26.60 11.73 -14.27
N GLY C 43 27.47 11.83 -13.27
CA GLY C 43 28.38 12.95 -13.16
C GLY C 43 29.75 12.58 -12.63
N GLY C 44 30.08 11.29 -12.63
CA GLY C 44 31.36 10.85 -12.13
C GLY C 44 32.50 11.34 -13.01
N ILE C 45 33.66 11.54 -12.38
CA ILE C 45 34.86 12.00 -13.08
C ILE C 45 35.65 10.78 -13.53
N GLY C 46 36.11 10.82 -14.78
CA GLY C 46 36.87 9.72 -15.33
C GLY C 46 37.48 10.12 -16.65
N ASN C 47 38.26 9.21 -17.24
CA ASN C 47 38.93 9.48 -18.50
C ASN C 47 38.94 8.17 -19.27
N LYS C 48 39.61 8.14 -20.42
CA LYS C 48 39.61 6.95 -21.25
C LYS C 48 40.16 5.72 -20.51
N PRO C 49 41.32 5.86 -19.85
CA PRO C 49 41.90 4.73 -19.12
C PRO C 49 41.65 4.81 -17.63
N LEU C 50 40.90 5.80 -17.17
CA LEU C 50 40.69 6.01 -15.74
C LEU C 50 39.39 5.47 -15.19
N TYR C 51 39.46 4.63 -14.15
CA TYR C 51 38.25 4.19 -13.48
C TYR C 51 38.47 4.18 -11.98
N ILE C 52 37.43 4.56 -11.25
CA ILE C 52 37.41 4.39 -9.80
C ILE C 52 35.97 4.11 -9.39
N LEU C 53 35.76 3.04 -8.63
CA LEU C 53 34.44 2.71 -8.13
C LEU C 53 34.08 3.73 -7.05
N LYS C 54 33.32 4.75 -7.44
CA LYS C 54 32.87 5.78 -6.50
C LYS C 54 31.56 5.42 -5.81
N SER C 55 31.00 4.25 -6.11
CA SER C 55 29.79 3.80 -5.42
C SER C 55 30.05 3.72 -3.91
N GLU C 56 29.12 4.26 -3.14
CA GLU C 56 29.27 4.37 -1.69
C GLU C 56 28.15 3.62 -0.99
N LYS C 57 28.52 2.63 -0.18
CA LYS C 57 27.59 1.83 0.59
C LYS C 57 27.23 2.56 1.87
N GLU C 58 25.95 2.61 2.20
CA GLU C 58 25.47 3.03 3.51
C GLU C 58 24.77 1.86 4.17
N ILE C 59 25.20 1.52 5.37
CA ILE C 59 24.71 0.35 6.09
C ILE C 59 24.05 0.86 7.36
N ASN C 60 22.74 1.06 7.28
CA ASN C 60 21.98 1.49 8.45
C ASN C 60 21.48 0.27 9.17
N LEU C 61 21.52 0.29 10.50
CA LEU C 61 21.05 -0.80 11.32
C LEU C 61 20.15 -0.25 12.42
N THR C 62 19.51 -1.15 13.15
CA THR C 62 18.60 -0.77 14.21
C THR C 62 18.62 -1.82 15.30
N VAL C 63 18.28 -1.40 16.52
CA VAL C 63 18.26 -2.27 17.69
C VAL C 63 17.01 -1.94 18.49
N LYS C 64 16.61 -2.86 19.36
CA LYS C 64 15.45 -2.68 20.22
C LYS C 64 15.73 -3.23 21.61
N ASN C 65 14.98 -2.72 22.61
CA ASN C 65 15.15 -3.16 24.01
C ASN C 65 16.56 -2.83 24.45
N ALA C 66 16.89 -1.54 24.49
CA ALA C 66 18.24 -1.09 24.82
C ALA C 66 18.36 -0.89 26.33
N PHE C 67 19.31 -1.59 26.95
CA PHE C 67 19.66 -1.41 28.35
C PHE C 67 21.08 -0.87 28.42
N PHE C 68 21.25 0.26 29.12
CA PHE C 68 22.54 0.90 29.24
C PHE C 68 23.26 0.39 30.49
N ASP C 69 24.53 0.81 30.64
CA ASP C 69 25.33 0.36 31.77
C ASP C 69 25.20 1.29 32.96
N LEU C 70 25.24 0.72 34.16
CA LEU C 70 25.22 1.53 35.37
C LEU C 70 26.47 2.39 35.47
N GLU C 71 27.63 1.83 35.13
CA GLU C 71 28.86 2.61 35.17
C GLU C 71 28.83 3.76 34.15
N TRP C 72 28.31 3.49 32.95
CA TRP C 72 28.25 4.53 31.93
C TRP C 72 27.31 5.66 32.35
N LEU C 73 26.20 5.31 32.98
CA LEU C 73 25.27 6.32 33.47
C LEU C 73 25.78 7.03 34.71
N ALA C 74 26.70 6.41 35.46
CA ALA C 74 27.21 7.01 36.69
C ALA C 74 28.37 7.95 36.41
N MET C 75 29.23 7.60 35.45
CA MET C 75 30.37 8.47 35.16
C MET C 75 29.92 9.83 34.65
N THR C 76 28.91 9.85 33.80
CA THR C 76 28.40 11.11 33.25
C THR C 76 27.67 11.91 34.33
N SER C 168 34.93 14.22 19.49
CA SER C 168 35.44 13.19 18.60
C SER C 168 35.27 11.82 19.25
N GLU C 169 34.14 11.61 19.92
CA GLU C 169 33.91 10.34 20.63
C GLU C 169 33.52 9.21 19.68
N ARG C 170 34.45 8.30 19.43
CA ARG C 170 34.19 7.17 18.54
C ARG C 170 33.54 6.03 19.33
N TYR C 171 32.68 5.28 18.64
CA TYR C 171 31.99 4.15 19.24
C TYR C 171 31.99 2.97 18.29
N GLU C 172 31.80 1.78 18.86
CA GLU C 172 31.79 0.52 18.12
C GLU C 172 30.56 -0.29 18.50
N VAL C 173 30.33 -1.37 17.77
CA VAL C 173 29.18 -2.26 17.98
C VAL C 173 29.65 -3.70 17.87
N GLU C 174 29.01 -4.59 18.64
CA GLU C 174 29.20 -6.02 18.51
C GLU C 174 27.84 -6.68 18.38
N TYR C 175 27.76 -7.67 17.51
CA TYR C 175 26.52 -8.34 17.23
C TYR C 175 26.86 -9.81 17.22
N ARG C 176 26.05 -10.61 17.85
CA ARG C 176 26.24 -12.05 17.96
C ARG C 176 24.92 -12.77 17.70
N THR C 177 25.00 -13.94 17.08
CA THR C 177 23.82 -14.71 16.72
C THR C 177 24.21 -16.17 16.52
N ILE C 178 23.31 -17.07 16.89
CA ILE C 178 23.53 -18.49 16.65
C ILE C 178 23.40 -18.70 15.15
N ALA C 179 24.41 -19.31 14.53
CA ALA C 179 24.40 -19.52 13.08
C ALA C 179 23.55 -20.74 12.71
N TYR C 180 23.24 -20.89 11.42
CA TYR C 180 22.42 -22.01 10.95
C TYR C 180 22.71 -22.35 9.50
N ASN C 181 22.52 -23.62 9.11
CA ASN C 181 22.74 -24.04 7.72
C ASN C 181 21.45 -24.65 7.15
N PRO C 182 21.25 -24.55 5.83
CA PRO C 182 20.06 -25.20 5.27
C PRO C 182 20.09 -26.69 5.52
N ASP C 183 21.22 -27.33 5.25
CA ASP C 183 21.33 -28.77 5.46
C ASP C 183 21.20 -29.10 6.92
N THR C 184 21.76 -28.27 7.79
CA THR C 184 21.69 -28.51 9.23
C THR C 184 21.51 -27.19 9.95
N GLU C 185 20.27 -26.86 10.26
CA GLU C 185 20.00 -25.64 10.99
C GLU C 185 20.80 -25.73 12.27
N GLU C 186 20.70 -26.86 12.96
CA GLU C 186 21.49 -27.06 14.16
C GLU C 186 22.93 -26.71 13.81
N VAL C 187 23.53 -25.77 14.53
CA VAL C 187 24.88 -25.33 14.22
C VAL C 187 25.61 -24.82 15.45
N TYR C 188 26.70 -25.49 15.83
CA TYR C 188 27.51 -25.03 16.95
C TYR C 188 28.11 -23.66 16.66
N SER C 189 28.54 -23.42 15.43
CA SER C 189 29.29 -22.22 15.10
C SER C 189 28.42 -20.98 15.29
N ASP C 190 29.08 -19.88 15.67
CA ASP C 190 28.43 -18.60 15.91
C ASP C 190 28.93 -17.56 14.92
N ILE C 191 28.00 -16.72 14.45
CA ILE C 191 28.31 -15.65 13.51
C ILE C 191 28.58 -14.39 14.33
N TYR C 192 29.74 -13.77 14.09
CA TYR C 192 30.16 -12.57 14.80
C TYR C 192 30.07 -11.38 13.85
N ILE C 193 29.21 -10.42 14.18
CA ILE C 193 29.10 -9.18 13.42
C ILE C 193 29.44 -8.03 14.36
N GLN C 194 30.20 -7.06 13.87
CA GLN C 194 30.60 -5.90 14.65
C GLN C 194 30.81 -4.73 13.72
N PHE C 195 30.63 -3.52 14.25
CA PHE C 195 30.82 -2.27 13.52
C PHE C 195 31.72 -1.38 14.36
N PRO C 196 33.05 -1.49 14.18
CA PRO C 196 33.95 -0.67 15.01
C PRO C 196 33.70 0.83 14.94
N ASN C 197 33.38 1.35 13.75
CA ASN C 197 33.08 2.77 13.58
C ASN C 197 31.59 2.95 13.34
N VAL C 198 30.91 3.64 14.25
CA VAL C 198 29.46 3.80 14.15
C VAL C 198 29.10 5.18 14.69
N SER C 199 27.95 5.72 14.22
CA SER C 199 27.33 6.89 14.82
C SER C 199 26.02 6.47 15.47
N PRO C 200 25.66 7.01 16.66
CA PRO C 200 24.33 6.78 17.23
C PRO C 200 23.28 7.74 16.68
N SER C 201 23.28 7.93 15.36
CA SER C 201 22.39 8.90 14.71
C SER C 201 20.98 8.34 14.67
N GLY C 202 20.35 8.30 15.83
CA GLY C 202 19.01 7.79 15.96
C GLY C 202 17.99 8.59 15.17
N GLU C 203 17.27 7.92 14.27
CA GLU C 203 16.19 8.56 13.53
C GLU C 203 14.97 8.85 14.41
N PHE C 204 14.97 8.40 15.67
CA PHE C 204 13.90 8.72 16.58
C PHE C 204 13.66 10.23 16.66
N GLU C 205 14.74 11.01 16.80
CA GLU C 205 14.67 12.47 16.83
C GLU C 205 13.64 12.94 17.87
N MET C 206 13.67 12.32 19.04
CA MET C 206 12.84 12.73 20.18
C MET C 206 11.36 12.51 19.87
N SER C 207 11.11 11.43 19.11
CA SER C 207 9.74 11.07 18.72
C SER C 207 8.78 11.20 19.86
N LEU C 208 7.51 11.32 19.53
CA LEU C 208 6.55 11.64 20.58
C LEU C 208 5.24 10.89 20.39
N GLU C 209 5.33 9.57 20.22
CA GLU C 209 4.11 8.75 20.19
C GLU C 209 3.34 8.95 21.50
N ASN C 210 2.05 9.29 21.40
CA ASN C 210 1.28 9.58 22.60
C ASN C 210 1.11 8.34 23.45
N GLY C 211 0.95 7.18 22.82
CA GLY C 211 0.68 5.98 23.60
C GLY C 211 1.83 5.65 24.55
N ASN C 212 1.50 4.93 25.63
CA ASN C 212 2.50 4.54 26.64
C ASN C 212 3.11 3.20 26.25
N ALA C 213 3.63 3.11 25.04
CA ALA C 213 4.23 1.89 24.51
C ALA C 213 5.75 2.04 24.53
N LEU C 214 6.42 1.05 25.12
CA LEU C 214 7.87 1.09 25.22
C LEU C 214 8.50 0.75 23.88
N ALA C 215 9.48 1.55 23.47
CA ALA C 215 10.21 1.27 22.24
C ALA C 215 11.53 2.04 22.24
N PRO C 216 12.54 1.59 23.00
CA PRO C 216 13.85 2.28 22.94
C PRO C 216 14.60 2.01 21.65
N GLU C 217 14.01 2.40 20.52
CA GLU C 217 14.62 2.15 19.23
C GLU C 217 15.82 3.06 19.03
N ILE C 218 16.95 2.47 18.65
CA ILE C 218 18.18 3.21 18.40
C ILE C 218 18.71 2.78 17.04
N LYS C 219 18.90 3.76 16.16
CA LYS C 219 19.31 3.52 14.79
C LYS C 219 20.78 3.91 14.64
N PHE C 220 21.55 3.06 13.99
CA PHE C 220 22.96 3.32 13.74
C PHE C 220 23.15 3.85 12.32
N GLU C 221 24.40 4.27 12.06
CA GLU C 221 24.79 4.70 10.72
C GLU C 221 26.22 4.20 10.64
N ALA C 222 26.53 3.29 9.72
CA ALA C 222 27.86 2.68 9.64
C ALA C 222 28.85 3.72 9.13
N LEU C 223 29.50 4.42 10.06
CA LEU C 223 30.49 5.41 9.68
C LEU C 223 31.76 4.73 9.18
N ALA C 224 32.64 5.54 8.61
CA ALA C 224 33.86 5.04 8.01
C ALA C 224 34.92 6.13 8.06
N ASP C 225 36.00 5.92 7.32
CA ASP C 225 37.05 6.90 7.18
C ASP C 225 37.69 6.68 5.82
N THR C 226 38.44 7.68 5.35
CA THR C 226 39.05 7.56 4.03
C THR C 226 40.02 6.40 3.94
N ASP C 227 40.53 5.90 5.07
CA ASP C 227 41.42 4.75 5.05
C ASP C 227 40.66 3.44 4.85
N THR C 228 39.46 3.32 5.41
CA THR C 228 38.68 2.08 5.37
C THR C 228 37.25 2.41 4.99
N ASP C 229 36.74 1.74 3.95
CA ASP C 229 35.44 2.12 3.38
C ASP C 229 34.30 1.82 4.33
N GLU C 230 34.29 0.63 4.94
CA GLU C 230 33.30 0.29 5.96
C GLU C 230 33.93 -0.64 6.96
N MET C 231 33.65 -0.41 8.24
CA MET C 231 34.43 -1.02 9.30
C MET C 231 33.91 -2.37 9.77
N ALA C 232 32.84 -2.90 9.17
CA ALA C 232 32.22 -4.09 9.73
C ALA C 232 33.13 -5.31 9.60
N VAL C 233 32.77 -6.39 10.30
CA VAL C 233 33.49 -7.65 10.26
C VAL C 233 32.46 -8.78 10.32
N VAL C 234 32.75 -9.88 9.62
CA VAL C 234 32.00 -11.13 9.80
C VAL C 234 33.00 -12.26 9.91
N ILE C 235 32.83 -13.09 10.94
CA ILE C 235 33.61 -14.33 11.06
C ILE C 235 32.74 -15.37 11.76
N GLU C 236 32.64 -16.55 11.14
CA GLU C 236 31.98 -17.68 11.77
C GLU C 236 32.99 -18.43 12.65
N ALA C 237 32.47 -19.06 13.71
CA ALA C 237 33.33 -19.77 14.63
C ALA C 237 33.89 -21.06 14.04
N SER C 238 33.24 -21.62 13.03
CA SER C 238 33.71 -22.85 12.40
C SER C 238 35.08 -22.62 11.76
N THR D 3 -11.51 23.74 -11.87
CA THR D 3 -10.32 22.91 -11.88
C THR D 3 -10.68 21.43 -11.72
N VAL D 4 -11.77 21.17 -10.99
CA VAL D 4 -12.24 19.79 -10.85
C VAL D 4 -12.72 19.26 -12.19
N ILE D 5 -12.88 17.94 -12.26
CA ILE D 5 -13.30 17.31 -13.51
C ILE D 5 -14.77 17.64 -13.76
N GLN D 6 -15.05 18.21 -14.93
CA GLN D 6 -16.41 18.60 -15.31
C GLN D 6 -17.12 17.47 -16.06
N ASP D 7 -17.14 16.29 -15.45
CA ASP D 7 -17.74 15.09 -16.03
C ASP D 7 -18.61 14.39 -14.98
N THR D 8 -19.43 15.17 -14.28
CA THR D 8 -20.37 14.64 -13.29
C THR D 8 -21.52 13.98 -14.04
N ALA D 9 -21.26 12.76 -14.53
CA ALA D 9 -22.21 12.08 -15.38
C ALA D 9 -23.44 11.65 -14.59
N ASP D 10 -24.57 11.56 -15.29
CA ASP D 10 -25.83 11.08 -14.74
C ASP D 10 -26.24 9.83 -15.50
N VAL D 11 -26.59 8.77 -14.77
CA VAL D 11 -26.90 7.47 -15.37
C VAL D 11 -28.38 7.19 -15.17
N TYR D 12 -29.06 6.85 -16.27
CA TYR D 12 -30.47 6.48 -16.26
C TYR D 12 -30.56 4.99 -16.54
N PHE D 13 -31.17 4.26 -15.61
CA PHE D 13 -31.32 2.81 -15.70
C PHE D 13 -32.76 2.50 -16.09
N LYS D 14 -32.97 2.12 -17.35
CA LYS D 14 -34.30 1.88 -17.89
C LYS D 14 -34.41 0.45 -18.39
N ARG D 15 -35.60 -0.11 -18.28
CA ARG D 15 -35.86 -1.47 -18.75
C ARG D 15 -35.71 -1.53 -20.27
N LYS D 16 -35.20 -2.67 -20.75
CA LYS D 16 -34.94 -2.84 -22.17
C LYS D 16 -36.19 -3.28 -22.94
N SER D 17 -37.11 -4.00 -22.29
CA SER D 17 -38.26 -4.55 -23.00
C SER D 17 -39.16 -3.44 -23.54
N ASP D 18 -39.49 -2.46 -22.70
CA ASP D 18 -40.39 -1.37 -23.06
C ASP D 18 -39.76 0.00 -22.97
N GLY D 19 -38.93 0.25 -21.96
CA GLY D 19 -38.26 1.52 -21.79
C GLY D 19 -38.58 2.21 -20.49
N LYS D 20 -39.26 1.53 -19.57
CA LYS D 20 -39.59 2.13 -18.29
C LYS D 20 -38.33 2.43 -17.50
N LEU D 21 -38.28 3.60 -16.88
CA LEU D 21 -37.15 3.98 -16.06
C LEU D 21 -37.16 3.18 -14.76
N VAL D 22 -36.00 2.69 -14.36
CA VAL D 22 -35.84 1.88 -13.15
C VAL D 22 -35.25 2.71 -12.01
N PHE D 23 -34.09 3.33 -12.22
CA PHE D 23 -33.61 4.33 -11.29
C PHE D 23 -32.67 5.28 -12.00
N THR D 24 -32.50 6.46 -11.40
CA THR D 24 -31.53 7.45 -11.82
C THR D 24 -30.41 7.51 -10.78
N ALA D 25 -29.20 7.81 -11.24
CA ALA D 25 -28.07 7.89 -10.33
C ALA D 25 -26.94 8.66 -10.99
N GLU D 26 -25.94 8.99 -10.18
CA GLU D 26 -24.69 9.58 -10.64
C GLU D 26 -23.62 8.49 -10.60
N ALA D 27 -22.92 8.33 -11.72
CA ALA D 27 -21.93 7.26 -11.82
C ALA D 27 -20.80 7.49 -10.82
N GLN D 28 -20.27 6.39 -10.27
CA GLN D 28 -19.12 6.42 -9.38
C GLN D 28 -17.88 5.84 -10.03
N THR D 29 -17.94 4.58 -10.49
CA THR D 29 -16.81 3.94 -11.14
C THR D 29 -17.30 3.17 -12.34
N ALA D 30 -16.38 2.91 -13.27
CA ALA D 30 -16.68 2.10 -14.44
C ALA D 30 -15.38 1.51 -14.95
N SER D 31 -15.37 0.21 -15.21
CA SER D 31 -14.17 -0.51 -15.61
C SER D 31 -14.39 -1.16 -16.96
N PHE D 32 -13.37 -1.08 -17.81
CA PHE D 32 -13.30 -1.86 -19.04
C PHE D 32 -12.23 -2.91 -18.77
N SER D 33 -12.58 -4.18 -18.94
CA SER D 33 -11.62 -5.26 -18.85
C SER D 33 -11.40 -5.84 -20.24
N GLN D 34 -10.13 -6.10 -20.57
CA GLN D 34 -9.76 -6.49 -21.94
C GLN D 34 -8.62 -7.51 -21.80
N ALA D 35 -8.97 -8.79 -21.85
CA ALA D 35 -7.97 -9.85 -21.74
C ALA D 35 -8.56 -11.15 -22.25
N ILE D 36 -7.69 -12.13 -22.46
CA ILE D 36 -8.06 -13.44 -22.97
C ILE D 36 -7.87 -14.48 -21.88
N SER D 37 -8.86 -15.34 -21.71
CA SER D 37 -8.72 -16.59 -20.97
C SER D 37 -9.32 -17.76 -21.72
N GLU D 38 -9.66 -17.57 -23.00
CA GLU D 38 -10.15 -18.64 -23.86
C GLU D 38 -9.18 -19.81 -23.85
N GLU D 39 -9.67 -20.98 -23.41
CA GLU D 39 -8.78 -22.14 -23.22
C GLU D 39 -7.66 -21.66 -22.28
N LYS D 40 -6.40 -21.93 -22.62
CA LYS D 40 -5.30 -21.44 -21.82
C LYS D 40 -4.77 -20.15 -22.44
N LEU D 41 -3.67 -19.62 -21.91
CA LEU D 41 -3.09 -18.38 -22.41
C LEU D 41 -2.90 -18.42 -23.92
N ARG D 42 -2.68 -19.61 -24.49
CA ARG D 42 -2.73 -19.81 -25.93
C ARG D 42 -3.38 -21.17 -26.17
N GLY D 43 -4.69 -21.17 -26.36
CA GLY D 43 -5.44 -22.37 -26.64
C GLY D 43 -6.57 -22.16 -27.62
N GLY D 44 -6.52 -21.04 -28.36
CA GLY D 44 -7.52 -20.79 -29.36
C GLY D 44 -7.51 -21.83 -30.46
N ILE D 45 -8.70 -22.09 -31.01
CA ILE D 45 -8.85 -23.06 -32.08
C ILE D 45 -8.69 -22.37 -33.42
N GLY D 46 -7.97 -22.99 -34.34
CA GLY D 46 -7.78 -22.41 -35.65
C GLY D 46 -6.97 -23.33 -36.54
N ASN D 47 -6.43 -22.79 -37.63
CA ASN D 47 -5.62 -23.59 -38.54
C ASN D 47 -4.52 -22.73 -39.11
N LYS D 48 -3.69 -23.29 -39.97
CA LYS D 48 -2.63 -22.51 -40.60
C LYS D 48 -3.20 -21.30 -41.35
N PRO D 49 -4.25 -21.52 -42.17
CA PRO D 49 -4.85 -20.36 -42.85
C PRO D 49 -6.03 -19.73 -42.13
N LEU D 50 -6.31 -20.10 -40.88
CA LEU D 50 -7.48 -19.66 -40.14
C LEU D 50 -7.04 -18.95 -38.86
N TYR D 51 -7.77 -17.89 -38.49
CA TYR D 51 -7.50 -17.17 -37.27
C TYR D 51 -8.83 -16.55 -36.86
N ILE D 52 -9.25 -16.68 -35.61
CA ILE D 52 -10.47 -16.07 -35.11
C ILE D 52 -10.14 -15.29 -33.85
N LEU D 53 -10.52 -14.00 -33.83
CA LEU D 53 -10.32 -13.16 -32.65
C LEU D 53 -11.41 -13.50 -31.65
N LYS D 54 -11.19 -14.58 -30.92
CA LYS D 54 -12.13 -15.05 -29.90
C LYS D 54 -12.00 -14.28 -28.59
N SER D 55 -11.18 -13.23 -28.55
CA SER D 55 -11.01 -12.47 -27.32
C SER D 55 -12.35 -11.91 -26.85
N GLU D 56 -12.55 -11.92 -25.52
CA GLU D 56 -13.79 -11.55 -24.90
C GLU D 56 -13.57 -10.37 -23.97
N LYS D 57 -14.51 -9.43 -23.97
CA LYS D 57 -14.42 -8.20 -23.19
C LYS D 57 -15.59 -8.15 -22.21
N GLU D 58 -15.27 -7.99 -20.94
CA GLU D 58 -16.27 -7.86 -19.88
C GLU D 58 -16.23 -6.44 -19.34
N ILE D 59 -17.40 -5.80 -19.29
CA ILE D 59 -17.56 -4.43 -18.82
C ILE D 59 -18.33 -4.46 -17.52
N ASN D 60 -17.91 -3.59 -16.60
CA ASN D 60 -18.58 -3.48 -15.31
C ASN D 60 -18.82 -2.01 -15.03
N LEU D 61 -19.89 -1.71 -14.29
CA LEU D 61 -20.25 -0.35 -13.93
C LEU D 61 -20.70 -0.32 -12.48
N THR D 62 -20.90 0.89 -11.96
CA THR D 62 -21.54 1.08 -10.67
C THR D 62 -21.88 2.55 -10.54
N VAL D 63 -22.77 2.86 -9.61
CA VAL D 63 -23.39 4.17 -9.52
C VAL D 63 -23.38 4.62 -8.06
N LYS D 64 -23.82 5.86 -7.85
CA LYS D 64 -24.02 6.39 -6.51
C LYS D 64 -25.15 7.40 -6.56
N ASN D 65 -25.78 7.67 -5.41
CA ASN D 65 -26.95 8.56 -5.38
C ASN D 65 -28.05 7.83 -6.14
N ALA D 66 -28.36 6.60 -5.74
CA ALA D 66 -29.33 5.80 -6.48
C ALA D 66 -30.73 6.03 -5.93
N PHE D 67 -31.63 6.46 -6.82
CA PHE D 67 -33.01 6.76 -6.42
C PHE D 67 -33.98 5.97 -7.26
N PHE D 68 -34.83 5.18 -6.62
CA PHE D 68 -35.80 4.34 -7.31
C PHE D 68 -37.10 5.11 -7.53
N ASP D 69 -37.82 4.72 -8.58
CA ASP D 69 -39.04 5.40 -8.96
C ASP D 69 -40.21 4.84 -8.16
N LEU D 70 -41.19 5.71 -7.88
CA LEU D 70 -42.33 5.29 -7.07
C LEU D 70 -43.15 4.24 -7.79
N GLU D 71 -43.38 4.41 -9.10
CA GLU D 71 -44.22 3.47 -9.84
C GLU D 71 -43.54 2.11 -10.00
N TRP D 72 -42.22 2.10 -10.21
CA TRP D 72 -41.52 0.83 -10.38
C TRP D 72 -41.56 0.01 -9.10
N LEU D 73 -41.38 0.64 -7.94
CA LEU D 73 -41.49 -0.06 -6.68
C LEU D 73 -42.95 -0.37 -6.34
N ALA D 74 -43.89 0.41 -6.87
CA ALA D 74 -45.30 0.16 -6.59
C ALA D 74 -45.82 -1.05 -7.34
N MET D 75 -45.42 -1.21 -8.61
CA MET D 75 -45.99 -2.28 -9.42
C MET D 75 -45.53 -3.65 -8.96
N THR D 76 -44.38 -3.74 -8.30
CA THR D 76 -43.86 -5.03 -7.85
C THR D 76 -44.74 -5.60 -6.74
N SER D 168 -35.84 -13.54 -17.47
CA SER D 168 -35.39 -13.15 -18.80
C SER D 168 -35.45 -11.65 -18.97
N GLU D 169 -35.57 -10.91 -17.86
CA GLU D 169 -35.64 -9.46 -17.92
C GLU D 169 -34.32 -8.89 -18.43
N ARG D 170 -34.40 -7.83 -19.23
CA ARG D 170 -33.25 -7.15 -19.79
C ARG D 170 -33.36 -5.66 -19.50
N TYR D 171 -32.22 -5.01 -19.27
CA TYR D 171 -32.20 -3.60 -18.89
C TYR D 171 -31.07 -2.87 -19.61
N GLU D 172 -31.20 -1.55 -19.66
CA GLU D 172 -30.24 -0.67 -20.31
C GLU D 172 -29.86 0.47 -19.37
N VAL D 173 -28.65 0.99 -19.56
CA VAL D 173 -28.16 2.15 -18.82
C VAL D 173 -27.81 3.23 -19.83
N GLU D 174 -28.27 4.46 -19.56
CA GLU D 174 -27.99 5.61 -20.41
C GLU D 174 -27.12 6.60 -19.63
N TYR D 175 -25.91 6.83 -20.13
CA TYR D 175 -25.04 7.85 -19.59
C TYR D 175 -25.42 9.22 -20.12
N ARG D 176 -25.09 10.27 -19.36
CA ARG D 176 -25.34 11.64 -19.80
C ARG D 176 -24.19 12.47 -19.24
N THR D 177 -23.36 12.98 -20.15
CA THR D 177 -22.22 13.80 -19.78
C THR D 177 -22.21 14.94 -20.79
N ILE D 178 -21.17 15.76 -20.78
CA ILE D 178 -21.05 16.83 -21.78
C ILE D 178 -19.63 16.86 -22.30
N ALA D 179 -19.47 17.13 -23.60
CA ALA D 179 -18.15 17.14 -24.20
C ALA D 179 -17.34 18.34 -23.77
N TYR D 180 -16.02 18.20 -23.69
CA TYR D 180 -15.14 19.30 -23.31
C TYR D 180 -13.82 19.05 -24.00
N ASN D 181 -13.70 19.48 -25.24
CA ASN D 181 -12.50 19.21 -26.00
C ASN D 181 -11.29 19.93 -25.42
N PRO D 182 -10.09 19.40 -25.67
CA PRO D 182 -8.91 20.13 -25.21
C PRO D 182 -8.80 21.46 -25.93
N ASP D 183 -9.11 21.47 -27.23
CA ASP D 183 -9.03 22.70 -28.01
C ASP D 183 -10.14 23.68 -27.65
N THR D 184 -11.31 23.16 -27.31
CA THR D 184 -12.45 24.03 -26.97
C THR D 184 -13.12 23.58 -25.68
N GLU D 185 -13.19 24.49 -24.71
CA GLU D 185 -13.81 24.19 -23.43
C GLU D 185 -15.32 24.37 -23.49
N GLU D 186 -16.02 24.02 -22.42
CA GLU D 186 -17.47 24.20 -22.36
C GLU D 186 -18.14 23.93 -23.70
N VAL D 187 -17.88 22.77 -24.28
CA VAL D 187 -18.52 22.42 -25.54
C VAL D 187 -19.98 22.16 -25.27
N TYR D 188 -20.85 22.99 -25.83
CA TYR D 188 -22.29 22.82 -25.60
C TYR D 188 -22.74 21.44 -26.03
N SER D 189 -22.16 20.91 -27.11
CA SER D 189 -22.51 19.57 -27.55
C SER D 189 -22.27 18.55 -26.46
N ASP D 190 -23.32 17.86 -26.06
CA ASP D 190 -23.19 16.86 -25.01
C ASP D 190 -22.57 15.59 -25.54
N ILE D 191 -22.48 14.57 -24.70
CA ILE D 191 -21.95 13.28 -25.13
C ILE D 191 -22.82 12.22 -24.49
N TYR D 192 -23.34 11.31 -25.32
CA TYR D 192 -24.23 10.26 -24.82
C TYR D 192 -23.53 8.92 -24.93
N ILE D 193 -23.58 8.14 -23.86
CA ILE D 193 -23.12 6.76 -23.85
C ILE D 193 -24.27 5.92 -23.30
N GLN D 194 -24.40 4.69 -23.79
CA GLN D 194 -25.43 3.81 -23.24
C GLN D 194 -25.12 2.36 -23.58
N PHE D 195 -25.52 1.47 -22.67
CA PHE D 195 -25.40 0.03 -22.86
C PHE D 195 -26.81 -0.57 -22.96
N PRO D 196 -27.30 -0.95 -24.15
CA PRO D 196 -28.67 -1.47 -24.22
C PRO D 196 -28.90 -2.73 -23.39
N ASN D 197 -27.86 -3.55 -23.22
CA ASN D 197 -27.96 -4.77 -22.43
C ASN D 197 -26.96 -4.75 -21.29
N VAL D 198 -27.43 -4.44 -20.08
CA VAL D 198 -26.57 -4.41 -18.91
C VAL D 198 -27.21 -5.29 -17.84
N SER D 199 -26.40 -6.17 -17.24
CA SER D 199 -26.89 -7.10 -16.23
C SER D 199 -26.65 -6.49 -14.85
N PRO D 200 -27.68 -6.34 -14.00
CA PRO D 200 -27.48 -5.81 -12.64
C PRO D 200 -26.99 -6.87 -11.65
N SER D 201 -25.96 -7.63 -12.05
CA SER D 201 -25.37 -8.66 -11.21
C SER D 201 -24.21 -8.02 -10.46
N GLY D 202 -24.44 -7.67 -9.19
CA GLY D 202 -23.43 -7.01 -8.40
C GLY D 202 -22.39 -7.95 -7.86
N GLU D 203 -21.11 -7.63 -8.08
CA GLU D 203 -20.04 -8.41 -7.47
C GLU D 203 -20.15 -8.36 -5.95
N PHE D 204 -20.40 -7.17 -5.41
CA PHE D 204 -20.82 -7.07 -4.01
C PHE D 204 -22.19 -7.71 -3.88
N GLU D 205 -22.47 -8.27 -2.70
CA GLU D 205 -23.75 -8.90 -2.41
C GLU D 205 -24.57 -8.12 -1.39
N MET D 206 -23.97 -7.79 -0.25
CA MET D 206 -24.66 -7.07 0.81
C MET D 206 -23.81 -5.90 1.29
N SER D 207 -22.50 -6.11 1.35
CA SER D 207 -21.56 -5.12 1.90
C SER D 207 -21.99 -4.71 3.31
N LEU D 208 -21.99 -5.69 4.21
CA LEU D 208 -22.41 -5.45 5.57
C LEU D 208 -21.43 -4.51 6.27
N GLU D 209 -21.89 -3.29 6.55
CA GLU D 209 -21.07 -2.27 7.20
C GLU D 209 -21.54 -2.15 8.64
N ASN D 210 -20.86 -1.26 9.39
CA ASN D 210 -21.28 -0.92 10.75
C ASN D 210 -21.72 0.52 10.76
N GLY D 211 -20.86 1.42 10.29
CA GLY D 211 -21.15 2.84 10.40
C GLY D 211 -22.39 3.24 9.63
N ASN D 212 -22.93 4.43 9.95
CA ASN D 212 -24.13 4.96 9.30
C ASN D 212 -23.72 5.75 8.06
N ALA D 213 -23.01 5.09 7.16
CA ALA D 213 -22.53 5.68 5.91
C ALA D 213 -23.38 5.16 4.76
N LEU D 214 -23.84 6.07 3.91
CA LEU D 214 -24.67 5.74 2.76
C LEU D 214 -23.82 5.79 1.50
N ALA D 215 -23.79 4.68 0.78
CA ALA D 215 -23.09 4.60 -0.50
C ALA D 215 -23.64 3.41 -1.28
N PRO D 216 -24.92 3.46 -1.68
CA PRO D 216 -25.53 2.30 -2.34
C PRO D 216 -25.04 2.16 -3.78
N GLU D 217 -23.92 1.48 -3.97
CA GLU D 217 -23.36 1.27 -5.29
C GLU D 217 -23.95 0.01 -5.92
N ILE D 218 -24.55 0.15 -7.10
CA ILE D 218 -25.29 -0.90 -7.77
C ILE D 218 -24.40 -1.39 -8.91
N LYS D 219 -23.72 -2.51 -8.72
CA LYS D 219 -22.75 -2.95 -9.72
C LYS D 219 -23.44 -3.77 -10.81
N PHE D 220 -23.28 -3.32 -12.05
CA PHE D 220 -23.86 -3.97 -13.22
C PHE D 220 -22.77 -4.77 -13.94
N GLU D 221 -23.11 -5.31 -15.10
CA GLU D 221 -22.11 -5.79 -16.04
C GLU D 221 -22.78 -5.99 -17.40
N ALA D 222 -22.10 -5.57 -18.46
CA ALA D 222 -22.67 -5.61 -19.80
C ALA D 222 -22.62 -7.02 -20.36
N LEU D 223 -23.74 -7.49 -20.91
CA LEU D 223 -23.84 -8.82 -21.49
C LEU D 223 -23.60 -8.77 -23.00
N ALA D 224 -23.85 -9.89 -23.67
CA ALA D 224 -23.67 -9.99 -25.11
C ALA D 224 -24.70 -10.98 -25.65
N ASP D 225 -24.65 -11.20 -26.97
CA ASP D 225 -25.54 -12.13 -27.64
C ASP D 225 -24.84 -12.70 -28.86
N THR D 226 -25.41 -13.77 -29.40
CA THR D 226 -24.87 -14.36 -30.62
C THR D 226 -25.00 -13.43 -31.81
N ASP D 227 -25.97 -12.50 -31.78
CA ASP D 227 -26.17 -11.58 -32.89
C ASP D 227 -25.22 -10.38 -32.85
N THR D 228 -24.92 -9.88 -31.66
CA THR D 228 -24.04 -8.72 -31.48
C THR D 228 -22.98 -9.07 -30.43
N ASP D 229 -21.72 -8.81 -30.78
CA ASP D 229 -20.61 -9.16 -29.89
C ASP D 229 -20.68 -8.34 -28.60
N GLU D 230 -20.84 -7.02 -28.72
CA GLU D 230 -20.95 -6.16 -27.56
C GLU D 230 -21.94 -5.04 -27.88
N MET D 231 -22.59 -4.53 -26.84
CA MET D 231 -23.82 -3.75 -27.00
C MET D 231 -23.65 -2.25 -26.85
N ALA D 232 -22.64 -1.77 -26.14
CA ALA D 232 -22.56 -0.34 -25.82
C ALA D 232 -22.51 0.50 -27.09
N VAL D 233 -22.76 1.79 -26.92
CA VAL D 233 -22.86 2.73 -28.04
C VAL D 233 -22.23 4.04 -27.63
N VAL D 234 -21.53 4.67 -28.58
CA VAL D 234 -20.95 5.99 -28.39
C VAL D 234 -21.63 6.95 -29.36
N ILE D 235 -21.85 8.19 -28.90
CA ILE D 235 -22.53 9.20 -29.70
C ILE D 235 -22.29 10.56 -29.06
N GLU D 236 -22.11 11.59 -29.88
CA GLU D 236 -21.92 12.96 -29.43
C GLU D 236 -22.83 13.88 -30.21
N ALA D 237 -23.27 14.97 -29.55
CA ALA D 237 -24.14 15.94 -30.20
C ALA D 237 -23.43 16.66 -31.34
N SER D 238 -22.12 16.88 -31.21
CA SER D 238 -21.36 17.57 -32.24
C SER D 238 -21.36 16.78 -33.54
#